data_8YDM
#
_entry.id   8YDM
#
loop_
_entity.id
_entity.type
_entity.pdbx_description
1 polymer 'Light-harvesting protein B-808/866 alpha chain'
2 polymer 'Light-harvesting protein B-808/866 beta chain'
3 polymer 'Cytochrome c-554'
4 polymer 'Reaction center protein L chain'
5 polymer 'Reaction center protein M chain'
6 polymer 'hypothetical protein chain N'
7 non-polymer 'BACTERIOCHLOROPHYLL A'
8 non-polymer gamma-Carotene
9 non-polymer 'PROTOPORPHYRIN IX CONTAINING FE'
10 non-polymer '(1R)-2-{[{[(2S)-2,3-DIHYDROXYPROPYL]OXY}(HYDROXY)PHOSPHORYL]OXY}-1-[(PALMITOYLOXY)METHYL]ETHYL (11E)-OCTADEC-11-ENOATE'
11 non-polymer '2-methyl-3-[(2E,6E,10E,14E,18E,22E,26E,30E,34E,38E)-3,7,11,15,19,23,27,31,35,39,43-undecamethyltetratetraconta-2,6,10,1 4,18,22,26,30,34,38,42-undecaen-1-yl]naphthalene-1,4-dione'
12 non-polymer 'BACTERIOPHEOPHYTIN A'
13 non-polymer 'MANGANESE (II) ION'
#
loop_
_entity_poly.entity_id
_entity_poly.type
_entity_poly.pdbx_seq_one_letter_code
_entity_poly.pdbx_strand_id
1 'polypeptide(L)' MQPRSPVRTNIVIFTILGFVVALLIHFIVLSSPEYNWLSNAEGGALLLSAARALFGI A,D,F,H,J,O,Q
2 'polypeptide(L)' MRDDDDLVPPKWRPLFNNQDWLLHDIVVKSFYGFGVIAAIAHLLVYLWKPWLP B,E,G,I,K,P,R
3 'polypeptide(L)'
;MQSSRPSDRQLAIVVSVAVGIVVAVITTATFWWVYDLTLGRAQREAAQTAGARWSPSDGIKVITSSPPVTPTDGRQNWMG
TQAWNEGVQAGQAWIQQYPNTVNVQVLIGMSSAQIWTYMQQYVSGALGVGCQYCHNINNFASDEYPQKIAARNMLRLVRD
VNAEFIVNLPNWQGNYVQCATCHNNAPNNLEGFGAQFINSVPPIKVTVDPLDANGMAILDPAQKPEAIREPVLLKDAILF
YIYNYQVWKPFDPNDPESGRGSLALTYDGGRTQDQVTINQNVMNYQAWSLGVGCTFCHNSRNFVAYELNPAGDNVLNPLY
AYNKLKAQRMLLLTTWLAENWPRYGAIAKPEIPTGSGAASRYSYQRLGDGQIYNVPGCYTCHQGNNIPLASINQANIPSG
DAGIVVLPPQIRGR
;
C
4 'polypeptide(L)'
;MSRAKAKDPRFPDFSFTVVEGARATRVPGGRTIEEIEPEYKIKGRTTFSAIFRYDPFDFWVGPFYVGFWGFVSVIGIIFG
SYFYINETILKGPYSIPQNFFAGRIDPPPPELGLGFAAPGEPGFAWQMTVLFATIAFFGWMMRQVDISMKLDMGYHVPIA
FGVAFSAWLVLQVIRPIALGMWHEGFVLGIMPHLDWVSNFGYRYNNFFYNPFHAIGITGLFASTWLLACHGSLILSAAQY
RGPEGGDIENVFFRDVQYYSVGESGVHRLGYIFAIGGILSADLCILLSGWPVQDWVSFWNFWNNLPFWSGV
;
L
5 'polypeptide(L)'
;MATINMTPGDLELGRDRGRIGKPIEIPLLENFGFDSQLGPFYLGFWNAVAYITGGIFTFIWLMVMFAQVNYNPVAFAKYF
VVLQIDPPSSRYGLSFPPLNEGGWWLIATFFLTVSIFAWYMHIYTRAKALGIKPYLAYGFTGAIALYLVIYIIRPVWMGD
WSEAPAHGIKALLDWTNNVSVRYGNFYYNPFHMLSIFFLLGSTLLLAMHAGTIWALEKYAAHEEWNEIQAPGTGTERAQL
FWRWCMGFNANAYSIHLWAFWFAWLCGITGALGVFFSMPDFVNNWFQWGIEAGINYPQGPTPPVSLP
;
M
6 'polypeptide(L)' MPSGLGEATQMIGPLTPAILCWASLILTVLGLGLTFLWTNITAYARRTRTGRKPTAGSVIKSQR N
#
loop_
_chem_comp.id
_chem_comp.type
_chem_comp.name
_chem_comp.formula
BCL non-polymer 'BACTERIOCHLOROPHYLL A' 'C55 H74 Mg N4 O6'
BPH non-polymer 'BACTERIOPHEOPHYTIN A' 'C55 H76 N4 O6'
HEM non-polymer 'PROTOPORPHYRIN IX CONTAINING FE' 'C34 H32 Fe N4 O4'
MN non-polymer 'MANGANESE (II) ION' 'Mn 2'
MQE non-polymer '2-methyl-3-[(2E,6E,10E,14E,18E,22E,26E,30E,34E,38E)-3,7,11,15,19,23,27,31,35,39,43-undecamethyltetratetraconta-2,6,10,1 4,18,22,26,30,34,38,42-undecaen-1-yl]naphthalene-1,4-dione' 'C66 H96 O2'
PGV non-polymer '(1R)-2-{[{[(2S)-2,3-DIHYDROXYPROPYL]OXY}(HYDROXY)PHOSPHORYL]OXY}-1-[(PALMITOYLOXY)METHYL]ETHYL (11E)-OCTADEC-11-ENOATE' 'C40 H77 O10 P'
U4Z non-polymer gamma-Carotene 'C40 H56'
#
# COMPACT_ATOMS: atom_id res chain seq x y z
N ARG A 4 -43.53 -8.03 8.43
CA ARG A 4 -43.75 -7.54 9.79
C ARG A 4 -43.60 -6.02 9.86
N SER A 5 -42.42 -5.60 9.35
CA SER A 5 -41.66 -4.37 9.09
C SER A 5 -40.43 -4.32 9.99
N PRO A 6 -39.44 -3.45 9.71
CA PRO A 6 -38.12 -3.59 10.36
C PRO A 6 -37.97 -2.91 11.70
N VAL A 7 -37.61 -3.69 12.71
CA VAL A 7 -37.28 -3.17 14.03
C VAL A 7 -35.94 -3.81 14.43
N ARG A 8 -35.57 -4.86 13.72
CA ARG A 8 -34.30 -5.53 13.96
C ARG A 8 -33.11 -4.71 13.49
N THR A 9 -33.23 -4.03 12.35
CA THR A 9 -32.16 -3.13 11.91
C THR A 9 -31.95 -2.00 12.90
N ASN A 10 -33.06 -1.47 13.45
CA ASN A 10 -32.96 -0.37 14.40
C ASN A 10 -32.21 -0.78 15.65
N ILE A 11 -32.44 -2.00 16.14
CA ILE A 11 -31.77 -2.47 17.35
C ILE A 11 -30.27 -2.54 17.15
N VAL A 12 -29.79 -3.08 16.04
CA VAL A 12 -28.36 -3.17 15.79
C VAL A 12 -27.75 -1.81 15.51
N ILE A 13 -28.45 -0.95 14.76
CA ILE A 13 -27.92 0.38 14.46
C ILE A 13 -27.81 1.21 15.73
N PHE A 14 -28.79 1.12 16.61
CA PHE A 14 -28.76 1.88 17.85
C PHE A 14 -27.63 1.44 18.75
N THR A 15 -27.40 0.13 18.85
CA THR A 15 -26.28 -0.37 19.65
C THR A 15 -24.94 0.09 19.08
N ILE A 16 -24.80 0.00 17.75
CA ILE A 16 -23.55 0.43 17.12
C ILE A 16 -23.32 1.91 17.35
N LEU A 17 -24.37 2.73 17.18
CA LEU A 17 -24.24 4.17 17.39
C LEU A 17 -23.88 4.50 18.83
N GLY A 18 -24.56 3.85 19.79
CA GLY A 18 -24.25 4.11 21.19
C GLY A 18 -22.81 3.75 21.54
N PHE A 19 -22.36 2.58 21.06
CA PHE A 19 -20.99 2.15 21.32
C PHE A 19 -19.99 3.14 20.72
N VAL A 20 -20.21 3.53 19.46
CA VAL A 20 -19.27 4.42 18.78
C VAL A 20 -19.22 5.79 19.47
N VAL A 21 -20.40 6.33 19.81
CA VAL A 21 -20.44 7.64 20.45
C VAL A 21 -19.78 7.59 21.82
N ALA A 22 -20.03 6.52 22.58
CA ALA A 22 -19.40 6.40 23.90
C ALA A 22 -17.89 6.31 23.77
N LEU A 23 -17.39 5.53 22.82
CA LEU A 23 -15.95 5.42 22.63
C LEU A 23 -15.34 6.76 22.24
N LEU A 24 -15.96 7.46 21.29
CA LEU A 24 -15.43 8.74 20.85
C LEU A 24 -15.45 9.77 21.98
N ILE A 25 -16.54 9.80 22.76
CA ILE A 25 -16.65 10.76 23.85
C ILE A 25 -15.64 10.47 24.94
N HIS A 26 -15.32 9.21 25.14
CA HIS A 26 -14.32 8.87 26.12
C HIS A 26 -12.99 9.34 25.63
N PHE A 27 -12.72 9.10 24.39
CA PHE A 27 -11.45 9.56 23.84
C PHE A 27 -11.31 11.07 23.98
N ILE A 28 -12.38 11.81 23.68
CA ILE A 28 -12.35 13.28 23.77
C ILE A 28 -12.11 13.72 25.21
N VAL A 29 -12.78 13.08 26.17
CA VAL A 29 -12.58 13.41 27.57
C VAL A 29 -11.14 13.08 28.01
N LEU A 30 -10.62 11.94 27.58
CA LEU A 30 -9.27 11.51 27.93
C LEU A 30 -8.20 12.44 27.35
N SER A 31 -8.45 13.03 26.18
CA SER A 31 -7.49 13.92 25.55
C SER A 31 -7.37 15.27 26.23
N SER A 32 -8.25 15.59 27.18
CA SER A 32 -8.25 16.89 27.83
C SER A 32 -7.25 16.92 28.98
N PRO A 33 -6.45 17.99 29.07
CA PRO A 33 -5.45 18.08 30.14
C PRO A 33 -6.02 17.98 31.54
N GLU A 34 -7.17 18.62 31.79
CA GLU A 34 -7.73 18.62 33.13
C GLU A 34 -8.36 17.28 33.47
N TYR A 35 -9.06 16.67 32.52
CA TYR A 35 -9.81 15.45 32.82
C TYR A 35 -8.98 14.21 32.61
N ASN A 36 -7.74 14.35 32.13
CA ASN A 36 -6.82 13.22 32.00
C ASN A 36 -6.57 12.58 33.36
N TRP A 37 -7.02 11.34 33.51
CA TRP A 37 -6.93 10.66 34.79
C TRP A 37 -5.81 9.61 34.85
N LEU A 38 -5.33 9.14 33.72
CA LEU A 38 -4.29 8.12 33.66
C LEU A 38 -2.96 8.72 33.25
N SER A 39 -2.82 10.04 33.41
CA SER A 39 -1.56 10.72 33.16
C SER A 39 -1.19 11.75 34.23
N ASN A 40 -2.08 12.10 35.14
CA ASN A 40 -1.79 13.11 36.14
C ASN A 40 -0.74 12.61 37.13
N ALA A 41 0.17 13.51 37.52
CA ALA A 41 1.24 13.17 38.44
C ALA A 41 0.97 13.73 39.84
N GLU A 42 0.70 15.03 39.92
CA GLU A 42 0.43 15.67 41.20
C GLU A 42 -0.76 16.63 41.08
N PRO B 10 -49.05 -13.36 19.87
CA PRO B 10 -50.05 -13.01 20.87
C PRO B 10 -49.92 -11.58 21.40
N LYS B 11 -50.24 -10.60 20.55
CA LYS B 11 -50.18 -9.19 20.94
C LYS B 11 -50.96 -8.39 19.90
N TRP B 12 -51.81 -7.48 20.35
CA TRP B 12 -52.59 -6.71 19.42
C TRP B 12 -51.69 -5.68 18.82
N ARG B 13 -50.59 -6.14 18.23
CA ARG B 13 -49.64 -5.24 17.61
C ARG B 13 -49.04 -5.80 16.32
N PRO B 14 -49.81 -5.77 15.23
CA PRO B 14 -49.36 -6.27 13.93
C PRO B 14 -48.17 -5.47 13.41
N LEU B 15 -46.99 -5.70 13.97
CA LEU B 15 -45.80 -5.00 13.57
C LEU B 15 -44.78 -5.94 14.16
N PHE B 16 -44.98 -6.34 15.43
CA PHE B 16 -44.15 -7.35 16.05
C PHE B 16 -44.89 -8.67 16.07
N ASN B 17 -44.30 -9.64 16.76
CA ASN B 17 -44.99 -10.87 17.12
C ASN B 17 -44.38 -11.34 18.43
N ASN B 18 -45.07 -12.25 19.11
CA ASN B 18 -44.54 -12.71 20.38
C ASN B 18 -43.32 -13.57 20.10
N GLN B 19 -42.15 -12.92 20.08
CA GLN B 19 -40.90 -13.47 19.59
C GLN B 19 -39.91 -12.34 19.39
N ASP B 20 -40.29 -11.50 18.45
CA ASP B 20 -39.61 -10.27 18.09
C ASP B 20 -40.15 -9.13 18.95
N TRP B 21 -41.08 -9.43 19.83
CA TRP B 21 -41.54 -8.47 20.81
C TRP B 21 -41.04 -8.98 22.16
N LEU B 22 -39.91 -9.67 22.13
CA LEU B 22 -39.24 -10.20 23.28
C LEU B 22 -37.87 -9.62 23.08
N LEU B 23 -37.30 -9.86 21.91
CA LEU B 23 -36.02 -9.35 21.47
C LEU B 23 -36.04 -7.88 21.73
N HIS B 24 -37.00 -7.17 21.16
CA HIS B 24 -37.22 -5.74 21.34
C HIS B 24 -37.18 -5.41 22.79
N ASP B 25 -37.97 -6.08 23.60
CA ASP B 25 -38.00 -5.85 25.04
C ASP B 25 -36.69 -5.99 25.81
N ILE B 26 -35.75 -6.78 25.29
CA ILE B 26 -34.42 -6.93 25.85
C ILE B 26 -33.78 -5.55 25.72
N VAL B 27 -33.91 -4.93 24.57
CA VAL B 27 -33.38 -3.62 24.37
C VAL B 27 -34.11 -2.61 25.21
N VAL B 28 -35.40 -2.75 25.48
CA VAL B 28 -36.08 -1.74 26.26
C VAL B 28 -35.78 -1.71 27.72
N LYS B 29 -35.18 -2.75 28.26
CA LYS B 29 -34.85 -2.69 29.67
C LYS B 29 -33.57 -1.91 29.69
N SER B 30 -32.49 -2.63 29.31
CA SER B 30 -31.10 -2.22 29.22
C SER B 30 -30.97 -0.71 29.22
N PHE B 31 -31.89 -0.04 28.54
CA PHE B 31 -31.89 1.41 28.48
C PHE B 31 -32.22 2.02 29.84
N TYR B 32 -33.13 1.39 30.57
CA TYR B 32 -33.50 1.90 31.89
C TYR B 32 -32.34 1.77 32.88
N GLY B 33 -31.64 0.64 32.86
CA GLY B 33 -30.42 0.54 33.66
C GLY B 33 -29.32 1.48 33.20
N PHE B 34 -29.17 1.61 31.88
CA PHE B 34 -28.26 2.57 31.29
C PHE B 34 -28.46 3.97 31.84
N GLY B 35 -29.71 4.43 31.88
CA GLY B 35 -29.97 5.78 32.36
C GLY B 35 -29.57 5.99 33.80
N VAL B 36 -29.93 5.04 34.67
CA VAL B 36 -29.62 5.20 36.09
C VAL B 36 -28.12 5.20 36.31
N ILE B 37 -27.40 4.22 35.75
CA ILE B 37 -25.97 4.13 36.01
C ILE B 37 -25.24 5.31 35.37
N ALA B 38 -25.70 5.75 34.18
CA ALA B 38 -25.08 6.91 33.52
C ALA B 38 -25.31 8.19 34.28
N ALA B 39 -26.52 8.40 34.82
CA ALA B 39 -26.80 9.57 35.62
C ALA B 39 -25.94 9.58 36.89
N ILE B 40 -25.80 8.42 37.54
CA ILE B 40 -24.94 8.33 38.71
C ILE B 40 -23.50 8.67 38.35
N ALA B 41 -23.01 8.14 37.23
CA ALA B 41 -21.63 8.42 36.82
C ALA B 41 -21.42 9.90 36.52
N HIS B 42 -22.32 10.50 35.75
CA HIS B 42 -22.19 11.93 35.44
C HIS B 42 -22.25 12.78 36.71
N LEU B 43 -23.17 12.46 37.63
CA LEU B 43 -23.25 13.20 38.87
C LEU B 43 -21.98 13.10 39.67
N LEU B 44 -21.43 11.88 39.80
CA LEU B 44 -20.18 11.69 40.53
C LEU B 44 -19.04 12.47 39.90
N VAL B 45 -18.94 12.44 38.57
CA VAL B 45 -17.85 13.13 37.89
C VAL B 45 -17.97 14.64 38.05
N TYR B 46 -19.16 15.19 37.83
CA TYR B 46 -19.36 16.63 37.85
C TYR B 46 -19.47 17.17 39.28
N LEU B 47 -19.49 16.28 40.27
CA LEU B 47 -19.49 16.69 41.66
C LEU B 47 -18.06 16.89 42.14
N TRP B 48 -17.07 16.62 41.28
CA TRP B 48 -15.68 16.69 41.69
C TRP B 48 -14.91 17.72 40.86
N LYS B 49 -15.38 17.99 39.64
CA LYS B 49 -14.85 19.11 38.86
C LYS B 49 -15.95 19.65 37.95
N PRO B 50 -16.82 20.51 38.47
CA PRO B 50 -18.03 20.91 37.73
C PRO B 50 -17.76 21.87 36.57
N TRP B 51 -18.85 22.37 35.97
CA TRP B 51 -18.78 23.32 34.88
C TRP B 51 -19.63 24.54 35.22
N LEU B 52 -19.85 25.43 34.26
CA LEU B 52 -20.71 26.61 34.43
C LEU B 52 -22.01 26.29 35.17
N SER C 7 -51.58 4.31 1.60
CA SER C 7 -50.89 4.52 2.87
C SER C 7 -51.13 3.37 3.82
N ASP C 8 -50.57 2.21 3.48
CA ASP C 8 -50.72 1.02 4.31
C ASP C 8 -49.72 1.05 5.46
N ARG C 9 -49.54 -0.12 6.10
CA ARG C 9 -48.68 -0.22 7.27
C ARG C 9 -47.20 -0.02 6.94
N GLN C 10 -46.86 0.06 5.65
CA GLN C 10 -45.48 0.31 5.24
C GLN C 10 -45.00 1.70 5.63
N LEU C 11 -45.83 2.46 6.34
CA LEU C 11 -45.43 3.75 6.89
C LEU C 11 -44.37 3.54 7.97
N ALA C 12 -44.21 2.30 8.42
CA ALA C 12 -43.27 1.99 9.48
C ALA C 12 -41.84 2.33 9.07
N ILE C 13 -41.47 2.04 7.83
CA ILE C 13 -40.11 2.31 7.38
C ILE C 13 -39.81 3.81 7.37
N VAL C 14 -40.74 4.64 6.91
CA VAL C 14 -40.55 6.09 6.92
C VAL C 14 -40.56 6.65 8.32
N VAL C 15 -41.36 6.09 9.23
CA VAL C 15 -41.27 6.48 10.63
C VAL C 15 -39.89 6.16 11.18
N SER C 16 -39.36 4.98 10.82
CA SER C 16 -38.03 4.57 11.24
C SER C 16 -36.97 5.52 10.69
N VAL C 17 -37.11 5.92 9.42
CA VAL C 17 -36.15 6.82 8.81
C VAL C 17 -36.17 8.18 9.53
N ALA C 18 -37.38 8.70 9.78
CA ALA C 18 -37.49 9.98 10.49
C ALA C 18 -36.88 9.90 11.88
N VAL C 19 -37.16 8.81 12.59
CA VAL C 19 -36.60 8.60 13.93
C VAL C 19 -35.08 8.50 13.91
N GLY C 20 -34.51 7.76 12.97
CA GLY C 20 -33.08 7.64 12.83
C GLY C 20 -32.38 8.90 12.39
N ILE C 21 -33.06 9.76 11.64
CA ILE C 21 -32.55 11.09 11.30
C ILE C 21 -32.56 12.01 12.52
N VAL C 22 -33.66 11.98 13.28
CA VAL C 22 -33.76 12.80 14.49
C VAL C 22 -32.71 12.38 15.51
N VAL C 23 -32.53 11.06 15.69
CA VAL C 23 -31.54 10.58 16.65
C VAL C 23 -30.13 10.94 16.21
N ALA C 24 -29.87 10.89 14.90
CA ALA C 24 -28.57 11.33 14.38
C ALA C 24 -28.33 12.81 14.63
N VAL C 25 -29.33 13.65 14.39
CA VAL C 25 -29.20 15.09 14.61
C VAL C 25 -28.91 15.37 16.08
N ILE C 26 -29.70 14.75 16.97
CA ILE C 26 -29.55 15.05 18.39
C ILE C 26 -28.23 14.52 18.92
N THR C 27 -27.80 13.34 18.45
CA THR C 27 -26.54 12.78 18.93
C THR C 27 -25.34 13.57 18.40
N THR C 28 -25.40 14.07 17.16
CA THR C 28 -24.31 14.89 16.66
C THR C 28 -24.25 16.22 17.39
N ALA C 29 -25.41 16.83 17.64
CA ALA C 29 -25.44 18.09 18.38
C ALA C 29 -24.90 17.91 19.79
N THR C 30 -25.29 16.83 20.46
CA THR C 30 -24.79 16.58 21.81
C THR C 30 -23.30 16.26 21.81
N PHE C 31 -22.81 15.54 20.80
CA PHE C 31 -21.39 15.28 20.70
C PHE C 31 -20.60 16.58 20.54
N TRP C 32 -21.09 17.50 19.71
CA TRP C 32 -20.38 18.76 19.55
C TRP C 32 -20.51 19.64 20.80
N TRP C 33 -21.63 19.53 21.52
CA TRP C 33 -21.73 20.22 22.81
C TRP C 33 -20.70 19.69 23.81
N VAL C 34 -20.52 18.37 23.88
CA VAL C 34 -19.50 17.79 24.74
C VAL C 34 -18.10 18.23 24.30
N TYR C 35 -17.85 18.25 22.99
CA TYR C 35 -16.55 18.71 22.49
C TYR C 35 -16.28 20.16 22.89
N ASP C 36 -17.28 21.04 22.75
CA ASP C 36 -17.13 22.42 23.17
C ASP C 36 -16.84 22.48 24.68
N LEU C 37 -17.58 21.68 25.46
CA LEU C 37 -17.43 21.68 26.91
C LEU C 37 -16.12 21.10 27.48
N THR C 38 -15.46 20.23 26.73
CA THR C 38 -14.24 19.61 27.23
C THR C 38 -13.02 19.91 26.36
N LEU C 39 -13.05 19.55 25.08
CA LEU C 39 -11.85 19.71 24.26
C LEU C 39 -11.81 21.02 23.50
N GLY C 40 -12.94 21.50 23.00
CA GLY C 40 -12.95 22.80 22.35
C GLY C 40 -12.45 23.91 23.25
N ARG C 41 -12.83 23.86 24.53
CA ARG C 41 -12.30 24.82 25.50
C ARG C 41 -10.81 24.61 25.74
N ALA C 42 -10.39 23.36 26.01
CA ALA C 42 -8.99 23.07 26.30
C ALA C 42 -8.10 23.33 25.09
N GLN C 43 -8.62 23.09 23.89
CA GLN C 43 -7.83 23.32 22.68
C GLN C 43 -7.58 24.80 22.45
N ARG C 44 -8.56 25.65 22.80
CA ARG C 44 -8.44 27.07 22.47
C ARG C 44 -7.47 27.81 23.39
N GLU C 45 -7.43 27.46 24.68
CA GLU C 45 -6.40 28.02 25.55
C GLU C 45 -5.00 27.56 25.10
N ALA C 46 -4.86 26.30 24.72
CA ALA C 46 -3.57 25.81 24.26
C ALA C 46 -3.17 26.46 22.93
N ALA C 47 -4.15 26.68 22.05
CA ALA C 47 -3.86 27.31 20.77
C ALA C 47 -3.40 28.74 20.95
N GLN C 48 -3.92 29.44 21.96
CA GLN C 48 -3.52 30.81 22.19
C GLN C 48 -2.04 30.89 22.55
N THR C 49 -1.54 29.92 23.31
CA THR C 49 -0.13 29.91 23.66
C THR C 49 0.76 29.80 22.42
N ALA C 50 0.39 28.94 21.48
CA ALA C 50 1.11 28.87 20.22
C ALA C 50 0.85 30.12 19.39
N GLY C 51 1.85 30.53 18.63
CA GLY C 51 1.76 31.72 17.81
C GLY C 51 2.14 33.00 18.50
N ALA C 52 2.37 32.96 19.82
CA ALA C 52 2.81 34.15 20.54
C ALA C 52 4.33 34.28 20.45
N ARG C 53 4.79 35.53 20.46
CA ARG C 53 6.22 35.80 20.35
C ARG C 53 6.93 35.37 21.62
N TRP C 54 8.26 35.30 21.54
CA TRP C 54 9.09 34.89 22.66
C TRP C 54 9.48 36.11 23.47
N SER C 55 9.26 36.04 24.78
CA SER C 55 9.52 37.16 25.67
C SER C 55 10.67 36.81 26.61
N PRO C 56 11.43 37.81 27.05
CA PRO C 56 12.56 37.55 27.96
C PRO C 56 12.15 36.90 29.27
N SER C 57 10.90 37.08 29.67
CA SER C 57 10.38 36.42 30.87
C SER C 57 10.32 34.90 30.72
N ASP C 58 10.18 34.40 29.48
CA ASP C 58 10.13 32.95 29.26
C ASP C 58 11.40 32.28 29.74
N GLY C 59 12.56 32.87 29.42
CA GLY C 59 13.82 32.32 29.91
C GLY C 59 14.10 32.58 31.37
N ILE C 60 13.62 33.72 31.90
CA ILE C 60 13.80 33.98 33.32
C ILE C 60 13.03 32.96 34.14
N LYS C 61 11.85 32.55 33.66
CA LYS C 61 11.07 31.55 34.37
C LYS C 61 11.81 30.22 34.46
N VAL C 62 12.38 29.76 33.35
CA VAL C 62 13.09 28.49 33.39
C VAL C 62 14.40 28.62 34.16
N ILE C 63 15.00 29.81 34.18
CA ILE C 63 16.18 30.04 34.99
C ILE C 63 15.84 29.92 36.47
N THR C 64 14.76 30.55 36.91
CA THR C 64 14.41 30.60 38.32
C THR C 64 13.64 29.38 38.80
N SER C 65 13.17 28.53 37.89
CA SER C 65 12.38 27.36 38.28
C SER C 65 13.08 26.08 37.87
N SER C 66 14.39 26.01 38.10
CA SER C 66 15.19 24.85 37.74
C SER C 66 16.06 24.46 38.92
N PRO C 67 16.40 23.18 39.04
CA PRO C 67 17.25 22.74 40.14
C PRO C 67 18.65 23.33 40.01
N PRO C 68 19.24 23.75 41.13
CA PRO C 68 20.66 24.15 41.10
C PRO C 68 21.55 23.01 40.62
N VAL C 69 22.59 23.37 39.88
CA VAL C 69 23.53 22.40 39.34
C VAL C 69 24.91 22.71 39.88
N THR C 70 25.76 21.69 39.91
CA THR C 70 27.13 21.82 40.40
C THR C 70 28.13 21.69 39.26
N PRO C 71 28.72 22.79 38.80
CA PRO C 71 29.69 22.70 37.71
C PRO C 71 30.95 21.98 38.13
N THR C 72 31.58 21.32 37.17
CA THR C 72 32.84 20.63 37.41
C THR C 72 34.05 21.37 36.85
N ASP C 73 33.83 22.45 36.10
CA ASP C 73 34.90 23.19 35.45
C ASP C 73 35.25 24.48 36.18
N GLY C 74 34.84 24.61 37.44
CA GLY C 74 35.20 25.77 38.24
C GLY C 74 34.32 26.97 38.01
N ARG C 75 33.00 26.79 38.09
CA ARG C 75 32.04 27.87 38.01
C ARG C 75 30.98 27.68 39.08
N GLN C 76 30.36 28.79 39.49
CA GLN C 76 29.29 28.74 40.47
C GLN C 76 28.00 28.27 39.82
N ASN C 77 27.05 27.86 40.66
CA ASN C 77 25.75 27.42 40.16
C ASN C 77 25.05 28.56 39.44
N TRP C 78 24.69 28.32 38.18
CA TRP C 78 24.10 29.36 37.34
C TRP C 78 22.60 29.18 37.13
N MET C 79 21.97 28.21 37.79
CA MET C 79 20.55 27.94 37.63
C MET C 79 19.88 27.94 38.99
N GLY C 80 18.77 28.68 39.09
CA GLY C 80 18.07 28.82 40.35
C GLY C 80 17.78 30.27 40.68
N THR C 81 16.76 30.50 41.52
CA THR C 81 16.36 31.87 41.84
C THR C 81 17.43 32.62 42.64
N GLN C 82 18.11 31.92 43.56
CA GLN C 82 19.15 32.58 44.36
C GLN C 82 20.30 33.05 43.49
N ALA C 83 20.76 32.19 42.57
CA ALA C 83 21.86 32.55 41.69
C ALA C 83 21.49 33.73 40.81
N TRP C 84 20.28 33.73 40.26
CA TRP C 84 19.80 34.85 39.47
C TRP C 84 19.78 36.13 40.30
N ASN C 85 19.31 36.04 41.54
CA ASN C 85 19.26 37.21 42.41
C ASN C 85 20.66 37.79 42.65
N GLU C 86 21.62 36.94 43.02
CA GLU C 86 22.96 37.47 43.30
C GLU C 86 23.65 37.94 42.03
N GLY C 87 23.39 37.31 40.88
CA GLY C 87 23.95 37.80 39.65
C GLY C 87 23.45 39.19 39.31
N VAL C 88 22.15 39.41 39.48
CA VAL C 88 21.59 40.75 39.24
C VAL C 88 22.17 41.76 40.23
N GLN C 89 22.30 41.38 41.50
CA GLN C 89 22.87 42.28 42.49
C GLN C 89 24.32 42.64 42.18
N ALA C 90 25.12 41.64 41.77
CA ALA C 90 26.49 41.91 41.37
C ALA C 90 26.58 42.76 40.11
N GLY C 91 25.66 42.58 39.17
CA GLY C 91 25.61 43.48 38.03
C GLY C 91 25.32 44.91 38.45
N GLN C 92 24.41 45.07 39.40
CA GLN C 92 24.14 46.40 39.95
C GLN C 92 25.40 47.00 40.58
N ALA C 93 26.11 46.20 41.37
CA ALA C 93 27.33 46.69 42.00
C ALA C 93 28.37 47.09 40.98
N TRP C 94 28.52 46.27 39.93
CA TRP C 94 29.53 46.55 38.90
C TRP C 94 29.18 47.80 38.10
N ILE C 95 27.92 47.95 37.70
CA ILE C 95 27.53 49.15 36.96
C ILE C 95 27.59 50.37 37.86
N GLN C 96 27.47 50.19 39.18
CA GLN C 96 27.74 51.29 40.09
C GLN C 96 29.22 51.67 40.09
N GLN C 97 30.09 50.67 40.13
CA GLN C 97 31.53 50.91 40.12
C GLN C 97 31.98 51.55 38.81
N TYR C 98 31.83 50.82 37.70
CA TYR C 98 32.29 51.30 36.40
C TYR C 98 31.08 51.61 35.52
N PRO C 99 30.76 52.89 35.31
CA PRO C 99 29.73 53.24 34.31
C PRO C 99 30.19 53.12 32.86
N ASN C 100 31.49 52.98 32.62
CA ASN C 100 32.04 52.80 31.28
C ASN C 100 32.68 51.42 31.20
N THR C 101 32.31 50.66 30.16
CA THR C 101 32.82 49.31 29.97
C THR C 101 34.32 49.34 29.68
N VAL C 102 35.00 48.22 29.92
CA VAL C 102 36.47 48.21 29.85
C VAL C 102 36.99 47.06 29.00
N ASN C 103 36.12 46.09 28.67
CA ASN C 103 36.57 44.94 27.90
C ASN C 103 35.71 44.62 26.68
N VAL C 104 34.68 45.42 26.39
CA VAL C 104 33.82 45.14 25.24
C VAL C 104 34.62 45.29 23.96
N GLN C 105 34.46 44.35 23.04
CA GLN C 105 35.07 44.44 21.72
C GLN C 105 34.06 44.40 20.59
N VAL C 106 32.87 43.85 20.82
CA VAL C 106 31.81 43.84 19.81
C VAL C 106 30.78 44.92 20.07
N LEU C 107 30.36 45.08 21.32
CA LEU C 107 29.35 46.08 21.69
C LEU C 107 29.99 47.41 22.07
N ILE C 108 30.77 47.97 21.14
CA ILE C 108 31.45 49.23 21.37
C ILE C 108 30.43 50.37 21.36
N GLY C 109 30.57 51.29 22.31
CA GLY C 109 29.68 52.44 22.37
C GLY C 109 28.49 52.30 23.27
N MET C 110 28.49 51.32 24.17
CA MET C 110 27.40 51.13 25.12
C MET C 110 27.83 51.52 26.53
N SER C 111 26.91 52.13 27.25
CA SER C 111 27.11 52.39 28.67
C SER C 111 26.93 51.10 29.47
N SER C 112 27.51 51.08 30.66
CA SER C 112 27.44 49.88 31.49
C SER C 112 26.04 49.54 31.94
N ALA C 113 25.15 50.54 32.08
CA ALA C 113 23.77 50.25 32.47
C ALA C 113 22.98 49.58 31.36
N GLN C 114 23.12 50.06 30.12
CA GLN C 114 22.48 49.39 29.00
C GLN C 114 23.02 48.00 28.78
N ILE C 115 24.32 47.79 29.01
CA ILE C 115 24.89 46.45 28.89
C ILE C 115 24.25 45.52 29.91
N TRP C 116 24.13 45.96 31.16
CA TRP C 116 23.48 45.17 32.20
C TRP C 116 22.05 44.82 31.81
N THR C 117 21.28 45.84 31.40
CA THR C 117 19.87 45.64 31.10
C THR C 117 19.68 44.72 29.89
N TYR C 118 20.48 44.93 28.83
CA TYR C 118 20.37 44.08 27.65
C TYR C 118 20.79 42.66 27.94
N MET C 119 21.76 42.46 28.78
CA MET C 119 22.23 41.14 29.04
C MET C 119 21.42 40.31 29.95
N GLN C 120 20.93 40.90 30.96
CA GLN C 120 20.09 40.16 31.87
C GLN C 120 18.77 39.74 31.26
N GLN C 121 18.32 40.40 30.19
CA GLN C 121 17.12 39.98 29.48
C GLN C 121 17.47 39.07 28.31
N TYR C 122 18.15 39.61 27.30
CA TYR C 122 18.23 38.94 26.01
C TYR C 122 19.46 38.06 25.83
N VAL C 123 20.30 37.92 26.85
CA VAL C 123 21.36 36.91 26.80
C VAL C 123 21.12 35.86 27.87
N SER C 124 20.42 36.23 28.93
CA SER C 124 20.06 35.28 29.97
C SER C 124 18.81 34.48 29.62
N GLY C 125 17.69 35.13 29.30
CA GLY C 125 16.50 34.39 28.94
C GLY C 125 16.66 33.65 27.62
N ALA C 126 17.47 34.20 26.72
CA ALA C 126 17.69 33.61 25.41
C ALA C 126 18.32 32.23 25.52
N LEU C 127 19.31 32.08 26.42
CA LEU C 127 19.96 30.78 26.57
C LEU C 127 19.43 30.05 27.80
N GLY C 128 18.70 30.74 28.67
CA GLY C 128 18.17 30.12 29.86
C GLY C 128 19.23 29.75 30.87
N VAL C 129 20.26 30.59 30.99
CA VAL C 129 21.33 30.39 31.96
C VAL C 129 21.56 31.69 32.71
N GLY C 130 22.04 31.59 33.95
CA GLY C 130 22.28 32.74 34.77
C GLY C 130 23.58 33.44 34.41
N CYS C 131 23.97 34.35 35.31
CA CYS C 131 25.18 35.14 35.10
C CYS C 131 26.43 34.26 35.13
N GLN C 132 26.39 33.16 35.86
CA GLN C 132 27.58 32.39 36.20
C GLN C 132 28.08 31.51 35.06
N TYR C 133 27.32 31.40 33.97
CA TYR C 133 27.74 30.51 32.88
C TYR C 133 29.04 31.00 32.25
N CYS C 134 29.11 32.28 31.88
CA CYS C 134 30.26 32.81 31.18
C CYS C 134 31.02 33.85 31.99
N HIS C 135 30.39 34.47 32.98
CA HIS C 135 30.99 35.55 33.74
C HIS C 135 31.60 35.02 35.04
N ASN C 136 32.46 35.82 35.66
CA ASN C 136 32.84 35.63 37.04
C ASN C 136 32.18 36.76 37.81
N ILE C 137 31.40 36.42 38.84
CA ILE C 137 30.57 37.39 39.53
C ILE C 137 31.39 38.55 40.09
N ASN C 138 32.56 38.27 40.67
CA ASN C 138 33.37 39.32 41.27
C ASN C 138 33.99 40.26 40.25
N ASN C 139 34.47 39.74 39.12
CA ASN C 139 35.10 40.57 38.10
C ASN C 139 34.42 40.25 36.77
N PHE C 140 33.54 41.15 36.34
CA PHE C 140 32.69 40.89 35.19
C PHE C 140 33.46 40.93 33.88
N ALA C 141 34.31 41.93 33.69
CA ALA C 141 34.96 42.16 32.41
C ALA C 141 35.95 41.07 32.02
N SER C 142 36.47 40.30 32.97
CA SER C 142 37.50 39.31 32.68
C SER C 142 36.90 38.11 31.96
N ASP C 143 37.58 37.68 30.91
CA ASP C 143 37.22 36.48 30.17
C ASP C 143 38.05 35.31 30.72
N GLU C 144 37.41 34.46 31.51
CA GLU C 144 38.08 33.36 32.17
C GLU C 144 37.68 32.00 31.59
N TYR C 145 36.46 31.89 31.08
CA TYR C 145 35.98 30.63 30.54
C TYR C 145 35.81 30.72 29.03
N PRO C 146 35.97 29.60 28.32
CA PRO C 146 35.78 29.62 26.87
C PRO C 146 34.36 29.96 26.44
N GLN C 147 33.38 29.83 27.34
CA GLN C 147 32.01 30.19 26.99
C GLN C 147 31.88 31.66 26.65
N LYS C 148 32.62 32.54 27.34
CA LYS C 148 32.57 33.96 27.02
C LYS C 148 33.19 34.27 25.67
N ILE C 149 34.29 33.59 25.31
CA ILE C 149 34.86 33.75 23.98
C ILE C 149 33.88 33.29 22.92
N ALA C 150 33.23 32.14 23.17
CA ALA C 150 32.21 31.66 22.25
C ALA C 150 31.06 32.66 22.12
N ALA C 151 30.64 33.26 23.22
CA ALA C 151 29.55 34.25 23.17
C ALA C 151 29.98 35.50 22.40
N ARG C 152 31.24 35.90 22.54
CA ARG C 152 31.75 37.04 21.76
C ARG C 152 31.69 36.74 20.26
N ASN C 153 32.27 35.61 19.86
CA ASN C 153 32.25 35.25 18.45
C ASN C 153 30.83 35.04 17.94
N MET C 154 29.93 34.58 18.80
CA MET C 154 28.58 34.29 18.36
C MET C 154 27.73 35.56 18.30
N LEU C 155 28.09 36.57 19.09
CA LEU C 155 27.58 37.93 18.89
C LEU C 155 28.04 38.49 17.56
N ARG C 156 29.30 38.24 17.18
CA ARG C 156 29.75 38.62 15.85
C ARG C 156 28.94 37.91 14.77
N LEU C 157 28.60 36.64 14.99
CA LEU C 157 27.82 35.88 14.02
C LEU C 157 26.45 36.52 13.79
N VAL C 158 25.83 37.06 14.84
CA VAL C 158 24.53 37.68 14.67
C VAL C 158 24.61 38.86 13.71
N ARG C 159 25.60 39.74 13.91
CA ARG C 159 25.80 40.87 13.00
C ARG C 159 26.06 40.39 11.58
N ASP C 160 26.98 39.43 11.42
CA ASP C 160 27.32 38.97 10.07
C ASP C 160 26.13 38.36 9.37
N VAL C 161 25.40 37.47 10.05
CA VAL C 161 24.27 36.79 9.45
C VAL C 161 23.17 37.77 9.10
N ASN C 162 22.83 38.68 10.02
CA ASN C 162 21.81 39.67 9.73
C ASN C 162 22.17 40.50 8.50
N ALA C 163 23.37 41.11 8.52
CA ALA C 163 23.74 42.02 7.45
C ALA C 163 23.95 41.31 6.11
N GLU C 164 24.27 40.01 6.14
CA GLU C 164 24.57 39.32 4.89
C GLU C 164 23.37 38.61 4.31
N PHE C 165 22.40 38.19 5.12
CA PHE C 165 21.30 37.40 4.58
C PHE C 165 19.92 37.94 4.94
N ILE C 166 19.74 38.49 6.14
CA ILE C 166 18.39 38.67 6.65
C ILE C 166 17.82 40.01 6.23
N VAL C 167 18.59 41.09 6.36
CA VAL C 167 18.12 42.42 6.00
C VAL C 167 18.08 42.56 4.48
N ASN C 168 18.60 41.56 3.77
CA ASN C 168 18.68 41.59 2.30
C ASN C 168 17.46 40.94 1.67
N LEU C 169 16.75 40.12 2.43
CA LEU C 169 15.63 39.32 1.95
C LEU C 169 14.56 40.16 1.28
N PRO C 170 14.10 39.77 0.09
CA PRO C 170 12.92 40.42 -0.51
C PRO C 170 11.69 40.21 0.35
N ASN C 171 10.87 41.24 0.50
CA ASN C 171 9.68 41.17 1.35
C ASN C 171 10.08 40.78 2.76
N TRP C 172 10.91 41.60 3.40
CA TRP C 172 11.64 41.23 4.61
C TRP C 172 10.77 41.05 5.84
N GLN C 173 9.63 41.73 5.87
CA GLN C 173 8.66 41.74 6.98
C GLN C 173 9.16 42.47 8.23
N GLY C 174 10.48 42.53 8.45
CA GLY C 174 10.95 43.28 9.60
C GLY C 174 11.64 42.50 10.70
N ASN C 175 11.78 41.18 10.55
CA ASN C 175 12.25 40.33 11.64
C ASN C 175 13.77 40.23 11.65
N TYR C 176 14.37 40.46 12.82
CA TYR C 176 15.79 40.27 13.06
C TYR C 176 16.03 38.94 13.76
N VAL C 177 17.30 38.54 13.83
CA VAL C 177 17.71 37.35 14.56
C VAL C 177 18.43 37.80 15.82
N GLN C 178 17.90 37.41 16.97
CA GLN C 178 18.51 37.68 18.26
C GLN C 178 19.15 36.40 18.80
N CYS C 179 19.59 36.43 20.04
CA CYS C 179 20.24 35.28 20.67
C CYS C 179 19.30 34.11 20.93
N ALA C 180 18.01 34.41 21.08
CA ALA C 180 17.01 33.38 21.34
C ALA C 180 16.48 32.70 20.09
N THR C 181 16.76 33.25 18.91
CA THR C 181 16.20 32.69 17.68
C THR C 181 16.68 31.26 17.46
N CYS C 182 17.95 30.92 17.66
CA CYS C 182 18.26 29.46 17.56
C CYS C 182 18.53 28.76 18.85
N HIS C 183 18.85 29.51 19.89
CA HIS C 183 18.94 28.79 21.16
C HIS C 183 17.58 28.35 21.68
N ASN C 184 16.59 29.24 21.70
CA ASN C 184 15.28 28.91 22.24
C ASN C 184 15.41 28.40 23.67
N ASN C 185 15.79 29.30 24.59
CA ASN C 185 16.14 29.07 25.99
C ASN C 185 16.77 27.69 26.21
N ALA C 186 17.89 27.46 25.54
CA ALA C 186 18.70 26.26 25.70
C ALA C 186 20.15 26.61 25.40
N PRO C 187 21.07 26.39 26.33
CA PRO C 187 22.45 26.85 26.13
C PRO C 187 23.18 26.08 25.04
N ASN C 188 23.17 24.76 25.12
CA ASN C 188 23.91 23.90 24.22
C ASN C 188 23.01 22.77 23.73
N ASN C 189 23.54 22.01 22.77
CA ASN C 189 22.86 20.84 22.21
C ASN C 189 21.48 21.20 21.67
N LEU C 190 21.45 22.08 20.67
CA LEU C 190 20.21 22.51 20.04
C LEU C 190 19.78 21.50 19.00
N GLU C 191 18.48 21.47 18.71
CA GLU C 191 17.89 20.53 17.78
C GLU C 191 17.86 21.15 16.39
N GLY C 192 18.43 20.45 15.41
CA GLY C 192 18.49 20.96 14.06
C GLY C 192 17.42 20.39 13.14
N PHE C 193 16.80 19.29 13.54
CA PHE C 193 15.79 18.61 12.74
C PHE C 193 14.71 18.05 13.66
N GLY C 194 13.45 18.34 13.32
CA GLY C 194 12.34 18.00 14.18
C GLY C 194 12.03 16.50 14.19
N ALA C 195 11.02 16.15 14.98
CA ALA C 195 10.57 14.77 15.08
C ALA C 195 9.98 14.25 13.78
N GLN C 196 9.31 15.10 13.01
CA GLN C 196 8.73 14.66 11.74
C GLN C 196 9.80 14.18 10.79
N PHE C 197 10.93 14.89 10.71
CA PHE C 197 12.00 14.51 9.81
C PHE C 197 12.57 13.14 10.18
N ILE C 198 12.91 12.94 11.46
CA ILE C 198 13.55 11.69 11.86
C ILE C 198 12.57 10.53 11.76
N ASN C 199 11.29 10.78 12.04
CA ASN C 199 10.29 9.72 12.05
C ASN C 199 9.57 9.53 10.72
N SER C 200 9.92 10.31 9.68
CA SER C 200 9.17 10.28 8.43
C SER C 200 10.03 10.07 7.19
N VAL C 201 11.34 9.89 7.34
CA VAL C 201 12.25 9.69 6.21
C VAL C 201 12.62 8.21 6.17
N PRO C 202 12.34 7.51 5.06
CA PRO C 202 12.55 6.06 5.02
C PRO C 202 14.02 5.70 5.09
N PRO C 203 14.36 4.53 5.67
CA PRO C 203 15.76 4.07 5.75
C PRO C 203 16.21 3.28 4.53
N ILE C 204 16.52 4.00 3.45
CA ILE C 204 16.96 3.39 2.20
C ILE C 204 18.28 4.04 1.78
N LYS C 205 19.04 3.30 0.99
CA LYS C 205 20.33 3.76 0.48
C LYS C 205 20.16 4.27 -0.94
N VAL C 206 20.69 5.47 -1.20
CA VAL C 206 20.55 6.11 -2.50
C VAL C 206 21.89 6.65 -2.95
N THR C 207 22.03 6.83 -4.26
CA THR C 207 23.17 7.47 -4.86
C THR C 207 22.75 8.85 -5.37
N VAL C 208 23.49 9.86 -4.95
CA VAL C 208 23.18 11.24 -5.33
C VAL C 208 24.18 11.82 -6.31
N ASP C 209 23.66 12.40 -7.38
CA ASP C 209 24.49 13.02 -8.41
C ASP C 209 24.46 14.52 -8.27
N PRO C 210 25.53 15.16 -7.82
CA PRO C 210 25.53 16.62 -7.68
C PRO C 210 25.56 17.33 -9.01
N LEU C 211 25.18 18.59 -8.98
CA LEU C 211 25.19 19.43 -10.17
C LEU C 211 26.52 20.14 -10.32
N ASP C 212 26.96 20.28 -11.57
CA ASP C 212 28.20 20.97 -11.90
C ASP C 212 27.89 22.45 -12.09
N ALA C 213 28.95 23.27 -12.05
CA ALA C 213 28.82 24.72 -12.13
C ALA C 213 28.04 25.17 -13.36
N ASN C 214 28.16 24.42 -14.46
CA ASN C 214 27.38 24.71 -15.66
C ASN C 214 25.93 24.25 -15.55
N GLY C 215 25.63 23.34 -14.63
CA GLY C 215 24.27 22.89 -14.44
C GLY C 215 24.07 21.42 -14.72
N MET C 216 25.09 20.77 -15.29
CA MET C 216 25.02 19.36 -15.63
C MET C 216 25.42 18.50 -14.43
N ALA C 217 25.15 17.20 -14.54
CA ALA C 217 25.38 16.29 -13.43
C ALA C 217 26.77 15.67 -13.52
N ILE C 218 27.30 15.29 -12.37
CA ILE C 218 28.58 14.60 -12.27
C ILE C 218 28.28 13.15 -11.93
N LEU C 219 28.57 12.24 -12.88
CA LEU C 219 28.20 10.86 -12.74
C LEU C 219 29.30 9.98 -12.17
N ASP C 220 30.56 10.19 -12.56
CA ASP C 220 31.61 9.32 -12.03
C ASP C 220 31.93 9.69 -10.59
N PRO C 221 32.03 8.70 -9.69
CA PRO C 221 32.27 9.02 -8.27
C PRO C 221 33.54 9.80 -8.00
N ALA C 222 34.59 9.60 -8.79
CA ALA C 222 35.89 10.21 -8.51
C ALA C 222 35.86 11.73 -8.60
N GLN C 223 34.88 12.31 -9.28
CA GLN C 223 34.78 13.76 -9.42
C GLN C 223 33.77 14.37 -8.47
N LYS C 224 33.28 13.62 -7.51
CA LYS C 224 32.22 14.03 -6.60
C LYS C 224 32.78 14.46 -5.25
N PRO C 225 32.03 15.27 -4.50
CA PRO C 225 32.44 15.57 -3.12
C PRO C 225 32.61 14.30 -2.29
N GLU C 226 33.39 14.43 -1.22
CA GLU C 226 33.83 13.27 -0.46
C GLU C 226 32.68 12.50 0.15
N ALA C 227 31.69 13.21 0.72
CA ALA C 227 30.66 12.54 1.50
C ALA C 227 29.68 11.74 0.65
N ILE C 228 29.67 11.93 -0.66
CA ILE C 228 28.66 11.31 -1.51
C ILE C 228 29.29 10.39 -2.55
N ARG C 229 30.56 10.04 -2.36
CA ARG C 229 31.23 9.12 -3.27
C ARG C 229 30.80 7.68 -3.06
N GLU C 230 30.08 7.38 -1.99
CA GLU C 230 29.60 6.04 -1.69
C GLU C 230 28.08 6.12 -1.61
N PRO C 231 27.35 5.02 -1.78
CA PRO C 231 25.91 5.04 -1.50
C PRO C 231 25.66 5.38 -0.03
N VAL C 232 24.74 6.31 0.18
CA VAL C 232 24.47 6.87 1.50
C VAL C 232 22.99 6.75 1.80
N LEU C 233 22.64 6.98 3.07
CA LEU C 233 21.26 7.00 3.50
C LEU C 233 20.58 8.27 3.02
N LEU C 234 19.24 8.21 2.93
CA LEU C 234 18.48 9.36 2.43
C LEU C 234 18.67 10.58 3.32
N LYS C 235 18.67 10.38 4.64
CA LYS C 235 18.88 11.47 5.58
C LYS C 235 20.23 12.14 5.41
N ASP C 236 21.31 11.36 5.24
CA ASP C 236 22.63 11.92 5.02
C ASP C 236 22.76 12.66 3.70
N ALA C 237 22.09 12.20 2.64
CA ALA C 237 22.05 12.96 1.40
C ALA C 237 21.27 14.25 1.55
N ILE C 238 20.18 14.23 2.32
CA ILE C 238 19.46 15.46 2.64
C ILE C 238 20.39 16.44 3.33
N LEU C 239 21.16 15.96 4.30
CA LEU C 239 22.10 16.81 5.01
C LEU C 239 23.16 17.39 4.07
N PHE C 240 23.68 16.56 3.16
CA PHE C 240 24.66 17.05 2.19
C PHE C 240 24.07 18.15 1.33
N TYR C 241 22.84 17.96 0.83
CA TYR C 241 22.21 18.98 0.01
C TYR C 241 21.97 20.27 0.80
N ILE C 242 21.59 20.15 2.07
CA ILE C 242 21.37 21.32 2.90
C ILE C 242 22.66 22.10 3.12
N TYR C 243 23.76 21.40 3.38
CA TYR C 243 25.01 22.07 3.73
C TYR C 243 25.99 22.18 2.57
N ASN C 244 25.56 21.90 1.35
CA ASN C 244 26.39 22.09 0.15
C ASN C 244 25.59 22.69 -1.00
N TYR C 245 24.80 23.72 -0.72
CA TYR C 245 23.91 24.29 -1.72
C TYR C 245 24.59 25.45 -2.45
N GLN C 246 24.50 25.42 -3.78
CA GLN C 246 25.00 26.50 -4.62
C GLN C 246 23.97 26.83 -5.68
N VAL C 247 24.12 28.00 -6.29
CA VAL C 247 23.25 28.46 -7.37
C VAL C 247 24.10 28.62 -8.63
N TRP C 248 23.76 27.86 -9.67
CA TRP C 248 24.46 27.94 -10.94
C TRP C 248 23.75 28.83 -11.96
N LYS C 249 22.48 29.12 -11.75
CA LYS C 249 21.73 30.04 -12.59
C LYS C 249 21.10 31.11 -11.73
N PRO C 250 21.76 32.25 -11.55
CA PRO C 250 21.20 33.31 -10.69
C PRO C 250 19.87 33.81 -11.22
N PHE C 251 19.00 34.17 -10.29
CA PHE C 251 17.65 34.58 -10.64
C PHE C 251 17.66 35.85 -11.48
N ASP C 252 17.26 35.72 -12.74
CA ASP C 252 17.05 36.85 -13.62
C ASP C 252 15.55 37.02 -13.83
N PRO C 253 14.96 38.14 -13.41
CA PRO C 253 13.51 38.31 -13.59
C PRO C 253 13.08 38.29 -15.06
N ASN C 254 14.00 38.60 -15.98
CA ASN C 254 13.64 38.70 -17.39
C ASN C 254 13.28 37.36 -18.00
N ASP C 255 13.72 36.24 -17.44
CA ASP C 255 13.33 34.93 -17.93
C ASP C 255 12.74 34.10 -16.80
N PRO C 256 11.64 33.38 -17.04
CA PRO C 256 10.97 32.65 -15.97
C PRO C 256 11.60 31.31 -15.60
N GLU C 257 12.62 30.88 -16.33
CA GLU C 257 13.26 29.59 -16.08
C GLU C 257 14.60 29.75 -15.33
N SER C 258 14.79 30.91 -14.70
CA SER C 258 16.02 31.21 -13.98
C SER C 258 15.89 30.81 -12.51
N GLY C 259 16.88 31.18 -11.72
CA GLY C 259 16.88 30.90 -10.30
C GLY C 259 16.95 29.41 -10.00
N ARG C 260 17.79 28.69 -10.72
CA ARG C 260 17.96 27.26 -10.52
C ARG C 260 19.27 27.01 -9.79
N GLY C 261 19.21 26.15 -8.76
CA GLY C 261 20.38 25.84 -7.99
C GLY C 261 20.74 24.37 -8.03
N SER C 262 21.24 23.84 -6.92
CA SER C 262 21.68 22.45 -6.86
C SER C 262 20.52 21.47 -6.90
N LEU C 263 19.28 21.93 -6.70
CA LEU C 263 18.12 21.05 -6.64
C LEU C 263 17.26 21.12 -7.90
N ALA C 264 17.77 21.73 -8.96
CA ALA C 264 17.01 21.86 -10.20
C ALA C 264 16.96 20.53 -10.93
N LEU C 265 15.76 20.15 -11.37
CA LEU C 265 15.55 18.89 -12.08
C LEU C 265 15.08 19.09 -13.50
N THR C 266 14.01 19.84 -13.71
CA THR C 266 13.36 19.93 -15.03
C THR C 266 13.97 21.07 -15.83
N TYR C 267 15.06 20.74 -16.52
CA TYR C 267 15.68 21.63 -17.50
C TYR C 267 16.24 20.77 -18.63
N ASP C 268 16.90 21.43 -19.59
CA ASP C 268 17.35 20.73 -20.79
C ASP C 268 18.36 19.64 -20.47
N GLY C 269 19.33 19.93 -19.60
CA GLY C 269 20.29 18.92 -19.21
C GLY C 269 19.64 17.79 -18.43
N GLY C 270 19.19 18.10 -17.22
CA GLY C 270 18.32 17.21 -16.48
C GLY C 270 18.96 15.99 -15.86
N ARG C 271 18.44 15.57 -14.70
CA ARG C 271 18.82 14.33 -14.07
C ARG C 271 17.76 13.26 -14.34
N THR C 272 17.99 12.08 -13.78
CA THR C 272 17.07 10.97 -13.98
C THR C 272 15.96 11.00 -12.91
N GLN C 273 15.12 9.96 -12.95
CA GLN C 273 13.99 9.88 -12.02
C GLN C 273 14.46 9.60 -10.58
N ASP C 274 15.65 9.02 -10.42
CA ASP C 274 16.12 8.64 -9.10
C ASP C 274 16.33 9.86 -8.20
N GLN C 275 16.97 10.89 -8.73
CA GLN C 275 17.32 12.06 -7.93
C GLN C 275 16.10 12.84 -7.48
N VAL C 276 14.95 12.61 -8.12
CA VAL C 276 13.73 13.29 -7.70
C VAL C 276 13.35 12.86 -6.29
N THR C 277 13.60 11.61 -5.92
CA THR C 277 13.31 11.16 -4.55
C THR C 277 14.11 11.97 -3.53
N ILE C 278 15.42 12.12 -3.76
CA ILE C 278 16.27 12.86 -2.83
C ILE C 278 15.84 14.33 -2.79
N ASN C 279 15.60 14.92 -3.96
CA ASN C 279 15.20 16.33 -3.99
C ASN C 279 13.87 16.54 -3.27
N GLN C 280 12.89 15.68 -3.53
CA GLN C 280 11.58 15.80 -2.91
C GLN C 280 11.66 15.56 -1.41
N ASN C 281 12.58 14.70 -0.95
CA ASN C 281 12.75 14.54 0.49
C ASN C 281 13.39 15.77 1.13
N VAL C 282 14.32 16.42 0.43
CA VAL C 282 14.85 17.69 0.94
C VAL C 282 13.73 18.72 1.05
N MET C 283 12.91 18.84 0.02
CA MET C 283 11.78 19.76 0.08
C MET C 283 10.75 19.37 1.13
N ASN C 284 10.57 18.07 1.39
CA ASN C 284 9.73 17.64 2.49
C ASN C 284 10.29 18.08 3.84
N TYR C 285 11.61 18.00 4.02
CA TYR C 285 12.20 18.52 5.24
C TYR C 285 11.96 20.02 5.37
N GLN C 286 12.12 20.77 4.27
CA GLN C 286 11.82 22.19 4.31
C GLN C 286 10.37 22.48 4.67
N ALA C 287 9.43 21.72 4.13
CA ALA C 287 8.02 21.87 4.49
C ALA C 287 7.77 21.56 5.96
N TRP C 288 8.41 20.52 6.49
CA TRP C 288 8.26 20.19 7.90
C TRP C 288 8.86 21.24 8.82
N SER C 289 9.99 21.84 8.42
CA SER C 289 10.65 22.82 9.27
C SER C 289 9.80 24.06 9.47
N LEU C 290 9.13 24.51 8.42
CA LEU C 290 8.30 25.71 8.48
C LEU C 290 6.86 25.42 8.88
N GLY C 291 6.48 24.14 8.99
CA GLY C 291 5.10 23.80 9.29
C GLY C 291 4.12 24.20 8.21
N VAL C 292 4.53 24.12 6.94
CA VAL C 292 3.70 24.53 5.82
C VAL C 292 3.61 23.39 4.82
N GLY C 293 2.77 23.56 3.79
CA GLY C 293 2.64 22.60 2.72
C GLY C 293 3.57 22.92 1.56
N CYS C 294 3.45 22.14 0.48
CA CYS C 294 4.30 22.37 -0.68
C CYS C 294 3.86 23.58 -1.50
N THR C 295 2.58 23.96 -1.41
CA THR C 295 2.10 25.11 -2.16
C THR C 295 2.33 26.41 -1.41
N PHE C 296 3.10 26.35 -0.33
CA PHE C 296 3.55 27.57 0.34
C PHE C 296 4.51 28.38 -0.53
N CYS C 297 5.27 27.72 -1.40
CA CYS C 297 6.17 28.38 -2.33
C CYS C 297 5.96 27.90 -3.77
N HIS C 298 5.48 26.67 -3.97
CA HIS C 298 5.39 26.13 -5.31
C HIS C 298 3.95 26.12 -5.83
N ASN C 299 3.85 26.05 -7.16
CA ASN C 299 2.62 25.75 -7.86
C ASN C 299 2.80 24.39 -8.49
N SER C 300 1.86 23.48 -8.23
CA SER C 300 2.04 22.11 -8.67
C SER C 300 2.00 21.98 -10.19
N ARG C 301 1.47 22.96 -10.90
CA ARG C 301 1.42 22.88 -12.36
C ARG C 301 2.82 22.95 -12.95
N ASN C 302 3.73 23.68 -12.30
CA ASN C 302 5.15 23.62 -12.63
C ASN C 302 5.93 24.20 -11.46
N PHE C 303 6.92 23.46 -10.98
CA PHE C 303 7.66 23.84 -9.78
C PHE C 303 8.74 24.87 -10.06
N VAL C 304 8.98 25.19 -11.35
CA VAL C 304 10.05 26.11 -11.71
C VAL C 304 9.65 27.57 -11.59
N ALA C 305 8.38 27.89 -11.80
CA ALA C 305 7.93 29.27 -11.94
C ALA C 305 8.11 30.09 -10.67
N TYR C 306 8.22 31.40 -10.84
CA TYR C 306 8.10 32.40 -9.79
C TYR C 306 6.88 33.25 -10.16
N GLU C 307 5.74 32.89 -9.58
CA GLU C 307 4.44 33.32 -10.06
C GLU C 307 4.10 34.77 -9.72
N LEU C 308 4.40 35.18 -8.48
CA LEU C 308 4.02 36.49 -7.94
C LEU C 308 2.53 36.52 -7.66
N ASN C 309 1.71 36.59 -8.71
CA ASN C 309 0.25 36.59 -8.54
C ASN C 309 -0.32 35.31 -9.12
N PRO C 310 -0.53 34.27 -8.32
CA PRO C 310 -1.08 33.03 -8.85
C PRO C 310 -2.57 33.12 -9.10
N ALA C 311 -3.08 32.17 -9.89
CA ALA C 311 -4.49 32.16 -10.26
C ALA C 311 -5.35 31.52 -9.19
N GLY C 312 -5.11 30.24 -8.89
CA GLY C 312 -5.93 29.52 -7.94
C GLY C 312 -5.48 29.75 -6.51
N ASP C 313 -6.17 30.62 -5.79
CA ASP C 313 -5.73 31.07 -4.49
C ASP C 313 -6.15 30.17 -3.34
N ASN C 314 -7.12 29.28 -3.55
CA ASN C 314 -7.65 28.51 -2.43
C ASN C 314 -6.68 27.43 -1.96
N VAL C 315 -5.89 26.88 -2.88
CA VAL C 315 -4.91 25.85 -2.52
C VAL C 315 -3.48 26.34 -2.63
N LEU C 316 -3.27 27.62 -2.95
CA LEU C 316 -1.95 28.19 -3.15
C LEU C 316 -1.69 29.27 -2.11
N ASN C 317 -0.42 29.62 -1.97
CA ASN C 317 -0.05 30.79 -1.18
C ASN C 317 0.11 31.98 -2.10
N PRO C 318 -0.62 33.08 -1.88
CA PRO C 318 -0.47 34.25 -2.75
C PRO C 318 0.93 34.83 -2.78
N LEU C 319 1.73 34.61 -1.72
CA LEU C 319 3.08 35.13 -1.63
C LEU C 319 4.12 34.12 -2.12
N TYR C 320 3.74 33.32 -3.12
CA TYR C 320 4.50 32.26 -3.77
C TYR C 320 5.98 32.58 -4.03
N ALA C 321 6.24 33.58 -4.86
CA ALA C 321 7.58 33.77 -5.40
C ALA C 321 8.52 34.34 -4.36
N TYR C 322 8.02 35.22 -3.50
CA TYR C 322 8.84 35.77 -2.43
C TYR C 322 9.28 34.67 -1.47
N ASN C 323 8.37 33.75 -1.13
CA ASN C 323 8.75 32.63 -0.27
C ASN C 323 9.76 31.73 -0.97
N LYS C 324 9.59 31.49 -2.27
CA LYS C 324 10.58 30.67 -3.00
C LYS C 324 11.96 31.30 -2.96
N LEU C 325 12.03 32.61 -3.21
CA LEU C 325 13.33 33.31 -3.20
C LEU C 325 13.93 33.34 -1.79
N LYS C 326 13.10 33.54 -0.77
CA LYS C 326 13.59 33.48 0.60
C LYS C 326 14.15 32.11 0.95
N ALA C 327 13.48 31.05 0.50
CA ALA C 327 13.97 29.71 0.73
C ALA C 327 15.32 29.49 0.05
N GLN C 328 15.47 30.02 -1.17
CA GLN C 328 16.77 29.93 -1.84
C GLN C 328 17.85 30.65 -1.05
N ARG C 329 17.57 31.87 -0.60
CA ARG C 329 18.57 32.64 0.15
C ARG C 329 18.94 31.96 1.46
N MET C 330 17.97 31.38 2.17
CA MET C 330 18.31 30.73 3.42
C MET C 330 18.93 29.35 3.22
N LEU C 331 18.67 28.69 2.09
CA LEU C 331 19.49 27.53 1.75
C LEU C 331 20.94 27.92 1.54
N LEU C 332 21.19 29.07 0.91
CA LEU C 332 22.55 29.58 0.84
C LEU C 332 23.09 29.92 2.24
N LEU C 333 22.24 30.46 3.11
CA LEU C 333 22.65 30.81 4.46
C LEU C 333 23.08 29.58 5.26
N THR C 334 22.37 28.46 5.10
CA THR C 334 22.66 27.26 5.88
C THR C 334 23.64 26.39 5.11
N THR C 335 24.46 27.05 4.30
CA THR C 335 25.64 26.44 3.70
C THR C 335 26.81 27.35 4.05
N TRP C 336 26.52 28.66 4.10
CA TRP C 336 27.50 29.61 4.60
C TRP C 336 27.79 29.36 6.08
N LEU C 337 26.75 29.01 6.85
CA LEU C 337 26.96 28.66 8.25
C LEU C 337 27.85 27.43 8.40
N ALA C 338 27.61 26.40 7.58
CA ALA C 338 28.46 25.21 7.65
C ALA C 338 29.89 25.53 7.25
N GLU C 339 30.07 26.40 6.27
CA GLU C 339 31.41 26.77 5.83
C GLU C 339 32.17 27.54 6.90
N ASN C 340 31.49 28.46 7.60
CA ASN C 340 32.16 29.39 8.49
C ASN C 340 31.91 29.12 9.98
N TRP C 341 31.34 27.97 10.32
CA TRP C 341 31.04 27.66 11.72
C TRP C 341 32.25 27.67 12.66
N PRO C 342 33.42 27.12 12.31
CA PRO C 342 34.54 27.17 13.26
C PRO C 342 34.93 28.57 13.68
N ARG C 343 34.77 29.57 12.81
CA ARG C 343 35.15 30.93 13.13
C ARG C 343 34.22 31.58 14.16
N TYR C 344 32.94 31.25 14.14
CA TYR C 344 31.95 31.92 14.99
C TYR C 344 31.74 31.22 16.32
N GLY C 345 32.84 30.94 17.02
CA GLY C 345 32.81 30.46 18.39
C GLY C 345 31.88 29.32 18.70
N ALA C 346 32.09 28.17 18.07
CA ALA C 346 31.35 26.96 18.39
C ALA C 346 32.31 25.93 18.98
N ILE C 347 31.96 25.40 20.13
CA ILE C 347 32.81 24.45 20.83
C ILE C 347 32.73 23.10 20.13
N ALA C 348 33.89 22.58 19.74
CA ALA C 348 33.96 21.31 19.04
C ALA C 348 33.63 20.17 19.98
N LYS C 349 32.90 19.22 19.48
CA LYS C 349 32.53 18.08 20.31
C LYS C 349 33.39 16.88 20.00
N PRO C 350 34.03 16.28 21.01
CA PRO C 350 34.67 14.98 20.81
C PRO C 350 33.63 13.87 20.81
N GLU C 351 33.46 13.22 19.65
CA GLU C 351 32.42 12.22 19.42
C GLU C 351 31.04 12.86 19.45
N ILE C 352 30.06 12.19 18.85
CA ILE C 352 28.69 12.68 18.80
C ILE C 352 28.03 12.35 20.14
N PRO C 353 27.51 13.33 20.87
CA PRO C 353 26.89 13.04 22.17
C PRO C 353 25.76 12.03 22.05
N THR C 354 25.68 11.14 23.03
CA THR C 354 24.65 10.12 23.09
C THR C 354 24.08 10.04 24.50
N GLY C 355 22.79 9.75 24.58
CA GLY C 355 22.13 9.61 25.87
C GLY C 355 21.00 10.60 26.06
N SER C 356 20.97 11.25 27.22
CA SER C 356 19.95 12.24 27.52
C SER C 356 20.58 13.63 27.43
N GLY C 357 20.01 14.47 26.56
CA GLY C 357 20.53 15.80 26.30
C GLY C 357 21.06 15.97 24.89
N ALA C 358 21.37 14.87 24.21
CA ALA C 358 21.85 14.92 22.84
C ALA C 358 20.72 15.33 21.91
N ALA C 359 21.08 15.69 20.68
CA ALA C 359 20.12 16.21 19.71
C ALA C 359 20.17 15.39 18.43
N SER C 360 19.50 14.23 18.45
CA SER C 360 19.04 13.54 17.25
C SER C 360 20.13 12.96 16.36
N ARG C 361 21.40 13.24 16.67
CA ARG C 361 22.55 12.71 15.95
C ARG C 361 22.70 13.32 14.55
N TYR C 362 21.68 14.04 14.08
CA TYR C 362 21.78 14.68 12.77
C TYR C 362 22.18 16.15 12.87
N SER C 363 22.03 16.77 14.02
CA SER C 363 22.49 18.13 14.24
C SER C 363 23.98 18.22 14.49
N TYR C 364 24.66 17.09 14.63
CA TYR C 364 26.09 17.03 14.84
C TYR C 364 26.78 16.66 13.53
N GLN C 365 27.71 17.51 13.10
CA GLN C 365 28.35 17.36 11.80
C GLN C 365 29.87 17.43 11.94
N ARG C 366 30.56 16.70 11.08
CA ARG C 366 32.01 16.76 10.97
C ARG C 366 32.36 17.75 9.86
N LEU C 367 32.93 18.88 10.24
CA LEU C 367 33.19 19.96 9.30
C LEU C 367 34.58 19.79 8.69
N GLY C 368 35.05 20.84 8.01
CA GLY C 368 36.28 20.78 7.26
C GLY C 368 37.52 20.39 8.04
N ASP C 369 37.69 20.95 9.24
CA ASP C 369 38.90 20.71 10.02
C ASP C 369 38.66 19.52 10.95
N GLY C 370 38.14 18.45 10.36
CA GLY C 370 37.94 17.16 11.02
C GLY C 370 37.44 17.22 12.46
N GLN C 371 36.50 18.13 12.74
CA GLN C 371 35.98 18.29 14.09
C GLN C 371 34.46 18.28 14.05
N ILE C 372 33.85 17.73 15.09
CA ILE C 372 32.40 17.58 15.15
C ILE C 372 31.81 18.83 15.79
N TYR C 373 30.86 19.46 15.09
CA TYR C 373 30.17 20.65 15.57
C TYR C 373 28.67 20.41 15.55
N ASN C 374 27.96 21.17 16.39
CA ASN C 374 26.50 21.20 16.38
C ASN C 374 26.01 22.36 15.51
N VAL C 375 25.90 22.10 14.21
CA VAL C 375 25.54 23.15 13.25
C VAL C 375 24.03 23.39 13.28
N PRO C 376 23.57 24.60 12.98
CA PRO C 376 22.13 24.85 12.91
C PRO C 376 21.51 24.24 11.68
N GLY C 377 20.19 24.08 11.71
CA GLY C 377 19.43 23.59 10.58
C GLY C 377 18.24 24.47 10.34
N CYS C 378 17.38 24.05 9.42
CA CYS C 378 16.17 24.82 9.09
C CYS C 378 15.18 24.87 10.24
N TYR C 379 15.07 23.78 10.99
CA TYR C 379 14.15 23.71 12.11
C TYR C 379 14.69 24.39 13.36
N THR C 380 16.00 24.67 13.40
CA THR C 380 16.61 25.26 14.60
C THR C 380 16.00 26.61 14.93
N CYS C 381 15.93 27.49 13.93
CA CYS C 381 15.38 28.83 14.12
C CYS C 381 13.87 28.91 13.89
N HIS C 382 13.33 27.97 13.14
CA HIS C 382 11.90 27.96 12.84
C HIS C 382 11.06 27.18 13.84
N GLN C 383 11.36 25.90 14.06
CA GLN C 383 10.63 25.05 15.00
C GLN C 383 9.14 24.99 14.68
N GLY C 384 8.80 24.74 13.41
CA GLY C 384 7.43 24.54 13.01
C GLY C 384 6.67 25.79 12.65
N ASN C 385 7.28 26.97 12.76
CA ASN C 385 6.63 28.23 12.45
C ASN C 385 7.32 28.88 11.26
N ASN C 386 6.53 29.35 10.29
CA ASN C 386 7.09 29.98 9.11
C ASN C 386 7.84 31.26 9.45
N ILE C 387 7.42 31.95 10.51
CA ILE C 387 8.15 33.09 11.05
C ILE C 387 8.66 32.70 12.44
N PRO C 388 9.97 32.73 12.68
CA PRO C 388 10.48 32.30 13.98
C PRO C 388 9.89 33.11 15.12
N LEU C 389 9.36 32.41 16.12
CA LEU C 389 8.72 33.07 17.25
C LEU C 389 9.73 33.72 18.18
N ALA C 390 11.01 33.36 18.07
CA ALA C 390 12.07 33.96 18.89
C ALA C 390 12.83 35.03 18.13
N SER C 391 12.31 35.44 16.98
CA SER C 391 12.87 36.53 16.19
C SER C 391 12.15 37.82 16.56
N ILE C 392 12.87 38.93 16.45
CA ILE C 392 12.35 40.22 16.90
C ILE C 392 12.02 41.08 15.68
N ASN C 393 10.83 41.66 15.69
CA ASN C 393 10.38 42.56 14.64
C ASN C 393 10.86 43.97 14.92
N GLN C 394 11.19 44.70 13.85
CA GLN C 394 11.65 46.08 14.03
C GLN C 394 10.56 46.99 14.58
N ALA C 395 9.29 46.63 14.41
CA ALA C 395 8.20 47.39 14.98
C ALA C 395 8.08 47.18 16.49
N ASN C 396 8.61 46.08 17.01
CA ASN C 396 8.61 45.81 18.44
C ASN C 396 9.84 46.35 19.15
N ILE C 397 10.73 47.02 18.43
CA ILE C 397 11.96 47.57 18.97
C ILE C 397 11.73 49.05 19.26
N PRO C 398 11.85 49.50 20.50
CA PRO C 398 11.73 50.94 20.77
C PRO C 398 12.76 51.74 20.01
N SER C 399 12.41 52.98 19.71
CA SER C 399 13.28 53.85 18.92
C SER C 399 14.30 54.54 19.82
N GLY C 400 15.57 54.16 19.68
CA GLY C 400 16.65 54.90 20.30
C GLY C 400 17.22 54.34 21.59
N ASP C 401 17.12 55.13 22.66
CA ASP C 401 17.76 54.77 23.92
C ASP C 401 17.20 53.47 24.48
N ALA C 402 15.87 53.32 24.48
CA ALA C 402 15.28 52.08 24.94
C ALA C 402 15.54 50.92 23.99
N GLY C 403 15.63 51.20 22.69
CA GLY C 403 15.89 50.14 21.72
C GLY C 403 17.30 49.62 21.74
N ILE C 404 18.25 50.41 22.25
CA ILE C 404 19.61 49.91 22.45
C ILE C 404 19.62 48.72 23.39
N VAL C 405 18.81 48.74 24.45
CA VAL C 405 18.68 47.62 25.35
C VAL C 405 18.08 46.39 24.70
N VAL C 406 17.07 46.55 23.84
CA VAL C 406 16.36 45.42 23.26
C VAL C 406 17.27 44.70 22.26
N LEU C 407 17.70 45.39 21.22
CA LEU C 407 18.63 44.82 20.26
C LEU C 407 19.69 45.86 19.91
N PRO C 408 20.97 45.55 20.13
CA PRO C 408 22.02 46.52 19.86
C PRO C 408 22.05 46.92 18.40
N PRO C 409 22.28 48.20 18.09
CA PRO C 409 22.56 48.59 16.71
C PRO C 409 23.88 48.04 16.18
N GLN C 410 24.77 47.62 17.07
CA GLN C 410 26.05 47.06 16.62
C GLN C 410 25.86 45.70 15.93
N ILE C 411 24.86 44.93 16.33
CA ILE C 411 24.64 43.61 15.76
C ILE C 411 23.36 43.59 14.93
N ARG C 412 22.86 44.77 14.57
CA ARG C 412 21.69 44.87 13.72
C ARG C 412 22.00 44.73 12.24
N GLY C 413 23.13 45.27 11.79
CA GLY C 413 23.50 45.19 10.39
C GLY C 413 22.71 46.14 9.50
N SER D 5 -33.88 -17.64 15.17
CA SER D 5 -33.24 -16.55 15.91
C SER D 5 -31.77 -16.82 16.10
N PRO D 6 -30.92 -15.83 15.77
CA PRO D 6 -29.47 -15.98 15.87
C PRO D 6 -28.84 -15.78 17.24
N VAL D 7 -28.62 -16.86 17.99
CA VAL D 7 -27.95 -16.80 19.27
C VAL D 7 -26.54 -17.34 19.09
N ARG D 8 -26.36 -18.14 18.03
CA ARG D 8 -25.09 -18.77 17.72
C ARG D 8 -24.13 -17.81 17.01
N THR D 9 -24.62 -16.66 16.57
CA THR D 9 -23.78 -15.64 15.97
C THR D 9 -23.70 -14.34 16.76
N ASN D 10 -24.62 -14.09 17.68
CA ASN D 10 -24.54 -12.92 18.55
C ASN D 10 -23.55 -13.11 19.70
N ILE D 11 -23.12 -14.35 19.97
CA ILE D 11 -22.11 -14.61 20.98
C ILE D 11 -20.74 -14.74 20.31
N VAL D 12 -20.71 -14.66 18.98
CA VAL D 12 -19.45 -14.62 18.25
C VAL D 12 -19.07 -13.16 18.11
N ILE D 13 -20.04 -12.32 17.80
CA ILE D 13 -19.85 -10.87 17.82
C ILE D 13 -19.58 -10.36 19.23
N PHE D 14 -20.24 -10.91 20.25
CA PHE D 14 -19.98 -10.58 21.65
C PHE D 14 -18.52 -10.82 22.03
N THR D 15 -18.00 -12.01 21.74
CA THR D 15 -16.62 -12.37 22.05
C THR D 15 -15.60 -11.52 21.31
N ILE D 16 -15.78 -11.30 20.01
CA ILE D 16 -14.88 -10.44 19.25
C ILE D 16 -14.92 -9.00 19.74
N LEU D 17 -16.09 -8.45 20.04
CA LEU D 17 -16.20 -7.10 20.60
C LEU D 17 -15.49 -6.98 21.94
N GLY D 18 -15.69 -7.94 22.85
CA GLY D 18 -15.00 -7.90 24.12
C GLY D 18 -13.50 -8.00 23.98
N PHE D 19 -13.03 -8.91 23.12
CA PHE D 19 -11.61 -9.06 22.89
C PHE D 19 -10.99 -7.80 22.31
N VAL D 20 -11.64 -7.19 21.32
CA VAL D 20 -11.14 -5.97 20.72
C VAL D 20 -11.11 -4.82 21.72
N VAL D 21 -12.17 -4.64 22.50
CA VAL D 21 -12.18 -3.56 23.50
C VAL D 21 -11.18 -3.82 24.63
N ALA D 22 -10.84 -5.08 24.92
CA ALA D 22 -9.78 -5.37 25.89
C ALA D 22 -8.41 -5.00 25.30
N LEU D 23 -8.21 -5.34 24.02
CA LEU D 23 -6.97 -4.99 23.33
C LEU D 23 -6.70 -3.49 23.38
N LEU D 24 -7.71 -2.70 23.03
CA LEU D 24 -7.60 -1.25 23.02
C LEU D 24 -7.34 -0.66 24.41
N ILE D 25 -8.04 -1.16 25.42
CA ILE D 25 -7.84 -0.64 26.78
C ILE D 25 -6.45 -0.96 27.29
N HIS D 26 -5.97 -2.20 27.10
CA HIS D 26 -4.61 -2.52 27.50
C HIS D 26 -3.58 -1.67 26.77
N PHE D 27 -3.76 -1.47 25.46
CA PHE D 27 -2.84 -0.66 24.68
C PHE D 27 -2.81 0.78 25.19
N ILE D 28 -3.98 1.35 25.47
CA ILE D 28 -4.05 2.72 25.95
C ILE D 28 -3.41 2.86 27.32
N VAL D 29 -3.68 1.92 28.23
CA VAL D 29 -3.07 1.96 29.56
C VAL D 29 -1.56 1.78 29.51
N LEU D 30 -1.04 0.97 28.59
CA LEU D 30 0.40 0.71 28.53
C LEU D 30 1.16 1.91 27.96
N SER D 31 0.45 2.80 27.26
CA SER D 31 1.12 3.91 26.58
C SER D 31 1.32 5.10 27.51
N SER D 32 0.64 5.11 28.64
CA SER D 32 0.76 6.22 29.57
C SER D 32 2.13 6.19 30.25
N PRO D 33 2.77 7.34 30.45
CA PRO D 33 4.10 7.33 31.09
C PRO D 33 4.06 6.93 32.55
N GLU D 34 2.98 7.23 33.26
CA GLU D 34 2.85 6.81 34.66
C GLU D 34 2.38 5.37 34.79
N TYR D 35 1.69 4.84 33.78
CA TYR D 35 1.24 3.46 33.77
C TYR D 35 1.99 2.74 32.64
N ASN D 36 3.19 2.26 32.98
CA ASN D 36 3.99 1.49 32.00
C ASN D 36 4.83 0.51 32.81
N TRP D 37 4.35 -0.73 32.89
CA TRP D 37 5.00 -1.74 33.71
C TRP D 37 6.18 -2.41 33.01
N LEU D 38 6.33 -2.22 31.70
CA LEU D 38 7.43 -2.85 30.97
C LEU D 38 8.66 -1.95 30.95
N SER D 39 8.54 -0.75 30.41
CA SER D 39 9.68 0.15 30.26
C SER D 39 9.86 1.01 31.50
N ASN D 40 10.26 0.38 32.61
CA ASN D 40 10.48 1.10 33.85
C ASN D 40 11.38 0.28 34.79
N ASP E 4 -37.19 -32.21 23.02
CA ASP E 4 -36.65 -30.94 22.55
C ASP E 4 -36.63 -29.86 23.62
N ASP E 5 -37.56 -28.87 23.52
CA ASP E 5 -37.60 -27.63 24.30
C ASP E 5 -37.91 -27.82 25.74
N ASP E 6 -37.83 -29.07 26.12
CA ASP E 6 -38.09 -29.43 27.52
C ASP E 6 -37.24 -28.67 28.52
N LEU E 7 -35.99 -28.35 28.20
CA LEU E 7 -35.13 -27.63 29.14
C LEU E 7 -35.38 -26.12 29.09
N VAL E 8 -35.56 -25.57 27.88
CA VAL E 8 -35.78 -24.15 27.66
C VAL E 8 -37.00 -23.73 28.47
N PRO E 9 -36.91 -22.68 29.29
CA PRO E 9 -38.05 -22.31 30.12
C PRO E 9 -39.19 -21.77 29.28
N PRO E 10 -40.44 -21.88 29.76
CA PRO E 10 -41.58 -21.73 28.85
C PRO E 10 -41.75 -20.34 28.26
N LYS E 11 -41.20 -19.33 28.94
CA LYS E 11 -41.38 -17.95 28.51
C LYS E 11 -40.68 -17.73 27.16
N TRP E 12 -39.50 -18.33 26.99
CA TRP E 12 -38.65 -18.05 25.85
C TRP E 12 -38.73 -19.11 24.75
N ARG E 13 -39.90 -19.72 24.55
CA ARG E 13 -40.12 -20.67 23.47
C ARG E 13 -39.87 -20.10 22.07
N PRO E 14 -40.37 -18.87 21.74
CA PRO E 14 -40.26 -18.38 20.36
C PRO E 14 -38.87 -18.48 19.74
N LEU E 15 -37.88 -17.88 20.39
CA LEU E 15 -36.56 -17.75 19.76
C LEU E 15 -35.73 -19.01 19.94
N PHE E 16 -35.58 -19.46 21.19
CA PHE E 16 -34.60 -20.49 21.53
C PHE E 16 -35.01 -21.88 21.07
N ASN E 17 -34.03 -22.77 20.92
CA ASN E 17 -34.25 -24.20 21.00
C ASN E 17 -33.41 -24.73 22.15
N ASN E 18 -33.35 -26.05 22.28
CA ASN E 18 -32.72 -26.65 23.46
C ASN E 18 -31.25 -26.31 23.63
N GLN E 19 -30.47 -26.41 22.57
CA GLN E 19 -29.02 -26.27 22.66
C GLN E 19 -28.54 -24.83 22.76
N ASP E 20 -29.23 -23.88 22.12
CA ASP E 20 -28.83 -22.49 22.29
C ASP E 20 -29.03 -22.02 23.73
N TRP E 21 -30.01 -22.61 24.43
CA TRP E 21 -30.17 -22.30 25.85
C TRP E 21 -28.92 -22.66 26.64
N LEU E 22 -28.39 -23.86 26.39
CA LEU E 22 -27.16 -24.27 27.07
C LEU E 22 -25.99 -23.37 26.68
N LEU E 23 -25.87 -23.07 25.38
CA LEU E 23 -24.77 -22.21 24.92
C LEU E 23 -24.80 -20.85 25.60
N HIS E 24 -25.97 -20.20 25.56
CA HIS E 24 -26.14 -18.89 26.18
C HIS E 24 -25.98 -18.95 27.70
N ASP E 25 -26.37 -20.05 28.33
CA ASP E 25 -26.18 -20.20 29.77
C ASP E 25 -24.70 -20.25 30.14
N ILE E 26 -23.91 -21.04 29.41
CA ILE E 26 -22.47 -21.07 29.68
C ILE E 26 -21.84 -19.73 29.37
N VAL E 27 -22.35 -19.03 28.35
CA VAL E 27 -21.84 -17.69 28.05
C VAL E 27 -22.11 -16.74 29.22
N VAL E 28 -23.31 -16.81 29.80
CA VAL E 28 -23.67 -15.95 30.91
C VAL E 28 -22.82 -16.24 32.14
N LYS E 29 -22.63 -17.53 32.45
CA LYS E 29 -21.79 -17.89 33.59
C LYS E 29 -20.36 -17.42 33.39
N SER E 30 -19.83 -17.57 32.17
CA SER E 30 -18.49 -17.07 31.88
C SER E 30 -18.43 -15.56 32.06
N PHE E 31 -19.47 -14.85 31.62
CA PHE E 31 -19.51 -13.40 31.76
C PHE E 31 -19.46 -12.99 33.23
N TYR E 32 -20.23 -13.66 34.09
CA TYR E 32 -20.24 -13.27 35.49
C TYR E 32 -18.95 -13.64 36.22
N GLY E 33 -18.35 -14.79 35.91
CA GLY E 33 -17.04 -15.09 36.45
C GLY E 33 -15.99 -14.10 36.00
N PHE E 34 -16.05 -13.72 34.73
CA PHE E 34 -15.19 -12.67 34.18
C PHE E 34 -15.36 -11.37 34.95
N GLY E 35 -16.61 -11.00 35.25
CA GLY E 35 -16.86 -9.78 36.00
C GLY E 35 -16.28 -9.83 37.39
N VAL E 36 -16.41 -10.97 38.07
CA VAL E 36 -15.85 -11.09 39.42
C VAL E 36 -14.33 -10.95 39.38
N ILE E 37 -13.68 -11.64 38.44
CA ILE E 37 -12.21 -11.57 38.37
C ILE E 37 -11.75 -10.17 38.00
N ALA E 38 -12.48 -9.51 37.08
CA ALA E 38 -12.15 -8.14 36.71
C ALA E 38 -12.34 -7.17 37.87
N ALA E 39 -13.37 -7.38 38.68
CA ALA E 39 -13.56 -6.54 39.87
C ALA E 39 -12.38 -6.71 40.83
N ILE E 40 -11.93 -7.95 41.02
CA ILE E 40 -10.76 -8.18 41.87
C ILE E 40 -9.55 -7.44 41.32
N ALA E 41 -9.34 -7.54 40.01
CA ALA E 41 -8.18 -6.89 39.40
C ALA E 41 -8.25 -5.38 39.54
N HIS E 42 -9.44 -4.81 39.30
CA HIS E 42 -9.59 -3.35 39.39
C HIS E 42 -9.38 -2.86 40.82
N LEU E 43 -9.94 -3.57 41.80
CA LEU E 43 -9.71 -3.19 43.19
C LEU E 43 -8.25 -3.28 43.57
N LEU E 44 -7.55 -4.33 43.14
CA LEU E 44 -6.16 -4.49 43.52
C LEU E 44 -5.27 -3.48 42.81
N VAL E 45 -5.65 -3.07 41.60
CA VAL E 45 -4.94 -2.00 40.89
C VAL E 45 -5.17 -0.64 41.53
N TYR E 46 -6.39 -0.34 41.97
CA TYR E 46 -6.69 0.94 42.57
C TYR E 46 -5.86 1.24 43.81
N LEU E 47 -5.46 0.22 44.56
CA LEU E 47 -4.58 0.40 45.70
C LEU E 47 -3.14 0.66 45.31
N TRP E 48 -2.76 0.37 44.06
CA TRP E 48 -1.40 0.62 43.59
C TRP E 48 -1.21 2.08 43.20
N LYS E 49 -1.94 2.54 42.19
CA LYS E 49 -1.90 3.92 41.74
C LYS E 49 -3.31 4.38 41.40
N PRO E 50 -3.99 5.05 42.33
CA PRO E 50 -5.36 5.51 42.06
C PRO E 50 -5.41 6.44 40.86
N TRP E 51 -6.51 6.32 40.12
CA TRP E 51 -6.75 7.16 38.95
C TRP E 51 -8.00 7.99 39.15
N LEU E 52 -8.53 7.99 40.36
CA LEU E 52 -9.75 8.71 40.70
C LEU E 52 -9.70 9.16 42.15
N PRO E 53 -9.56 10.47 42.41
CA PRO E 53 -9.46 11.01 43.76
C PRO E 53 -10.74 10.82 44.58
N PRO F 3 -26.04 -33.98 18.48
CA PRO F 3 -24.59 -34.12 18.53
C PRO F 3 -23.93 -33.77 17.19
N ARG F 4 -24.06 -32.51 16.75
CA ARG F 4 -23.73 -32.15 15.39
C ARG F 4 -22.90 -30.89 15.37
N SER F 5 -22.92 -30.07 16.43
CA SER F 5 -22.65 -28.63 16.35
C SER F 5 -21.14 -28.36 16.43
N PRO F 6 -20.64 -27.16 16.02
CA PRO F 6 -19.24 -27.06 15.56
C PRO F 6 -18.19 -26.94 16.66
N VAL F 7 -18.08 -27.98 17.48
CA VAL F 7 -16.99 -28.04 18.46
C VAL F 7 -15.64 -27.98 17.75
N ARG F 8 -15.50 -28.69 16.64
CA ARG F 8 -14.25 -28.73 15.90
C ARG F 8 -13.91 -27.36 15.33
N THR F 9 -14.91 -26.69 14.74
CA THR F 9 -14.68 -25.37 14.17
C THR F 9 -14.29 -24.37 15.23
N ASN F 10 -14.97 -24.39 16.39
CA ASN F 10 -14.55 -23.54 17.49
C ASN F 10 -13.16 -23.89 18.02
N ILE F 11 -12.81 -25.18 18.04
CA ILE F 11 -11.51 -25.63 18.53
C ILE F 11 -10.37 -25.18 17.63
N VAL F 12 -10.55 -25.19 16.31
CA VAL F 12 -9.47 -24.87 15.39
C VAL F 12 -9.28 -23.36 15.34
N ILE F 13 -10.26 -22.61 15.83
CA ILE F 13 -10.18 -21.16 15.84
C ILE F 13 -9.72 -20.71 17.21
N PHE F 14 -9.88 -21.59 18.20
CA PHE F 14 -9.39 -21.37 19.55
C PHE F 14 -7.90 -21.65 19.67
N THR F 15 -7.31 -22.37 18.71
CA THR F 15 -5.87 -22.61 18.69
C THR F 15 -5.10 -21.53 17.95
N ILE F 16 -5.64 -21.05 16.83
CA ILE F 16 -5.00 -19.95 16.09
C ILE F 16 -4.94 -18.66 16.90
N LEU F 17 -6.02 -18.31 17.58
CA LEU F 17 -6.10 -17.09 18.37
C LEU F 17 -5.08 -17.06 19.50
N GLY F 18 -4.88 -18.16 20.21
CA GLY F 18 -3.90 -18.21 21.27
C GLY F 18 -2.48 -18.02 20.77
N PHE F 19 -2.15 -18.67 19.65
CA PHE F 19 -0.83 -18.52 19.05
C PHE F 19 -0.59 -17.09 18.58
N VAL F 20 -1.58 -16.49 17.92
CA VAL F 20 -1.48 -15.09 17.52
C VAL F 20 -1.32 -14.16 18.72
N VAL F 21 -2.07 -14.39 19.79
CA VAL F 21 -1.95 -13.56 20.98
C VAL F 21 -0.57 -13.70 21.61
N ALA F 22 -0.08 -14.95 21.73
CA ALA F 22 1.20 -15.18 22.37
C ALA F 22 2.35 -14.53 21.61
N LEU F 23 2.23 -14.61 20.28
CA LEU F 23 3.17 -14.05 19.33
C LEU F 23 3.37 -12.58 19.58
N LEU F 24 2.23 -11.91 19.63
CA LEU F 24 2.16 -10.47 19.85
C LEU F 24 2.64 -10.10 21.26
N ILE F 25 2.27 -10.92 22.24
CA ILE F 25 2.65 -10.67 23.63
C ILE F 25 4.16 -10.78 23.84
N HIS F 26 4.77 -11.75 23.16
CA HIS F 26 6.20 -12.01 23.24
C HIS F 26 6.97 -10.91 22.54
N PHE F 27 6.41 -10.44 21.44
CA PHE F 27 7.07 -9.46 20.57
C PHE F 27 7.13 -8.11 21.27
N ILE F 28 6.11 -7.76 22.06
CA ILE F 28 6.07 -6.50 22.79
C ILE F 28 7.10 -6.51 23.90
N VAL F 29 7.19 -7.63 24.65
CA VAL F 29 8.14 -7.74 25.74
C VAL F 29 9.58 -7.80 25.23
N LEU F 30 9.80 -8.30 24.01
CA LEU F 30 11.12 -8.28 23.38
C LEU F 30 11.46 -6.88 22.87
N SER F 31 10.44 -6.08 22.57
CA SER F 31 10.68 -4.72 22.12
C SER F 31 10.95 -3.75 23.26
N SER F 32 10.70 -4.14 24.51
CA SER F 32 11.02 -3.32 25.68
C SER F 32 12.51 -3.41 25.99
N PRO F 33 13.20 -2.27 26.05
CA PRO F 33 14.66 -2.31 26.31
C PRO F 33 15.02 -2.89 27.65
N GLU F 34 14.11 -2.91 28.61
CA GLU F 34 14.44 -3.36 29.95
C GLU F 34 14.22 -4.86 30.14
N TYR F 35 13.60 -5.53 29.16
CA TYR F 35 13.41 -6.97 29.22
C TYR F 35 14.02 -7.71 28.04
N ASN F 36 14.48 -7.03 27.00
CA ASN F 36 14.93 -7.72 25.79
C ASN F 36 16.20 -8.51 26.08
N TRP F 37 16.13 -9.84 26.00
CA TRP F 37 17.25 -10.67 26.40
C TRP F 37 18.38 -10.65 25.38
N LEU F 38 18.04 -10.49 24.10
CA LEU F 38 19.02 -10.51 23.02
C LEU F 38 19.54 -9.12 22.67
N SER F 39 19.92 -8.37 23.71
CA SER F 39 20.52 -7.06 23.51
C SER F 39 21.56 -6.71 24.56
N ASN F 40 22.07 -7.71 25.28
CA ASN F 40 23.00 -7.44 26.38
C ASN F 40 24.34 -6.89 25.91
N ASP G 5 -26.59 -42.09 18.56
CA ASP G 5 -25.50 -43.04 18.79
C ASP G 5 -24.34 -42.37 19.52
N ASP G 6 -24.53 -42.10 20.80
CA ASP G 6 -23.50 -41.46 21.61
C ASP G 6 -23.68 -41.74 23.09
N LEU G 7 -22.58 -42.06 23.77
CA LEU G 7 -22.62 -42.35 25.20
C LEU G 7 -22.08 -41.16 26.00
N VAL G 8 -22.39 -39.96 25.54
CA VAL G 8 -21.95 -38.74 26.21
C VAL G 8 -22.84 -38.43 27.41
N PRO G 9 -22.37 -37.52 28.29
CA PRO G 9 -23.08 -37.10 29.50
C PRO G 9 -24.56 -36.83 29.24
N PRO G 10 -25.44 -37.42 30.07
CA PRO G 10 -26.89 -37.26 29.95
C PRO G 10 -27.33 -35.82 29.76
N LYS G 11 -26.49 -34.87 30.16
CA LYS G 11 -26.82 -33.45 30.02
C LYS G 11 -26.52 -32.95 28.61
N TRP G 12 -25.28 -33.19 28.15
CA TRP G 12 -24.78 -32.60 26.90
C TRP G 12 -25.01 -33.49 25.69
N ARG G 13 -26.05 -34.30 25.73
CA ARG G 13 -26.48 -35.14 24.60
C ARG G 13 -26.78 -34.33 23.35
N PRO G 14 -27.48 -33.19 23.42
CA PRO G 14 -27.87 -32.49 22.19
C PRO G 14 -26.72 -32.02 21.32
N LEU G 15 -25.52 -31.82 21.87
CA LEU G 15 -24.45 -31.22 21.08
C LEU G 15 -23.26 -32.15 20.90
N PHE G 16 -23.06 -33.09 21.82
CA PHE G 16 -21.86 -33.91 21.85
C PHE G 16 -22.15 -35.33 21.43
N ASN G 17 -21.34 -35.86 20.52
CA ASN G 17 -21.22 -37.30 20.27
C ASN G 17 -19.85 -37.72 20.78
N ASN G 18 -19.64 -39.03 20.94
CA ASN G 18 -18.38 -39.54 21.48
C ASN G 18 -17.17 -38.98 20.75
N GLN G 19 -17.24 -38.86 19.43
CA GLN G 19 -16.11 -38.38 18.67
C GLN G 19 -15.78 -36.92 19.01
N ASP G 20 -16.79 -36.04 18.92
CA ASP G 20 -16.57 -34.62 19.20
C ASP G 20 -16.29 -34.40 20.69
N TRP G 21 -16.97 -35.16 21.55
CA TRP G 21 -16.71 -35.06 22.98
C TRP G 21 -15.29 -35.46 23.33
N LEU G 22 -14.79 -36.51 22.68
CA LEU G 22 -13.40 -36.91 22.87
C LEU G 22 -12.44 -35.82 22.40
N LEU G 23 -12.72 -35.22 21.24
CA LEU G 23 -11.93 -34.08 20.80
C LEU G 23 -11.93 -32.95 21.83
N HIS G 24 -13.09 -32.55 22.32
CA HIS G 24 -13.21 -31.49 23.31
C HIS G 24 -12.47 -31.81 24.59
N ASP G 25 -12.44 -33.08 24.96
CA ASP G 25 -11.73 -33.50 26.14
C ASP G 25 -10.23 -33.21 26.00
N ILE G 26 -9.65 -33.60 24.87
CA ILE G 26 -8.21 -33.44 24.67
C ILE G 26 -7.79 -31.99 24.81
N VAL G 27 -8.51 -31.08 24.14
CA VAL G 27 -8.17 -29.67 24.26
C VAL G 27 -8.46 -29.14 25.66
N VAL G 28 -9.46 -29.69 26.35
CA VAL G 28 -9.70 -29.28 27.73
C VAL G 28 -8.50 -29.62 28.61
N LYS G 29 -8.01 -30.85 28.49
CA LYS G 29 -6.84 -31.28 29.25
C LYS G 29 -5.60 -30.50 28.83
N SER G 30 -5.50 -30.19 27.54
CA SER G 30 -4.36 -29.45 27.03
C SER G 30 -4.34 -28.02 27.57
N PHE G 31 -5.51 -27.41 27.74
CA PHE G 31 -5.58 -26.05 28.26
C PHE G 31 -5.05 -25.95 29.68
N TYR G 32 -5.39 -26.91 30.54
CA TYR G 32 -4.88 -26.86 31.90
C TYR G 32 -3.41 -27.26 31.99
N GLY G 33 -2.92 -28.06 31.05
CA GLY G 33 -1.48 -28.25 30.94
C GLY G 33 -0.78 -26.97 30.51
N PHE G 34 -1.40 -26.21 29.61
CA PHE G 34 -0.91 -24.89 29.24
C PHE G 34 -0.86 -23.98 30.45
N GLY G 35 -1.90 -24.03 31.28
CA GLY G 35 -2.01 -23.17 32.45
C GLY G 35 -0.91 -23.31 33.47
N VAL G 36 -0.58 -24.54 33.87
CA VAL G 36 0.45 -24.73 34.89
C VAL G 36 1.82 -24.33 34.36
N ILE G 37 2.09 -24.62 33.09
CA ILE G 37 3.38 -24.27 32.51
C ILE G 37 3.51 -22.76 32.36
N ALA G 38 2.44 -22.09 31.95
CA ALA G 38 2.42 -20.63 31.89
C ALA G 38 2.56 -20.00 33.27
N ALA G 39 1.94 -20.59 34.29
CA ALA G 39 2.14 -20.13 35.66
C ALA G 39 3.59 -20.29 36.10
N ILE G 40 4.22 -21.40 35.75
CA ILE G 40 5.63 -21.60 36.07
C ILE G 40 6.47 -20.51 35.41
N ALA G 41 6.23 -20.26 34.12
CA ALA G 41 7.00 -19.24 33.41
C ALA G 41 6.79 -17.85 34.00
N HIS G 42 5.54 -17.49 34.30
CA HIS G 42 5.25 -16.19 34.88
C HIS G 42 5.87 -16.03 36.25
N LEU G 43 5.80 -17.06 37.09
CA LEU G 43 6.41 -17.00 38.42
C LEU G 43 7.93 -16.86 38.31
N LEU G 44 8.54 -17.61 37.38
CA LEU G 44 9.98 -17.53 37.20
C LEU G 44 10.41 -16.15 36.74
N VAL G 45 9.72 -15.59 35.75
CA VAL G 45 10.10 -14.27 35.24
C VAL G 45 9.80 -13.19 36.28
N TYR G 46 8.77 -13.38 37.12
CA TYR G 46 8.51 -12.44 38.19
C TYR G 46 9.61 -12.44 39.23
N LEU G 47 10.14 -13.61 39.59
CA LEU G 47 11.27 -13.65 40.50
C LEU G 47 12.54 -13.10 39.86
N TRP G 48 12.73 -13.31 38.55
CA TRP G 48 13.90 -12.76 37.89
C TRP G 48 13.87 -11.24 37.89
N LYS G 49 12.75 -10.65 37.48
CA LYS G 49 12.63 -9.20 37.38
C LYS G 49 11.17 -8.81 37.54
N PRO G 50 10.76 -8.32 38.71
CA PRO G 50 9.37 -7.89 38.90
C PRO G 50 9.03 -6.76 37.94
N TRP G 51 7.78 -6.75 37.46
CA TRP G 51 7.31 -5.69 36.60
C TRP G 51 6.20 -4.85 37.23
N LEU G 52 5.23 -5.49 37.87
CA LEU G 52 4.04 -4.81 38.35
C LEU G 52 4.24 -4.06 39.67
N PRO G 53 4.94 -4.64 40.67
CA PRO G 53 5.13 -3.84 41.89
C PRO G 53 5.83 -2.51 41.64
N PRO H 3 -11.37 -42.69 6.33
CA PRO H 3 -11.32 -41.25 6.59
C PRO H 3 -12.20 -40.83 7.76
N ARG H 4 -12.00 -41.47 8.91
CA ARG H 4 -12.82 -41.19 10.08
C ARG H 4 -12.43 -39.91 10.80
N SER H 5 -11.33 -39.26 10.40
CA SER H 5 -10.92 -38.02 11.05
C SER H 5 -10.03 -37.24 10.10
N PRO H 6 -10.03 -35.91 10.17
CA PRO H 6 -9.17 -35.12 9.27
C PRO H 6 -7.70 -35.11 9.67
N VAL H 7 -7.33 -36.05 10.53
CA VAL H 7 -5.96 -36.15 11.05
C VAL H 7 -4.85 -36.20 10.01
N ARG H 8 -5.18 -36.69 8.82
CA ARG H 8 -4.18 -36.81 7.76
C ARG H 8 -3.92 -35.48 7.06
N THR H 9 -4.76 -34.49 7.32
CA THR H 9 -4.57 -33.15 6.75
C THR H 9 -4.21 -32.16 7.86
N ASN H 10 -4.70 -32.41 9.07
CA ASN H 10 -4.30 -31.63 10.24
C ASN H 10 -2.82 -31.81 10.52
N ILE H 11 -2.28 -33.00 10.24
CA ILE H 11 -0.87 -33.28 10.44
C ILE H 11 -0.01 -32.37 9.57
N VAL H 12 -0.42 -32.17 8.31
CA VAL H 12 0.32 -31.29 7.41
C VAL H 12 0.26 -29.85 7.90
N ILE H 13 -0.88 -29.42 8.44
CA ILE H 13 -0.99 -28.06 8.98
C ILE H 13 -0.03 -27.88 10.16
N PHE H 14 0.01 -28.87 11.05
CA PHE H 14 0.92 -28.79 12.20
C PHE H 14 2.38 -28.78 11.76
N THR H 15 2.72 -29.62 10.77
CA THR H 15 4.09 -29.65 10.26
C THR H 15 4.47 -28.32 9.61
N ILE H 16 3.58 -27.72 8.83
CA ILE H 16 3.89 -26.43 8.22
C ILE H 16 3.95 -25.33 9.27
N LEU H 17 3.31 -25.57 10.41
CA LEU H 17 3.37 -24.63 11.52
C LEU H 17 4.77 -24.69 12.11
N GLY H 18 5.33 -25.90 12.18
CA GLY H 18 6.67 -26.11 12.69
C GLY H 18 7.75 -25.43 11.89
N PHE H 19 7.70 -25.58 10.57
CA PHE H 19 8.71 -24.97 9.70
C PHE H 19 8.68 -23.46 9.79
N VAL H 20 7.48 -22.86 9.80
CA VAL H 20 7.38 -21.41 9.86
C VAL H 20 7.90 -20.88 11.18
N VAL H 21 7.55 -21.54 12.29
CA VAL H 21 8.07 -21.07 13.58
C VAL H 21 9.58 -21.21 13.65
N ALA H 22 10.12 -22.32 13.14
CA ALA H 22 11.58 -22.49 13.12
C ALA H 22 12.24 -21.41 12.27
N LEU H 23 11.67 -21.10 11.11
CA LEU H 23 12.21 -20.03 10.27
C LEU H 23 12.20 -18.69 10.99
N LEU H 24 11.09 -18.37 11.65
CA LEU H 24 10.98 -17.08 12.34
C LEU H 24 11.99 -16.97 13.46
N ILE H 25 12.11 -18.02 14.28
CA ILE H 25 13.05 -17.98 15.39
C ILE H 25 14.48 -17.91 14.87
N HIS H 26 14.79 -18.67 13.82
CA HIS H 26 16.12 -18.65 13.23
C HIS H 26 16.47 -17.25 12.74
N PHE H 27 15.55 -16.60 12.03
CA PHE H 27 15.81 -15.25 11.53
C PHE H 27 15.98 -14.26 12.67
N ILE H 28 15.14 -14.36 13.70
CA ILE H 28 15.25 -13.44 14.83
C ILE H 28 16.61 -13.59 15.52
N VAL H 29 17.05 -14.83 15.74
CA VAL H 29 18.36 -15.05 16.34
C VAL H 29 19.50 -14.62 15.44
N LEU H 30 19.38 -14.84 14.12
CA LEU H 30 20.40 -14.41 13.18
C LEU H 30 20.55 -12.90 13.08
N SER H 31 19.46 -12.15 13.27
CA SER H 31 19.52 -10.69 13.25
C SER H 31 20.02 -10.11 14.55
N SER H 32 20.27 -10.93 15.56
CA SER H 32 20.78 -10.43 16.83
C SER H 32 22.26 -10.06 16.66
N PRO H 33 22.65 -8.83 17.02
CA PRO H 33 24.09 -8.50 16.99
C PRO H 33 24.92 -9.44 17.86
N GLU H 34 24.35 -9.90 18.97
CA GLU H 34 25.06 -10.82 19.85
C GLU H 34 25.37 -12.14 19.15
N TYR H 35 24.41 -12.68 18.41
CA TYR H 35 24.45 -14.07 17.99
C TYR H 35 24.74 -14.25 16.51
N ASN H 36 25.09 -13.20 15.78
CA ASN H 36 25.39 -13.33 14.36
C ASN H 36 26.56 -14.27 14.14
N TRP H 37 26.30 -15.43 13.53
CA TRP H 37 27.34 -16.42 13.29
C TRP H 37 27.88 -16.38 11.88
N LEU H 38 27.27 -15.62 10.98
CA LEU H 38 27.74 -15.51 9.61
C LEU H 38 28.50 -14.22 9.39
N ASP I 4 -11.64 -52.68 9.35
CA ASP I 4 -10.33 -52.20 8.94
C ASP I 4 -9.51 -51.75 10.14
N ASP I 5 -10.18 -51.08 11.08
CA ASP I 5 -9.52 -50.60 12.30
C ASP I 5 -9.27 -51.76 13.27
N ASP I 6 -8.03 -52.24 13.31
CA ASP I 6 -7.68 -53.39 14.13
C ASP I 6 -6.66 -53.07 15.20
N LEU I 7 -5.54 -52.45 14.84
CA LEU I 7 -4.44 -52.21 15.77
C LEU I 7 -4.62 -50.93 16.59
N VAL I 8 -5.71 -50.20 16.37
CA VAL I 8 -5.95 -48.93 17.06
C VAL I 8 -6.35 -49.25 18.50
N PRO I 9 -6.10 -48.36 19.46
CA PRO I 9 -6.60 -48.53 20.81
C PRO I 9 -8.13 -48.53 20.80
N PRO I 10 -8.77 -49.19 21.77
CA PRO I 10 -10.24 -49.32 21.70
C PRO I 10 -10.99 -48.02 21.91
N LYS I 11 -10.43 -47.09 22.68
CA LYS I 11 -11.11 -45.82 22.89
C LYS I 11 -11.09 -44.97 21.62
N TRP I 12 -9.96 -44.96 20.92
CA TRP I 12 -9.85 -44.14 19.72
C TRP I 12 -10.25 -44.94 18.49
N ARG I 13 -11.38 -45.65 18.58
CA ARG I 13 -11.96 -46.35 17.43
C ARG I 13 -12.79 -45.41 16.57
N PRO I 14 -13.66 -44.57 17.14
CA PRO I 14 -14.45 -43.65 16.28
C PRO I 14 -13.59 -42.69 15.47
N LEU I 15 -12.38 -42.37 15.96
CA LEU I 15 -11.53 -41.41 15.28
C LEU I 15 -10.46 -42.03 14.41
N PHE I 16 -9.78 -43.07 14.89
CA PHE I 16 -8.60 -43.60 14.21
C PHE I 16 -8.89 -45.00 13.69
N ASN I 17 -8.83 -45.17 12.38
CA ASN I 17 -8.70 -46.47 11.77
C ASN I 17 -7.21 -46.80 11.67
N ASN I 18 -6.90 -47.96 11.08
CA ASN I 18 -5.50 -48.39 11.02
C ASN I 18 -4.65 -47.40 10.24
N GLN I 19 -5.17 -46.91 9.11
CA GLN I 19 -4.38 -46.04 8.24
C GLN I 19 -3.95 -44.77 8.96
N ASP I 20 -4.90 -44.09 9.60
CA ASP I 20 -4.59 -42.82 10.24
C ASP I 20 -3.84 -43.02 11.56
N TRP I 21 -4.17 -44.08 12.30
CA TRP I 21 -3.48 -44.32 13.56
C TRP I 21 -2.00 -44.67 13.35
N LEU I 22 -1.68 -45.45 12.32
CA LEU I 22 -0.27 -45.72 12.03
C LEU I 22 0.48 -44.47 11.61
N LEU I 23 -0.22 -43.43 11.14
CA LEU I 23 0.42 -42.15 10.85
C LEU I 23 0.56 -41.30 12.09
N HIS I 24 -0.44 -41.30 12.97
CA HIS I 24 -0.32 -40.62 14.25
C HIS I 24 0.82 -41.19 15.08
N ASP I 25 1.05 -42.50 15.02
CA ASP I 25 2.16 -43.10 15.75
C ASP I 25 3.51 -42.55 15.29
N ILE I 26 3.75 -42.52 13.97
CA ILE I 26 5.04 -42.04 13.48
C ILE I 26 5.19 -40.55 13.73
N VAL I 27 4.10 -39.78 13.62
CA VAL I 27 4.20 -38.36 13.92
C VAL I 27 4.52 -38.13 15.39
N VAL I 28 3.90 -38.90 16.29
CA VAL I 28 4.19 -38.78 17.71
C VAL I 28 5.65 -39.12 17.99
N LYS I 29 6.15 -40.19 17.37
CA LYS I 29 7.55 -40.57 17.55
C LYS I 29 8.49 -39.48 17.05
N SER I 30 8.21 -38.94 15.87
CA SER I 30 9.08 -37.93 15.28
C SER I 30 9.03 -36.64 16.09
N PHE I 31 7.95 -36.41 16.79
CA PHE I 31 7.90 -35.26 17.61
C PHE I 31 8.96 -35.32 18.64
N TYR I 32 9.31 -36.52 19.04
CA TYR I 32 10.38 -36.69 20.00
C TYR I 32 11.71 -36.92 19.27
N GLY I 33 11.65 -37.10 17.97
CA GLY I 33 12.84 -37.15 17.13
C GLY I 33 13.14 -35.74 16.59
N PHE I 34 12.23 -34.80 16.87
CA PHE I 34 12.34 -33.36 16.64
C PHE I 34 12.12 -32.67 18.00
N GLY I 35 12.26 -33.43 19.05
CA GLY I 35 12.12 -32.94 20.34
C GLY I 35 13.55 -33.10 20.68
N VAL I 36 13.89 -34.20 21.32
CA VAL I 36 15.22 -34.47 21.91
C VAL I 36 16.43 -33.88 21.30
N ILE I 37 16.40 -33.75 20.04
CA ILE I 37 17.47 -33.13 19.26
C ILE I 37 17.49 -31.62 19.50
N ALA I 38 16.31 -31.00 19.48
CA ALA I 38 16.22 -29.57 19.71
C ALA I 38 16.66 -29.18 21.12
N ALA I 39 16.32 -29.99 22.12
CA ALA I 39 16.77 -29.72 23.48
C ALA I 39 18.28 -29.83 23.59
N ILE I 40 18.88 -30.82 22.94
CA ILE I 40 20.34 -30.93 22.94
C ILE I 40 20.95 -29.69 22.30
N ALA I 41 20.39 -29.24 21.18
CA ALA I 41 20.89 -28.04 20.52
C ALA I 41 20.78 -26.82 21.43
N HIS I 42 19.64 -26.61 22.03
CA HIS I 42 19.54 -25.46 22.92
C HIS I 42 20.53 -25.60 24.05
N LEU I 43 20.70 -26.76 24.70
CA LEU I 43 21.69 -26.89 25.78
C LEU I 43 23.07 -26.50 25.28
N LEU I 44 23.44 -26.91 24.06
CA LEU I 44 24.74 -26.54 23.52
C LEU I 44 24.85 -25.04 23.31
N VAL I 45 23.81 -24.40 22.81
CA VAL I 45 23.86 -22.97 22.54
C VAL I 45 23.84 -22.18 23.84
N TYR I 46 23.23 -22.75 24.88
CA TYR I 46 23.17 -22.05 26.17
C TYR I 46 24.56 -21.85 26.76
N LEU I 47 25.39 -22.89 26.78
CA LEU I 47 26.74 -22.73 27.29
C LEU I 47 27.67 -22.25 26.18
N TRP I 48 27.25 -21.23 25.45
CA TRP I 48 28.11 -20.51 24.52
C TRP I 48 28.07 -19.04 24.91
N LYS I 49 26.86 -18.49 24.99
CA LYS I 49 26.53 -17.26 25.69
C LYS I 49 25.09 -17.32 26.15
N PRO I 50 24.83 -17.40 27.46
CA PRO I 50 23.44 -17.49 27.94
C PRO I 50 22.65 -16.24 27.56
N TRP I 51 21.47 -16.46 26.98
CA TRP I 51 20.56 -15.34 26.70
C TRP I 51 19.85 -14.90 27.98
N LEU I 52 19.63 -15.82 28.91
CA LEU I 52 18.87 -15.47 30.10
C LEU I 52 19.70 -15.74 31.36
N PRO I 53 19.60 -14.86 32.37
CA PRO I 53 20.31 -15.01 33.65
C PRO I 53 19.77 -16.15 34.51
N SER J 5 -7.06 -43.77 -2.59
CA SER J 5 -5.66 -44.16 -2.75
C SER J 5 -4.77 -43.43 -1.75
N PRO J 6 -3.67 -44.06 -1.37
CA PRO J 6 -2.73 -43.43 -0.42
C PRO J 6 -2.20 -42.09 -0.91
N VAL J 7 -2.02 -41.15 0.01
CA VAL J 7 -1.45 -39.85 -0.34
C VAL J 7 0.02 -40.03 -0.65
N ARG J 8 0.42 -39.60 -1.86
CA ARG J 8 1.82 -39.69 -2.29
C ARG J 8 2.21 -38.33 -2.87
N THR J 9 1.57 -37.29 -2.33
CA THR J 9 1.83 -35.92 -2.78
C THR J 9 2.90 -35.25 -1.94
N ASN J 10 3.30 -35.90 -0.85
CA ASN J 10 4.32 -35.37 0.04
C ASN J 10 5.68 -35.29 -0.64
N ILE J 11 5.96 -36.28 -1.50
CA ILE J 11 7.22 -36.32 -2.23
C ILE J 11 7.46 -35.05 -3.03
N VAL J 12 6.43 -34.56 -3.70
CA VAL J 12 6.55 -33.35 -4.50
C VAL J 12 6.74 -32.10 -3.64
N ILE J 13 5.92 -31.92 -2.60
CA ILE J 13 6.07 -30.75 -1.74
C ILE J 13 7.42 -30.79 -1.03
N PHE J 14 7.91 -31.99 -0.74
CA PHE J 14 9.15 -32.16 0.02
C PHE J 14 10.36 -31.83 -0.85
N THR J 15 10.31 -32.21 -2.13
CA THR J 15 11.38 -31.81 -3.06
C THR J 15 11.42 -30.28 -3.21
N ILE J 16 10.25 -29.66 -3.34
CA ILE J 16 10.17 -28.20 -3.47
C ILE J 16 10.66 -27.50 -2.21
N LEU J 17 10.31 -28.03 -1.04
CA LEU J 17 10.81 -27.48 0.22
C LEU J 17 12.32 -27.58 0.29
N GLY J 18 12.88 -28.72 -0.13
CA GLY J 18 14.33 -28.84 -0.17
C GLY J 18 14.98 -27.81 -1.06
N PHE J 19 14.43 -27.62 -2.26
CA PHE J 19 14.98 -26.63 -3.18
C PHE J 19 14.92 -25.23 -2.57
N VAL J 20 13.78 -24.87 -1.98
CA VAL J 20 13.62 -23.52 -1.42
C VAL J 20 14.57 -23.31 -0.26
N VAL J 21 14.67 -24.28 0.65
CA VAL J 21 15.53 -24.11 1.82
C VAL J 21 17.00 -24.06 1.40
N ALA J 22 17.41 -24.89 0.46
CA ALA J 22 18.78 -24.84 -0.06
C ALA J 22 19.10 -23.53 -0.74
N LEU J 23 18.17 -22.98 -1.52
CA LEU J 23 18.36 -21.69 -2.19
C LEU J 23 18.37 -20.53 -1.21
N LEU J 24 17.66 -20.66 -0.08
CA LEU J 24 17.62 -19.65 0.97
C LEU J 24 18.99 -19.42 1.61
N ILE J 25 19.68 -20.48 2.02
CA ILE J 25 20.92 -20.33 2.75
C ILE J 25 22.08 -20.24 1.77
N HIS J 26 21.80 -20.46 0.48
CA HIS J 26 22.78 -20.14 -0.55
C HIS J 26 22.73 -18.66 -0.92
N PHE J 27 21.74 -17.92 -0.42
CA PHE J 27 21.55 -16.51 -0.69
C PHE J 27 22.01 -15.74 0.54
N ILE J 28 21.59 -16.22 1.71
CA ILE J 28 21.98 -15.60 2.96
C ILE J 28 23.50 -15.61 3.13
N VAL J 29 24.15 -16.73 2.77
CA VAL J 29 25.61 -16.82 2.85
C VAL J 29 26.31 -15.88 1.87
N LEU J 30 25.78 -15.73 0.66
CA LEU J 30 26.24 -14.69 -0.25
C LEU J 30 26.14 -13.29 0.32
N SER J 31 25.03 -12.97 1.00
CA SER J 31 24.86 -11.61 1.50
C SER J 31 25.94 -11.23 2.50
N SER J 32 26.50 -12.21 3.20
CA SER J 32 27.56 -11.93 4.17
C SER J 32 28.86 -11.62 3.46
N PRO J 33 29.46 -10.45 3.68
CA PRO J 33 30.72 -10.12 2.98
C PRO J 33 31.88 -11.06 3.29
N GLU J 34 31.96 -11.55 4.52
CA GLU J 34 33.10 -12.39 4.89
C GLU J 34 32.98 -13.79 4.28
N TYR J 35 31.76 -14.32 4.22
CA TYR J 35 31.53 -15.66 3.70
C TYR J 35 31.27 -15.67 2.20
N ASN J 36 31.45 -14.54 1.54
CA ASN J 36 31.32 -14.47 0.09
C ASN J 36 32.45 -15.27 -0.57
N TRP J 37 32.14 -15.82 -1.74
CA TRP J 37 33.12 -16.57 -2.51
C TRP J 37 33.19 -16.05 -3.95
N LEU J 38 32.67 -14.85 -4.19
CA LEU J 38 32.46 -14.37 -5.55
C LEU J 38 33.10 -13.01 -5.76
N SER J 39 34.03 -12.61 -4.89
CA SER J 39 34.71 -11.33 -5.04
C SER J 39 36.00 -11.49 -5.82
N ASN J 40 36.90 -12.33 -5.33
CA ASN J 40 38.17 -12.58 -5.99
C ASN J 40 38.86 -13.81 -5.41
N ASP K 4 -2.36 -54.64 -5.62
CA ASP K 4 -1.42 -54.78 -6.72
C ASP K 4 0.02 -54.73 -6.22
N ASP K 5 0.25 -55.26 -5.02
CA ASP K 5 1.55 -55.23 -4.37
C ASP K 5 1.91 -56.61 -3.83
N ASP K 6 3.19 -56.94 -3.91
CA ASP K 6 3.70 -58.22 -3.43
C ASP K 6 5.18 -58.08 -3.08
N LEU K 7 5.59 -56.87 -2.71
CA LEU K 7 6.96 -56.60 -2.34
C LEU K 7 7.07 -55.73 -1.10
N VAL K 8 6.02 -54.96 -0.83
CA VAL K 8 5.99 -54.07 0.34
C VAL K 8 5.99 -54.88 1.64
N PRO K 9 6.56 -54.30 2.71
CA PRO K 9 6.60 -55.02 4.00
C PRO K 9 5.21 -55.16 4.60
N PRO K 10 4.98 -56.23 5.37
CA PRO K 10 3.61 -56.55 5.82
C PRO K 10 2.86 -55.40 6.48
N LYS K 11 3.54 -54.58 7.28
CA LYS K 11 2.82 -53.62 8.11
C LYS K 11 2.34 -52.43 7.28
N TRP K 12 3.03 -52.12 6.19
CA TRP K 12 2.66 -51.02 5.31
C TRP K 12 1.80 -51.43 4.12
N ARG K 13 1.40 -52.69 4.02
CA ARG K 13 0.56 -53.13 2.89
C ARG K 13 -0.76 -52.37 2.78
N PRO K 14 -1.57 -52.23 3.85
CA PRO K 14 -2.89 -51.61 3.68
C PRO K 14 -2.81 -50.16 3.25
N LEU K 15 -1.68 -49.51 3.52
CA LEU K 15 -1.52 -48.11 3.15
C LEU K 15 -1.32 -47.92 1.65
N PHE K 16 -0.24 -48.49 1.11
CA PHE K 16 0.21 -48.22 -0.24
C PHE K 16 0.70 -49.48 -0.94
N ASN K 17 0.68 -49.42 -2.27
CA ASN K 17 0.95 -50.58 -3.11
C ASN K 17 2.41 -50.59 -3.55
N ASN K 18 2.71 -51.48 -4.50
CA ASN K 18 4.06 -51.57 -5.05
C ASN K 18 4.45 -50.29 -5.78
N GLN K 19 3.52 -49.74 -6.55
CA GLN K 19 3.79 -48.58 -7.40
C GLN K 19 4.29 -47.39 -6.60
N ASP K 20 3.62 -47.05 -5.51
CA ASP K 20 3.96 -45.86 -4.74
C ASP K 20 5.04 -46.10 -3.70
N TRP K 21 5.37 -47.35 -3.39
CA TRP K 21 6.45 -47.61 -2.44
C TRP K 21 7.78 -47.90 -3.12
N LEU K 22 7.75 -48.31 -4.38
CA LEU K 22 9.00 -48.44 -5.12
C LEU K 22 9.69 -47.10 -5.34
N LEU K 23 8.94 -46.03 -5.65
CA LEU K 23 9.55 -44.71 -5.75
C LEU K 23 9.79 -44.09 -4.38
N HIS K 24 9.04 -44.53 -3.37
CA HIS K 24 9.39 -44.22 -1.97
C HIS K 24 10.38 -45.27 -1.47
N ASP K 25 11.35 -45.56 -2.34
CA ASP K 25 12.63 -46.15 -1.95
C ASP K 25 13.68 -45.36 -2.72
N ILE K 26 13.30 -44.87 -3.90
CA ILE K 26 14.17 -43.97 -4.65
C ILE K 26 14.38 -42.67 -3.90
N VAL K 27 13.29 -42.13 -3.35
CA VAL K 27 13.42 -40.88 -2.60
C VAL K 27 14.23 -41.09 -1.32
N VAL K 28 14.06 -42.23 -0.65
CA VAL K 28 14.88 -42.46 0.54
C VAL K 28 16.34 -42.68 0.19
N LYS K 29 16.64 -43.32 -0.95
CA LYS K 29 18.02 -43.44 -1.39
C LYS K 29 18.61 -42.08 -1.76
N SER K 30 17.78 -41.18 -2.29
CA SER K 30 18.25 -39.83 -2.54
C SER K 30 18.56 -39.10 -1.23
N PHE K 31 17.63 -39.17 -0.27
CA PHE K 31 17.82 -38.49 1.01
C PHE K 31 19.07 -38.99 1.73
N TYR K 32 19.21 -40.31 1.84
CA TYR K 32 20.41 -40.90 2.39
C TYR K 32 21.47 -40.98 1.30
N GLY K 33 22.45 -40.10 1.37
CA GLY K 33 23.40 -39.90 0.30
C GLY K 33 23.47 -38.43 -0.06
N PHE K 34 22.30 -37.80 0.05
CA PHE K 34 22.18 -36.37 -0.06
C PHE K 34 22.73 -35.92 1.30
N GLY K 35 22.43 -36.69 2.36
CA GLY K 35 22.95 -36.42 3.69
C GLY K 35 24.46 -36.54 3.80
N VAL K 36 25.04 -37.59 3.21
CA VAL K 36 26.49 -37.76 3.33
C VAL K 36 27.22 -36.71 2.51
N ILE K 37 26.71 -36.38 1.32
CA ILE K 37 27.34 -35.33 0.54
C ILE K 37 27.25 -34.01 1.28
N ALA K 38 26.11 -33.74 1.92
CA ALA K 38 25.97 -32.51 2.70
C ALA K 38 26.94 -32.49 3.88
N ALA K 39 27.11 -33.62 4.55
CA ALA K 39 28.03 -33.67 5.69
C ALA K 39 29.47 -33.43 5.27
N ILE K 40 29.91 -34.08 4.19
CA ILE K 40 31.30 -33.91 3.75
C ILE K 40 31.53 -32.48 3.25
N ALA K 41 30.53 -31.91 2.56
CA ALA K 41 30.64 -30.53 2.10
C ALA K 41 30.68 -29.57 3.28
N HIS K 42 29.86 -29.84 4.31
CA HIS K 42 29.82 -28.98 5.50
C HIS K 42 31.15 -29.00 6.23
N LEU K 43 31.79 -30.18 6.34
CA LEU K 43 33.04 -30.25 7.08
C LEU K 43 34.15 -29.44 6.42
N LEU K 44 34.20 -29.41 5.08
CA LEU K 44 35.19 -28.58 4.40
C LEU K 44 35.02 -27.10 4.73
N VAL K 45 33.78 -26.61 4.76
CA VAL K 45 33.55 -25.22 5.11
C VAL K 45 33.87 -24.96 6.58
N TYR K 46 33.54 -25.92 7.46
CA TYR K 46 33.85 -25.75 8.87
C TYR K 46 35.35 -25.73 9.12
N LEU K 47 36.13 -26.44 8.31
CA LEU K 47 37.58 -26.30 8.38
C LEU K 47 38.03 -24.97 7.77
N TRP K 48 37.33 -24.50 6.74
CA TRP K 48 37.67 -23.23 6.11
C TRP K 48 37.57 -22.09 7.10
N LYS K 49 36.37 -21.82 7.60
CA LYS K 49 36.14 -20.84 8.65
C LYS K 49 35.03 -21.34 9.57
N PRO K 50 35.35 -21.70 10.80
CA PRO K 50 34.31 -22.07 11.76
C PRO K 50 33.31 -20.94 11.95
N TRP K 51 32.02 -21.29 12.03
CA TRP K 51 31.01 -20.27 12.22
C TRP K 51 30.42 -20.30 13.63
N LEU K 52 30.62 -21.38 14.37
CA LEU K 52 30.37 -21.37 15.81
C LEU K 52 31.63 -21.81 16.53
N PRO K 53 32.16 -20.97 17.45
CA PRO K 53 33.28 -21.37 18.30
C PRO K 53 32.81 -21.90 19.66
N LYS L 5 -28.49 -24.77 -7.13
CA LYS L 5 -27.51 -25.84 -7.12
C LYS L 5 -26.64 -25.78 -5.86
N ALA L 6 -27.00 -26.60 -4.86
CA ALA L 6 -26.25 -26.71 -3.62
C ALA L 6 -26.11 -25.36 -2.94
N LYS L 7 -27.23 -24.80 -2.45
CA LYS L 7 -27.25 -23.43 -1.98
C LYS L 7 -27.25 -23.35 -0.45
N ASP L 8 -26.49 -24.23 0.21
CA ASP L 8 -26.11 -24.06 1.62
C ASP L 8 -27.30 -23.79 2.55
N PRO L 9 -28.07 -24.82 2.91
CA PRO L 9 -29.33 -24.57 3.63
C PRO L 9 -29.17 -23.79 4.93
N ARG L 10 -28.04 -23.92 5.63
CA ARG L 10 -27.90 -23.35 6.96
C ARG L 10 -27.46 -21.90 6.97
N PHE L 11 -27.61 -21.18 5.85
CA PHE L 11 -27.24 -19.78 5.77
C PHE L 11 -28.30 -19.03 5.01
N PRO L 12 -28.46 -17.72 5.25
CA PRO L 12 -29.47 -16.94 4.53
C PRO L 12 -29.20 -16.91 3.02
N ASP L 13 -30.29 -16.77 2.26
CA ASP L 13 -30.24 -16.93 0.81
C ASP L 13 -29.37 -15.88 0.11
N PHE L 14 -29.79 -14.62 0.13
CA PHE L 14 -29.08 -13.52 -0.53
C PHE L 14 -28.91 -13.69 -2.04
N SER L 15 -29.61 -14.66 -2.64
CA SER L 15 -29.42 -14.99 -4.05
C SER L 15 -30.71 -14.79 -4.83
N PHE L 16 -30.58 -14.71 -6.16
CA PHE L 16 -31.70 -14.45 -7.06
C PHE L 16 -32.62 -15.67 -7.19
N THR L 17 -33.78 -15.48 -7.81
CA THR L 17 -34.80 -16.53 -7.87
C THR L 17 -35.27 -16.87 -9.26
N VAL L 18 -35.27 -15.91 -10.20
CA VAL L 18 -35.86 -16.08 -11.53
C VAL L 18 -37.36 -16.31 -11.37
N VAL L 19 -38.16 -15.30 -11.73
CA VAL L 19 -39.48 -15.14 -11.11
C VAL L 19 -40.42 -16.29 -11.41
N GLU L 20 -40.91 -16.37 -12.66
CA GLU L 20 -41.67 -17.54 -13.05
C GLU L 20 -41.18 -18.17 -14.34
N GLY L 21 -41.19 -17.38 -15.42
CA GLY L 21 -40.97 -17.91 -16.75
C GLY L 21 -40.17 -17.00 -17.65
N ALA L 22 -39.26 -16.21 -17.08
CA ALA L 22 -38.45 -15.26 -17.84
C ALA L 22 -37.23 -16.00 -18.34
N ARG L 23 -37.46 -17.12 -19.00
CA ARG L 23 -36.37 -17.91 -19.59
C ARG L 23 -36.82 -18.45 -20.95
N ALA L 24 -38.13 -18.46 -21.18
CA ALA L 24 -38.71 -18.97 -22.41
C ALA L 24 -39.18 -17.85 -23.34
N THR L 25 -39.03 -16.60 -22.94
CA THR L 25 -39.37 -15.46 -23.77
C THR L 25 -38.21 -15.07 -24.70
N ARG L 26 -37.28 -15.99 -24.91
CA ARG L 26 -36.08 -15.73 -25.70
C ARG L 26 -36.32 -16.13 -27.14
N VAL L 27 -36.47 -15.14 -28.02
CA VAL L 27 -36.58 -15.39 -29.45
C VAL L 27 -35.18 -15.67 -30.00
N PRO L 28 -35.01 -16.68 -30.86
CA PRO L 28 -33.66 -17.09 -31.25
C PRO L 28 -32.96 -16.13 -32.20
N GLY L 29 -33.62 -15.03 -32.55
CA GLY L 29 -33.01 -14.08 -33.48
C GLY L 29 -33.05 -12.65 -32.98
N GLY L 30 -33.76 -12.42 -31.90
CA GLY L 30 -33.89 -11.07 -31.35
C GLY L 30 -35.11 -10.37 -31.90
N ARG L 31 -35.82 -9.66 -31.03
CA ARG L 31 -36.98 -8.88 -31.42
C ARG L 31 -36.53 -7.52 -31.95
N THR L 32 -37.42 -6.89 -32.71
CA THR L 32 -37.17 -5.54 -33.20
C THR L 32 -37.58 -4.53 -32.13
N ILE L 33 -37.19 -3.28 -32.36
CA ILE L 33 -37.61 -2.20 -31.47
C ILE L 33 -39.12 -1.96 -31.55
N GLU L 34 -39.77 -2.40 -32.63
CA GLU L 34 -41.18 -2.12 -32.82
C GLU L 34 -42.06 -2.91 -31.85
N GLU L 35 -41.76 -4.19 -31.65
CA GLU L 35 -42.58 -5.00 -30.75
C GLU L 35 -42.19 -4.76 -29.30
N ILE L 36 -40.90 -4.53 -29.03
CA ILE L 36 -40.42 -4.48 -27.66
C ILE L 36 -40.98 -3.28 -26.91
N GLU L 37 -40.94 -2.12 -27.54
CA GLU L 37 -41.19 -0.85 -26.86
C GLU L 37 -42.60 -0.73 -26.31
N PRO L 38 -43.66 -1.05 -27.08
CA PRO L 38 -45.02 -0.94 -26.51
C PRO L 38 -45.32 -1.95 -25.40
N GLU L 39 -44.53 -3.02 -25.29
CA GLU L 39 -44.84 -4.06 -24.31
C GLU L 39 -44.79 -3.53 -22.88
N TYR L 40 -43.71 -2.83 -22.54
CA TYR L 40 -43.48 -2.39 -21.17
C TYR L 40 -43.70 -0.89 -20.98
N LYS L 41 -44.60 -0.28 -21.75
CA LYS L 41 -45.00 1.10 -21.49
C LYS L 41 -46.20 1.16 -20.56
N ILE L 42 -46.06 0.64 -19.34
CA ILE L 42 -47.16 0.74 -18.38
C ILE L 42 -47.27 2.19 -17.93
N LYS L 43 -48.50 2.65 -17.70
CA LYS L 43 -48.74 4.03 -17.32
C LYS L 43 -48.87 4.11 -15.80
N GLY L 44 -47.75 4.33 -15.12
CA GLY L 44 -47.77 4.46 -13.68
C GLY L 44 -46.44 4.05 -13.08
N ARG L 45 -46.47 3.80 -11.77
CA ARG L 45 -45.30 3.43 -11.00
C ARG L 45 -44.17 4.45 -11.16
N THR L 46 -44.40 5.67 -10.68
CA THR L 46 -43.41 6.73 -10.66
C THR L 46 -43.30 7.24 -9.24
N THR L 47 -42.09 7.63 -8.84
CA THR L 47 -41.88 8.24 -7.52
C THR L 47 -42.46 9.66 -7.57
N PHE L 48 -43.77 9.71 -7.83
CA PHE L 48 -44.65 10.88 -7.96
C PHE L 48 -46.03 10.45 -8.31
N SER L 49 -46.12 9.50 -9.17
CA SER L 49 -47.41 8.90 -9.47
C SER L 49 -47.98 8.10 -8.30
N ALA L 50 -47.13 7.68 -7.36
CA ALA L 50 -47.61 6.96 -6.19
C ALA L 50 -48.10 7.92 -5.11
N ILE L 51 -47.32 8.96 -4.83
CA ILE L 51 -47.70 9.95 -3.83
C ILE L 51 -48.86 10.79 -4.35
N PHE L 52 -48.64 11.48 -5.46
CA PHE L 52 -49.67 12.28 -6.13
C PHE L 52 -50.24 11.44 -7.27
N ARG L 53 -51.53 11.13 -7.17
CA ARG L 53 -52.18 10.08 -7.95
C ARG L 53 -51.93 10.19 -9.45
N TYR L 54 -51.95 11.37 -10.00
CA TYR L 54 -51.89 11.42 -11.42
C TYR L 54 -51.31 12.63 -12.10
N ASP L 55 -50.01 12.41 -12.30
CA ASP L 55 -48.88 13.16 -12.84
C ASP L 55 -48.50 13.09 -14.28
N PRO L 56 -47.78 14.20 -14.84
CA PRO L 56 -47.36 13.76 -16.16
C PRO L 56 -45.89 14.01 -16.62
N PHE L 57 -45.74 15.00 -17.54
CA PHE L 57 -44.57 15.55 -18.27
C PHE L 57 -44.34 15.00 -19.67
N ASP L 58 -45.45 14.89 -20.44
CA ASP L 58 -45.56 14.41 -21.81
C ASP L 58 -44.60 13.33 -22.02
N PHE L 59 -44.78 12.23 -21.29
CA PHE L 59 -43.78 11.21 -21.23
C PHE L 59 -43.34 10.65 -22.48
N TRP L 60 -42.03 10.35 -22.56
CA TRP L 60 -41.37 9.77 -23.73
C TRP L 60 -41.43 10.63 -25.00
N VAL L 61 -40.43 11.49 -25.15
CA VAL L 61 -40.33 12.36 -26.32
C VAL L 61 -39.17 11.87 -27.18
N GLY L 62 -39.37 10.71 -27.80
CA GLY L 62 -38.38 10.08 -28.61
C GLY L 62 -37.99 8.86 -27.91
N PRO L 63 -36.76 8.76 -27.63
CA PRO L 63 -36.30 7.67 -26.87
C PRO L 63 -36.31 8.07 -25.47
N PHE L 64 -36.38 9.33 -25.10
CA PHE L 64 -36.27 9.66 -23.70
C PHE L 64 -37.50 9.80 -22.81
N TYR L 65 -37.50 9.35 -21.54
CA TYR L 65 -38.61 9.42 -20.59
C TYR L 65 -38.50 10.71 -19.82
N VAL L 66 -39.45 11.63 -20.00
CA VAL L 66 -39.30 12.99 -19.50
C VAL L 66 -39.34 13.01 -17.98
N GLY L 67 -40.49 12.71 -17.40
CA GLY L 67 -40.62 12.64 -15.96
C GLY L 67 -40.49 13.98 -15.26
N PHE L 68 -41.03 14.04 -14.05
CA PHE L 68 -40.91 15.20 -13.17
C PHE L 68 -39.46 15.49 -12.83
N TRP L 69 -38.73 14.45 -12.43
CA TRP L 69 -37.30 14.60 -12.15
C TRP L 69 -36.50 14.92 -13.39
N GLY L 70 -36.91 14.44 -14.55
CA GLY L 70 -36.29 14.88 -15.79
C GLY L 70 -36.49 16.37 -16.02
N PHE L 71 -37.69 16.88 -15.72
CA PHE L 71 -37.93 18.31 -15.82
C PHE L 71 -37.04 19.09 -14.86
N VAL L 72 -36.92 18.60 -13.62
CA VAL L 72 -36.05 19.25 -12.64
C VAL L 72 -34.60 19.28 -13.14
N SER L 73 -34.12 18.15 -13.66
CA SER L 73 -32.77 18.07 -14.21
C SER L 73 -32.59 18.96 -15.43
N VAL L 74 -33.61 19.11 -16.28
CA VAL L 74 -33.51 20.01 -17.42
C VAL L 74 -33.36 21.46 -16.96
N ILE L 75 -34.15 21.86 -15.96
CA ILE L 75 -34.03 23.22 -15.44
C ILE L 75 -32.63 23.46 -14.89
N GLY L 76 -32.16 22.52 -14.06
CA GLY L 76 -30.82 22.64 -13.51
C GLY L 76 -29.74 22.67 -14.58
N ILE L 77 -29.87 21.82 -15.60
CA ILE L 77 -28.88 21.77 -16.67
C ILE L 77 -28.84 23.09 -17.41
N ILE L 78 -30.01 23.63 -17.77
CA ILE L 78 -30.06 24.88 -18.51
C ILE L 78 -29.37 25.98 -17.72
N PHE L 79 -29.74 26.15 -16.45
CA PHE L 79 -29.19 27.28 -15.71
C PHE L 79 -27.71 27.11 -15.38
N GLY L 80 -27.33 25.92 -14.92
CA GLY L 80 -25.92 25.69 -14.60
C GLY L 80 -25.03 25.81 -15.81
N SER L 81 -25.45 25.25 -16.94
CA SER L 81 -24.67 25.36 -18.17
C SER L 81 -24.57 26.79 -18.64
N TYR L 82 -25.67 27.57 -18.55
CA TYR L 82 -25.59 28.98 -18.90
C TYR L 82 -24.51 29.69 -18.07
N PHE L 83 -24.56 29.54 -16.75
CA PHE L 83 -23.60 30.22 -15.89
C PHE L 83 -22.17 29.77 -16.18
N TYR L 84 -21.96 28.45 -16.28
CA TYR L 84 -20.63 27.91 -16.50
C TYR L 84 -20.05 28.37 -17.82
N ILE L 85 -20.81 28.29 -18.91
CA ILE L 85 -20.30 28.75 -20.18
C ILE L 85 -20.04 30.26 -20.13
N ASN L 86 -20.99 31.03 -19.59
CA ASN L 86 -20.90 32.49 -19.67
C ASN L 86 -19.67 33.01 -18.94
N GLU L 87 -19.26 32.37 -17.84
CA GLU L 87 -18.00 32.84 -17.28
C GLU L 87 -16.90 31.79 -17.27
N THR L 88 -16.92 30.86 -18.22
CA THR L 88 -15.72 30.09 -18.50
C THR L 88 -15.21 30.31 -19.92
N ILE L 89 -16.09 30.25 -20.91
CA ILE L 89 -15.70 30.32 -22.31
C ILE L 89 -15.87 31.75 -22.80
N LEU L 90 -16.97 32.39 -22.41
CA LEU L 90 -17.24 33.75 -22.86
C LEU L 90 -16.20 34.73 -22.32
N LYS L 91 -15.83 34.60 -21.06
CA LYS L 91 -14.88 35.49 -20.40
C LYS L 91 -13.70 34.66 -19.92
N GLY L 92 -12.54 34.84 -20.57
CA GLY L 92 -11.36 34.09 -20.21
C GLY L 92 -10.09 34.71 -20.74
N PRO L 93 -8.98 33.98 -20.63
CA PRO L 93 -7.69 34.54 -21.04
C PRO L 93 -7.49 34.67 -22.53
N TYR L 94 -7.91 33.69 -23.32
CA TYR L 94 -7.63 33.70 -24.75
C TYR L 94 -8.94 33.55 -25.52
N SER L 95 -8.82 33.32 -26.83
CA SER L 95 -9.94 33.22 -27.75
C SER L 95 -10.89 32.07 -27.37
N ILE L 96 -12.12 32.12 -27.89
CA ILE L 96 -13.14 31.16 -27.46
C ILE L 96 -12.74 29.72 -27.72
N PRO L 97 -12.23 29.35 -28.91
CA PRO L 97 -11.71 27.97 -29.05
C PRO L 97 -10.65 27.63 -28.03
N GLN L 98 -9.75 28.56 -27.73
CA GLN L 98 -8.68 28.27 -26.77
C GLN L 98 -9.17 28.48 -25.34
N ASN L 99 -10.25 29.25 -25.17
CA ASN L 99 -10.79 29.49 -23.84
C ASN L 99 -11.44 28.25 -23.25
N PHE L 100 -11.81 27.28 -24.08
CA PHE L 100 -12.42 26.04 -23.62
C PHE L 100 -11.46 25.32 -22.67
N PHE L 101 -10.18 25.27 -23.04
CA PHE L 101 -9.20 24.61 -22.21
C PHE L 101 -8.82 25.45 -20.99
N ALA L 102 -8.71 26.77 -21.18
CA ALA L 102 -8.07 27.62 -20.18
C ALA L 102 -9.04 28.42 -19.32
N GLY L 103 -10.34 28.41 -19.64
CA GLY L 103 -11.29 29.17 -18.84
C GLY L 103 -11.47 28.60 -17.44
N ARG L 104 -11.79 29.49 -16.49
CA ARG L 104 -11.91 29.08 -15.10
C ARG L 104 -13.00 29.86 -14.40
N ILE L 105 -13.54 29.26 -13.34
CA ILE L 105 -14.45 29.90 -12.39
C ILE L 105 -13.90 29.63 -11.00
N ASP L 106 -13.73 30.69 -10.21
CA ASP L 106 -13.04 30.50 -8.94
C ASP L 106 -14.02 30.55 -7.76
N PRO L 107 -13.74 29.81 -6.70
CA PRO L 107 -14.63 29.80 -5.52
C PRO L 107 -14.65 31.17 -4.85
N PRO L 108 -15.64 31.42 -3.99
CA PRO L 108 -15.72 32.70 -3.28
C PRO L 108 -14.51 32.93 -2.40
N PRO L 109 -14.25 34.17 -1.99
CA PRO L 109 -13.06 34.45 -1.18
C PRO L 109 -13.22 33.97 0.25
N PRO L 110 -12.12 33.81 0.98
CA PRO L 110 -12.21 33.25 2.34
C PRO L 110 -13.10 34.00 3.30
N GLU L 111 -13.11 35.33 3.26
CA GLU L 111 -13.85 36.11 4.26
C GLU L 111 -15.36 36.04 4.05
N LEU L 112 -15.81 35.48 2.94
CA LEU L 112 -17.23 35.19 2.79
C LEU L 112 -17.66 34.09 3.76
N GLY L 113 -16.79 33.11 3.98
CA GLY L 113 -17.13 31.98 4.82
C GLY L 113 -18.27 31.16 4.26
N LEU L 114 -19.24 30.82 5.10
CA LEU L 114 -20.45 30.12 4.67
C LEU L 114 -21.54 31.17 4.48
N GLY L 115 -21.71 31.62 3.24
CA GLY L 115 -22.72 32.61 2.94
C GLY L 115 -22.79 32.92 1.46
N PHE L 116 -23.94 33.43 1.01
CA PHE L 116 -24.12 33.70 -0.41
C PHE L 116 -23.35 34.96 -0.81
N ALA L 117 -22.98 35.00 -2.10
CA ALA L 117 -22.38 36.20 -2.67
C ALA L 117 -23.48 37.08 -3.26
N ALA L 118 -23.09 38.12 -3.98
CA ALA L 118 -24.05 39.03 -4.61
C ALA L 118 -23.96 38.84 -6.11
N PRO L 119 -25.01 39.20 -6.86
CA PRO L 119 -24.98 39.00 -8.31
C PRO L 119 -23.96 39.89 -8.99
N GLY L 120 -22.70 39.46 -8.94
CA GLY L 120 -21.58 40.22 -9.48
C GLY L 120 -20.33 40.15 -8.64
N GLU L 121 -20.39 39.53 -7.46
CA GLU L 121 -19.24 39.40 -6.56
C GLU L 121 -18.36 38.23 -6.99
N PRO L 122 -17.09 38.18 -6.58
CA PRO L 122 -16.21 37.08 -6.99
C PRO L 122 -16.49 35.78 -6.25
N GLY L 123 -17.44 35.00 -6.77
CA GLY L 123 -17.79 33.74 -6.14
C GLY L 123 -19.27 33.41 -6.27
N PHE L 124 -20.04 34.38 -6.77
CA PHE L 124 -21.44 34.14 -7.05
C PHE L 124 -21.63 33.08 -8.13
N ALA L 125 -20.78 33.11 -9.16
CA ALA L 125 -20.87 32.14 -10.24
C ALA L 125 -20.64 30.73 -9.75
N TRP L 126 -19.60 30.53 -8.92
CA TRP L 126 -19.31 29.20 -8.39
C TRP L 126 -20.50 28.67 -7.60
N GLN L 127 -21.07 29.52 -6.72
CA GLN L 127 -22.19 29.10 -5.89
C GLN L 127 -23.40 28.73 -6.72
N MET L 128 -23.79 29.59 -7.66
CA MET L 128 -24.96 29.29 -8.48
C MET L 128 -24.74 28.06 -9.36
N THR L 129 -23.56 27.94 -9.97
CA THR L 129 -23.29 26.79 -10.82
C THR L 129 -23.32 25.50 -10.03
N VAL L 130 -22.71 25.49 -8.83
CA VAL L 130 -22.70 24.26 -8.06
C VAL L 130 -24.10 23.92 -7.57
N LEU L 131 -24.89 24.91 -7.16
CA LEU L 131 -26.25 24.63 -6.71
C LEU L 131 -27.09 24.07 -7.84
N PHE L 132 -27.06 24.70 -9.01
CA PHE L 132 -27.88 24.23 -10.12
C PHE L 132 -27.40 22.88 -10.67
N ALA L 133 -26.09 22.66 -10.69
CA ALA L 133 -25.57 21.35 -11.08
C ALA L 133 -25.96 20.26 -10.10
N THR L 134 -25.96 20.57 -8.79
CA THR L 134 -26.43 19.61 -7.81
C THR L 134 -27.90 19.28 -8.03
N ILE L 135 -28.71 20.30 -8.33
CA ILE L 135 -30.13 20.05 -8.61
C ILE L 135 -30.29 19.17 -9.84
N ALA L 136 -29.52 19.45 -10.90
CA ALA L 136 -29.61 18.64 -12.11
C ALA L 136 -29.19 17.19 -11.86
N PHE L 137 -28.12 17.00 -11.09
CA PHE L 137 -27.66 15.65 -10.77
C PHE L 137 -28.69 14.90 -9.92
N PHE L 138 -29.31 15.58 -8.96
CA PHE L 138 -30.37 14.95 -8.17
C PHE L 138 -31.55 14.56 -9.05
N GLY L 139 -31.91 15.44 -9.99
CA GLY L 139 -32.97 15.10 -10.92
C GLY L 139 -32.64 13.88 -11.75
N TRP L 140 -31.40 13.77 -12.21
CA TRP L 140 -30.97 12.59 -12.96
C TRP L 140 -31.02 11.34 -12.09
N MET L 141 -30.59 11.46 -10.83
CA MET L 141 -30.71 10.38 -9.87
C MET L 141 -32.13 9.85 -9.76
N MET L 142 -33.08 10.76 -9.52
CA MET L 142 -34.45 10.31 -9.30
C MET L 142 -35.12 9.89 -10.61
N ARG L 143 -34.68 10.42 -11.75
CA ARG L 143 -35.15 9.91 -13.04
C ARG L 143 -34.70 8.47 -13.25
N GLN L 144 -33.46 8.16 -12.89
CA GLN L 144 -33.00 6.78 -12.97
C GLN L 144 -33.77 5.90 -12.01
N VAL L 145 -34.11 6.41 -10.82
CA VAL L 145 -34.97 5.68 -9.90
C VAL L 145 -36.32 5.40 -10.55
N ASP L 146 -36.90 6.41 -11.20
CA ASP L 146 -38.21 6.27 -11.82
C ASP L 146 -38.21 5.23 -12.91
N ILE L 147 -37.19 5.26 -13.78
CA ILE L 147 -37.14 4.34 -14.89
C ILE L 147 -37.00 2.90 -14.39
N SER L 148 -36.26 2.70 -13.30
CA SER L 148 -36.13 1.37 -12.71
C SER L 148 -37.46 0.83 -12.19
N MET L 149 -38.26 1.66 -11.52
CA MET L 149 -39.54 1.19 -11.02
C MET L 149 -40.56 1.04 -12.15
N LYS L 150 -40.33 1.74 -13.27
CA LYS L 150 -41.11 1.49 -14.47
C LYS L 150 -41.01 0.03 -14.90
N LEU L 151 -39.79 -0.51 -14.98
CA LEU L 151 -39.55 -1.84 -15.54
C LEU L 151 -39.45 -2.93 -14.48
N ASP L 152 -39.74 -2.64 -13.22
CA ASP L 152 -39.65 -3.60 -12.14
C ASP L 152 -38.22 -4.15 -12.05
N MET L 153 -37.27 -3.26 -11.74
CA MET L 153 -35.87 -3.65 -11.63
C MET L 153 -35.31 -3.25 -10.27
N GLY L 154 -34.09 -3.66 -9.99
CA GLY L 154 -33.39 -3.16 -8.83
C GLY L 154 -32.92 -1.74 -9.03
N TYR L 155 -32.57 -1.08 -7.93
CA TYR L 155 -32.12 0.30 -7.95
C TYR L 155 -30.60 0.42 -7.87
N HIS L 156 -29.89 -0.56 -8.43
CA HIS L 156 -28.43 -0.56 -8.32
C HIS L 156 -27.78 0.54 -9.14
N VAL L 157 -28.29 0.81 -10.34
CA VAL L 157 -27.77 1.89 -11.17
C VAL L 157 -28.01 3.24 -10.47
N PRO L 158 -29.23 3.52 -9.94
CA PRO L 158 -29.41 4.74 -9.15
C PRO L 158 -28.50 4.78 -7.93
N ILE L 159 -28.23 3.64 -7.30
CA ILE L 159 -27.39 3.63 -6.10
C ILE L 159 -25.95 3.97 -6.47
N ALA L 160 -25.42 3.40 -7.55
CA ALA L 160 -24.05 3.72 -7.95
C ALA L 160 -23.92 5.15 -8.44
N PHE L 161 -24.91 5.64 -9.20
CA PHE L 161 -24.91 7.06 -9.54
C PHE L 161 -25.02 7.92 -8.29
N GLY L 162 -25.68 7.41 -7.25
CA GLY L 162 -25.71 8.12 -5.98
C GLY L 162 -24.35 8.13 -5.31
N VAL L 163 -23.57 7.07 -5.48
CA VAL L 163 -22.21 7.07 -4.95
C VAL L 163 -21.36 8.13 -5.65
N ALA L 164 -21.50 8.23 -6.97
CA ALA L 164 -20.81 9.30 -7.69
C ALA L 164 -21.30 10.68 -7.24
N PHE L 165 -22.62 10.83 -7.09
CA PHE L 165 -23.18 12.07 -6.56
C PHE L 165 -22.67 12.35 -5.16
N SER L 166 -22.40 11.30 -4.39
CA SER L 166 -21.86 11.48 -3.05
C SER L 166 -20.43 11.99 -3.09
N ALA L 167 -19.64 11.49 -4.05
CA ALA L 167 -18.31 12.07 -4.27
C ALA L 167 -18.41 13.56 -4.58
N TRP L 168 -19.27 13.92 -5.53
CA TRP L 168 -19.44 15.32 -5.88
C TRP L 168 -19.94 16.15 -4.70
N LEU L 169 -20.91 15.62 -3.97
CA LEU L 169 -21.49 16.33 -2.83
C LEU L 169 -20.47 16.53 -1.73
N VAL L 170 -19.71 15.50 -1.39
CA VAL L 170 -18.60 15.67 -0.46
C VAL L 170 -17.73 16.83 -0.91
N LEU L 171 -17.16 16.73 -2.12
CA LEU L 171 -16.19 17.70 -2.59
C LEU L 171 -16.74 19.13 -2.55
N GLN L 172 -17.95 19.34 -3.06
CA GLN L 172 -18.42 20.70 -3.27
C GLN L 172 -19.31 21.25 -2.17
N VAL L 173 -19.75 20.43 -1.22
CA VAL L 173 -20.65 20.87 -0.16
C VAL L 173 -20.10 20.50 1.21
N ILE L 174 -19.76 19.22 1.41
CA ILE L 174 -19.58 18.73 2.77
C ILE L 174 -18.28 19.25 3.37
N ARG L 175 -17.19 19.15 2.62
CA ARG L 175 -15.91 19.68 3.10
C ARG L 175 -15.98 21.20 3.25
N PRO L 176 -16.51 21.95 2.28
CA PRO L 176 -16.70 23.39 2.54
C PRO L 176 -17.57 23.69 3.75
N ILE L 177 -18.63 22.92 3.96
CA ILE L 177 -19.50 23.15 5.12
C ILE L 177 -18.76 22.83 6.41
N ALA L 178 -18.03 21.72 6.45
CA ALA L 178 -17.29 21.32 7.64
C ALA L 178 -16.14 22.26 7.97
N LEU L 179 -15.47 22.82 6.96
CA LEU L 179 -14.37 23.72 7.18
C LEU L 179 -14.80 25.18 7.33
N GLY L 180 -16.09 25.47 7.17
CA GLY L 180 -16.62 26.78 7.47
C GLY L 180 -16.54 27.81 6.37
N MET L 181 -15.96 27.47 5.22
CA MET L 181 -15.85 28.43 4.12
C MET L 181 -16.16 27.74 2.80
N TRP L 182 -16.81 28.48 1.91
CA TRP L 182 -16.98 28.08 0.52
C TRP L 182 -15.67 28.14 -0.26
N HIS L 183 -14.63 28.73 0.33
CA HIS L 183 -13.34 28.89 -0.33
C HIS L 183 -12.53 27.61 -0.08
N GLU L 184 -13.18 26.48 -0.40
CA GLU L 184 -12.55 25.17 -0.23
C GLU L 184 -12.96 24.22 -1.34
N GLY L 185 -13.70 24.73 -2.32
CA GLY L 185 -14.17 23.93 -3.45
C GLY L 185 -13.10 23.71 -4.48
N PHE L 186 -13.51 23.31 -5.68
CA PHE L 186 -12.56 23.09 -6.76
C PHE L 186 -12.97 23.93 -7.97
N VAL L 187 -11.96 24.36 -8.71
CA VAL L 187 -12.13 25.31 -9.81
C VAL L 187 -12.87 24.62 -10.95
N LEU L 188 -13.77 25.37 -11.60
CA LEU L 188 -14.48 24.90 -12.77
C LEU L 188 -13.73 25.33 -14.03
N GLY L 189 -13.46 24.37 -14.90
CA GLY L 189 -12.59 24.59 -16.04
C GLY L 189 -11.64 23.42 -16.19
N ILE L 190 -11.52 22.88 -17.40
CA ILE L 190 -10.89 21.56 -17.57
C ILE L 190 -9.44 21.57 -17.12
N MET L 191 -8.66 22.54 -17.60
CA MET L 191 -7.26 22.61 -17.17
C MET L 191 -7.11 23.27 -15.81
N PRO L 192 -7.88 24.33 -15.49
CA PRO L 192 -7.85 24.84 -14.11
C PRO L 192 -8.23 23.80 -13.06
N HIS L 193 -9.16 22.90 -13.36
CA HIS L 193 -9.52 21.90 -12.36
C HIS L 193 -8.41 20.87 -12.19
N LEU L 194 -7.68 20.56 -13.27
CA LEU L 194 -6.47 19.76 -13.13
C LEU L 194 -5.42 20.47 -12.27
N ASP L 195 -5.23 21.76 -12.49
CA ASP L 195 -4.26 22.51 -11.69
C ASP L 195 -4.65 22.50 -10.21
N TRP L 196 -5.95 22.64 -9.94
CA TRP L 196 -6.44 22.57 -8.57
C TRP L 196 -6.21 21.19 -7.97
N VAL L 197 -6.49 20.13 -8.75
CA VAL L 197 -6.31 18.77 -8.26
C VAL L 197 -4.84 18.51 -7.96
N SER L 198 -3.94 19.17 -8.68
CA SER L 198 -2.52 19.05 -8.36
C SER L 198 -2.17 19.80 -7.08
N ASN L 199 -2.50 21.09 -7.03
CA ASN L 199 -2.11 21.93 -5.90
C ASN L 199 -2.72 21.45 -4.60
N PHE L 200 -4.02 21.20 -4.59
CA PHE L 200 -4.61 20.38 -3.54
C PHE L 200 -4.00 19.00 -3.64
N GLY L 201 -3.60 18.43 -2.51
CA GLY L 201 -2.89 17.18 -2.54
C GLY L 201 -1.39 17.33 -2.57
N TYR L 202 -0.85 18.30 -3.33
CA TYR L 202 0.54 18.63 -3.08
C TYR L 202 0.71 19.50 -1.83
N ARG L 203 -0.27 20.34 -1.51
CA ARG L 203 -0.24 21.10 -0.28
C ARG L 203 -0.39 20.22 0.96
N TYR L 204 -0.78 18.97 0.78
CA TYR L 204 -0.82 17.99 1.87
C TYR L 204 0.34 17.00 1.79
N ASN L 205 1.45 17.41 1.15
CA ASN L 205 2.68 16.62 1.17
C ASN L 205 2.52 15.23 0.59
N ASN L 206 2.42 15.13 -0.74
CA ASN L 206 2.42 13.83 -1.41
C ASN L 206 1.19 12.98 -1.08
N PHE L 207 0.04 13.38 -1.62
CA PHE L 207 -1.23 12.68 -1.46
C PHE L 207 -1.16 11.19 -1.73
N PHE L 208 -0.10 10.69 -2.37
CA PHE L 208 0.04 9.26 -2.61
C PHE L 208 0.09 8.44 -1.32
N TYR L 209 0.52 9.02 -0.21
CA TYR L 209 0.62 8.32 1.06
C TYR L 209 -0.69 8.40 1.85
N ASN L 210 -1.80 8.63 1.15
CA ASN L 210 -3.11 8.56 1.74
C ASN L 210 -3.62 7.13 1.68
N PRO L 211 -4.00 6.53 2.81
CA PRO L 211 -4.48 5.13 2.75
C PRO L 211 -5.74 4.98 1.90
N PHE L 212 -6.70 5.88 2.06
CA PHE L 212 -7.97 5.76 1.35
C PHE L 212 -7.81 6.11 -0.12
N HIS L 213 -6.88 7.01 -0.45
CA HIS L 213 -6.54 7.25 -1.84
C HIS L 213 -5.94 6.02 -2.49
N ALA L 214 -5.08 5.30 -1.75
CA ALA L 214 -4.54 4.05 -2.26
C ALA L 214 -5.65 3.01 -2.46
N ILE L 215 -6.60 2.95 -1.54
CA ILE L 215 -7.73 2.03 -1.71
C ILE L 215 -8.55 2.41 -2.93
N GLY L 216 -8.79 3.70 -3.16
CA GLY L 216 -9.53 4.11 -4.35
C GLY L 216 -8.78 3.81 -5.63
N ILE L 217 -7.45 4.01 -5.63
CA ILE L 217 -6.65 3.67 -6.79
C ILE L 217 -6.74 2.17 -7.08
N THR L 218 -6.65 1.35 -6.02
CA THR L 218 -6.79 -0.08 -6.18
C THR L 218 -8.16 -0.44 -6.75
N GLY L 219 -9.22 0.20 -6.25
CA GLY L 219 -10.54 -0.07 -6.76
C GLY L 219 -10.67 0.28 -8.23
N LEU L 220 -10.13 1.43 -8.63
CA LEU L 220 -10.18 1.85 -10.02
C LEU L 220 -9.43 0.87 -10.93
N PHE L 221 -8.20 0.53 -10.56
CA PHE L 221 -7.41 -0.37 -11.38
C PHE L 221 -8.04 -1.76 -11.46
N ALA L 222 -8.54 -2.26 -10.32
CA ALA L 222 -9.18 -3.57 -10.30
C ALA L 222 -10.47 -3.59 -11.11
N SER L 223 -11.24 -2.50 -11.07
CA SER L 223 -12.43 -2.42 -11.90
C SER L 223 -12.09 -2.44 -13.38
N THR L 224 -11.05 -1.71 -13.78
CA THR L 224 -10.64 -1.75 -15.19
C THR L 224 -10.18 -3.16 -15.59
N TRP L 225 -9.40 -3.82 -14.72
CA TRP L 225 -8.93 -5.17 -15.00
C TRP L 225 -10.11 -6.14 -15.13
N LEU L 226 -11.09 -6.04 -14.22
CA LEU L 226 -12.26 -6.90 -14.29
C LEU L 226 -13.06 -6.64 -15.55
N LEU L 227 -13.21 -5.38 -15.95
CA LEU L 227 -13.89 -5.06 -17.20
C LEU L 227 -13.19 -5.73 -18.38
N ALA L 228 -11.87 -5.60 -18.44
CA ALA L 228 -11.12 -6.21 -19.54
C ALA L 228 -11.35 -7.73 -19.58
N CYS L 229 -11.20 -8.39 -18.43
CA CYS L 229 -11.31 -9.84 -18.41
C CYS L 229 -12.73 -10.30 -18.76
N HIS L 230 -13.75 -9.62 -18.21
CA HIS L 230 -15.14 -10.00 -18.46
C HIS L 230 -15.51 -9.81 -19.93
N GLY L 231 -15.13 -8.67 -20.51
CA GLY L 231 -15.40 -8.45 -21.91
C GLY L 231 -14.71 -9.46 -22.80
N SER L 232 -13.44 -9.77 -22.49
CA SER L 232 -12.71 -10.75 -23.27
C SER L 232 -13.36 -12.12 -23.19
N LEU L 233 -13.78 -12.54 -21.98
CA LEU L 233 -14.45 -13.83 -21.83
C LEU L 233 -15.71 -13.91 -22.67
N ILE L 234 -16.60 -12.91 -22.53
CA ILE L 234 -17.87 -12.98 -23.24
C ILE L 234 -17.65 -12.94 -24.74
N LEU L 235 -16.75 -12.07 -25.20
CA LEU L 235 -16.48 -11.97 -26.63
C LEU L 235 -15.92 -13.28 -27.19
N SER L 236 -15.01 -13.92 -26.44
CA SER L 236 -14.43 -15.17 -26.90
C SER L 236 -15.44 -16.31 -26.91
N ALA L 237 -16.33 -16.38 -25.92
CA ALA L 237 -17.26 -17.50 -25.79
C ALA L 237 -18.57 -17.29 -26.53
N ALA L 238 -18.79 -16.09 -27.09
CA ALA L 238 -20.06 -15.84 -27.78
C ALA L 238 -20.24 -16.75 -29.01
N GLN L 239 -19.15 -17.19 -29.63
CA GLN L 239 -19.22 -17.95 -30.87
C GLN L 239 -19.17 -19.45 -30.66
N TYR L 240 -19.11 -19.92 -29.42
CA TYR L 240 -18.93 -21.34 -29.15
C TYR L 240 -20.27 -22.05 -29.15
N ARG L 241 -20.36 -23.16 -29.88
CA ARG L 241 -21.53 -24.03 -29.88
C ARG L 241 -21.03 -25.47 -29.80
N GLY L 242 -21.06 -26.04 -28.60
CA GLY L 242 -20.54 -27.37 -28.39
C GLY L 242 -21.20 -28.11 -27.24
N PRO L 243 -20.44 -29.00 -26.59
CA PRO L 243 -21.01 -29.82 -25.51
C PRO L 243 -21.56 -29.00 -24.36
N GLU L 244 -20.73 -28.14 -23.77
CA GLU L 244 -21.15 -27.25 -22.69
C GLU L 244 -21.40 -25.88 -23.28
N GLY L 245 -22.65 -25.42 -23.20
CA GLY L 245 -23.02 -24.14 -23.76
C GLY L 245 -22.46 -22.95 -23.01
N GLY L 246 -22.95 -22.74 -21.78
CA GLY L 246 -22.49 -21.61 -21.01
C GLY L 246 -21.31 -21.91 -20.11
N ASP L 247 -21.11 -23.19 -19.77
CA ASP L 247 -20.03 -23.56 -18.86
C ASP L 247 -18.67 -23.49 -19.52
N ILE L 248 -18.64 -23.27 -20.84
CA ILE L 248 -17.39 -23.20 -21.58
C ILE L 248 -16.56 -22.03 -21.06
N GLU L 249 -17.25 -21.10 -20.42
CA GLU L 249 -16.63 -19.91 -19.83
C GLU L 249 -16.07 -20.18 -18.42
N ASN L 250 -16.76 -21.03 -17.67
CA ASN L 250 -16.36 -21.38 -16.33
C ASN L 250 -15.20 -22.31 -16.38
N VAL L 251 -15.22 -23.24 -17.24
CA VAL L 251 -14.11 -24.20 -17.34
C VAL L 251 -12.85 -23.51 -17.85
N PHE L 252 -13.01 -22.54 -18.76
CA PHE L 252 -11.85 -21.83 -19.29
C PHE L 252 -11.11 -21.09 -18.19
N PHE L 253 -11.84 -20.37 -17.34
CA PHE L 253 -11.19 -19.67 -16.23
C PHE L 253 -10.67 -20.63 -15.18
N ARG L 254 -11.43 -21.69 -14.87
CA ARG L 254 -10.91 -22.70 -13.95
C ARG L 254 -9.61 -23.31 -14.44
N ASP L 255 -9.38 -23.35 -15.75
CA ASP L 255 -8.07 -23.71 -16.28
C ASP L 255 -7.05 -22.59 -16.06
N VAL L 256 -7.47 -21.34 -16.23
CA VAL L 256 -6.58 -20.19 -16.08
C VAL L 256 -6.51 -19.73 -14.63
N GLN L 257 -7.64 -19.26 -14.10
CA GLN L 257 -7.71 -18.75 -12.73
C GLN L 257 -8.58 -19.69 -11.93
N TYR L 258 -7.98 -20.38 -10.95
CA TYR L 258 -8.57 -21.60 -10.43
C TYR L 258 -9.68 -21.30 -9.41
N TYR L 259 -10.55 -20.35 -9.74
CA TYR L 259 -11.84 -20.26 -9.05
C TYR L 259 -13.00 -20.18 -10.03
N SER L 260 -12.91 -19.28 -11.01
CA SER L 260 -13.99 -18.99 -11.96
C SER L 260 -15.28 -18.54 -11.28
N VAL L 261 -15.26 -17.35 -10.68
CA VAL L 261 -16.46 -16.73 -10.11
C VAL L 261 -17.54 -16.71 -11.19
N GLY L 262 -18.78 -17.03 -10.79
CA GLY L 262 -19.86 -17.24 -11.74
C GLY L 262 -20.31 -16.03 -12.54
N GLU L 263 -21.40 -16.20 -13.28
CA GLU L 263 -21.90 -15.14 -14.15
C GLU L 263 -22.53 -14.00 -13.37
N SER L 264 -23.35 -14.33 -12.36
CA SER L 264 -23.87 -13.29 -11.48
C SER L 264 -22.79 -12.77 -10.54
N GLY L 265 -21.87 -13.66 -10.15
CA GLY L 265 -20.84 -13.28 -9.22
C GLY L 265 -19.91 -12.21 -9.76
N VAL L 266 -19.58 -12.30 -11.05
CA VAL L 266 -18.67 -11.33 -11.64
C VAL L 266 -19.32 -9.94 -11.67
N HIS L 267 -20.63 -9.89 -11.95
CA HIS L 267 -21.32 -8.61 -11.96
C HIS L 267 -21.44 -8.03 -10.56
N ARG L 268 -21.77 -8.87 -9.57
CA ARG L 268 -21.79 -8.36 -8.19
C ARG L 268 -20.42 -7.88 -7.75
N LEU L 269 -19.37 -8.63 -8.08
CA LEU L 269 -18.02 -8.22 -7.73
C LEU L 269 -17.62 -6.91 -8.40
N GLY L 270 -17.99 -6.74 -9.68
CA GLY L 270 -17.74 -5.48 -10.35
C GLY L 270 -18.46 -4.32 -9.71
N TYR L 271 -19.71 -4.53 -9.28
CA TYR L 271 -20.44 -3.48 -8.59
C TYR L 271 -19.71 -3.06 -7.31
N ILE L 272 -19.33 -4.03 -6.49
CA ILE L 272 -18.61 -3.71 -5.26
C ILE L 272 -17.27 -3.04 -5.55
N PHE L 273 -16.53 -3.55 -6.54
CA PHE L 273 -15.26 -2.97 -6.96
C PHE L 273 -15.38 -1.53 -7.39
N ALA L 274 -16.44 -1.18 -8.13
CA ALA L 274 -16.63 0.19 -8.59
C ALA L 274 -17.06 1.10 -7.44
N ILE L 275 -17.94 0.62 -6.56
CA ILE L 275 -18.49 1.55 -5.56
C ILE L 275 -17.56 1.72 -4.35
N GLY L 276 -16.87 0.66 -3.92
CA GLY L 276 -16.05 0.76 -2.72
C GLY L 276 -14.87 1.69 -2.89
N GLY L 277 -14.23 1.66 -4.07
CA GLY L 277 -13.13 2.56 -4.32
C GLY L 277 -13.53 4.01 -4.25
N ILE L 278 -14.69 4.34 -4.81
CA ILE L 278 -15.14 5.73 -4.81
C ILE L 278 -15.57 6.14 -3.40
N LEU L 279 -16.15 5.20 -2.63
CA LEU L 279 -16.47 5.52 -1.24
C LEU L 279 -15.21 5.81 -0.43
N SER L 280 -14.15 5.01 -0.64
CA SER L 280 -12.88 5.26 0.02
C SER L 280 -12.28 6.59 -0.43
N ALA L 281 -12.41 6.94 -1.70
CA ALA L 281 -11.95 8.24 -2.18
C ALA L 281 -12.75 9.37 -1.55
N ASP L 282 -14.04 9.17 -1.31
CA ASP L 282 -14.82 10.16 -0.58
C ASP L 282 -14.27 10.36 0.83
N LEU L 283 -13.97 9.24 1.50
CA LEU L 283 -13.40 9.33 2.85
C LEU L 283 -12.06 10.05 2.84
N CYS L 284 -11.24 9.80 1.82
CA CYS L 284 -9.93 10.44 1.76
C CYS L 284 -10.06 11.95 1.62
N ILE L 285 -10.98 12.42 0.79
CA ILE L 285 -11.19 13.85 0.63
C ILE L 285 -11.74 14.45 1.90
N LEU L 286 -12.66 13.75 2.57
CA LEU L 286 -13.24 14.27 3.80
C LEU L 286 -12.19 14.44 4.89
N LEU L 287 -11.27 13.48 5.01
CA LEU L 287 -10.24 13.54 6.03
C LEU L 287 -9.07 14.44 5.64
N SER L 288 -9.02 14.92 4.40
CA SER L 288 -7.89 15.73 3.94
C SER L 288 -8.13 17.17 4.34
N GLY L 289 -7.37 17.63 5.33
CA GLY L 289 -7.45 19.00 5.80
C GLY L 289 -8.21 19.18 7.09
N TRP L 290 -9.28 18.41 7.31
CA TRP L 290 -10.04 18.58 8.54
C TRP L 290 -9.25 18.06 9.74
N PRO L 291 -8.94 16.74 9.86
CA PRO L 291 -8.10 16.32 10.99
C PRO L 291 -6.61 16.53 10.77
N VAL L 292 -6.14 16.27 9.55
CA VAL L 292 -4.72 16.08 9.27
C VAL L 292 -4.31 16.98 8.12
N GLN L 293 -3.16 17.63 8.26
CA GLN L 293 -2.63 18.54 7.25
C GLN L 293 -1.33 18.04 6.63
N ASP L 294 -0.86 16.85 7.00
CA ASP L 294 0.39 16.31 6.45
C ASP L 294 0.25 14.80 6.37
N TRP L 295 0.36 14.25 5.16
CA TRP L 295 0.15 12.82 4.97
C TRP L 295 1.42 12.00 5.06
N VAL L 296 2.59 12.61 4.81
CA VAL L 296 3.84 11.87 4.98
C VAL L 296 4.13 11.63 6.45
N SER L 297 3.98 12.65 7.28
CA SER L 297 4.22 12.54 8.72
C SER L 297 3.02 12.01 9.47
N PHE L 298 1.91 11.75 8.78
CA PHE L 298 0.76 11.12 9.41
C PHE L 298 1.10 9.70 9.86
N TRP L 299 2.12 9.09 9.24
CA TRP L 299 2.54 7.74 9.59
C TRP L 299 3.56 7.74 10.72
N ASN L 300 3.65 8.85 11.45
CA ASN L 300 4.59 8.92 12.57
C ASN L 300 4.20 7.97 13.69
N PHE L 301 2.90 7.65 13.80
CA PHE L 301 2.45 6.70 14.82
C PHE L 301 2.92 5.28 14.53
N TRP L 302 3.31 4.98 13.29
CA TRP L 302 3.77 3.65 12.94
C TRP L 302 5.07 3.29 13.66
N ASN L 303 5.92 4.29 13.92
CA ASN L 303 7.22 4.02 14.51
C ASN L 303 7.13 3.71 16.01
N ASN L 304 6.15 4.29 16.70
CA ASN L 304 6.08 4.20 18.15
C ASN L 304 5.18 3.09 18.67
N LEU L 305 4.65 2.25 17.79
CA LEU L 305 3.75 1.19 18.21
C LEU L 305 4.49 0.20 19.11
N PRO L 306 3.83 -0.36 20.13
CA PRO L 306 4.53 -1.15 21.17
C PRO L 306 5.49 -2.21 20.65
N PHE L 307 5.08 -3.00 19.67
CA PHE L 307 5.92 -4.10 19.22
C PHE L 307 7.04 -3.66 18.29
N TRP L 308 7.03 -2.42 17.82
CA TRP L 308 8.14 -1.84 17.07
C TRP L 308 8.75 -0.68 17.84
N SER L 309 9.87 -0.95 18.51
CA SER L 309 10.64 0.12 19.14
C SER L 309 12.11 -0.06 18.83
N GLY L 310 12.50 -1.27 18.45
CA GLY L 310 13.88 -1.57 18.09
C GLY L 310 14.01 -2.15 16.70
N ASP M 10 1.22 -25.81 -24.35
CA ASP M 10 0.47 -26.78 -25.15
C ASP M 10 1.08 -28.18 -25.08
N LEU M 11 1.90 -28.39 -24.06
CA LEU M 11 2.33 -29.73 -23.66
C LEU M 11 1.39 -30.34 -22.64
N GLU M 12 0.90 -29.51 -21.72
CA GLU M 12 -0.28 -29.73 -20.88
C GLU M 12 -0.09 -30.75 -19.75
N LEU M 13 1.02 -31.48 -19.75
CA LEU M 13 1.46 -32.34 -18.63
C LEU M 13 0.24 -33.06 -18.05
N GLY M 14 0.02 -33.02 -16.74
CA GLY M 14 -1.28 -33.38 -16.18
C GLY M 14 -1.54 -34.87 -16.21
N ARG M 15 -2.73 -35.25 -15.74
CA ARG M 15 -3.17 -36.64 -15.75
C ARG M 15 -4.40 -36.79 -16.63
N ASP M 16 -5.38 -35.91 -16.46
CA ASP M 16 -6.64 -35.96 -17.19
C ASP M 16 -6.77 -34.64 -17.96
N ARG M 17 -6.33 -34.67 -19.21
CA ARG M 17 -6.33 -33.51 -20.10
C ARG M 17 -5.66 -32.31 -19.43
N GLY M 18 -4.57 -32.59 -18.73
CA GLY M 18 -3.79 -31.58 -18.07
C GLY M 18 -4.29 -31.16 -16.71
N ARG M 19 -5.38 -31.73 -16.23
CA ARG M 19 -5.98 -31.33 -14.96
C ARG M 19 -5.70 -32.38 -13.89
N ILE M 20 -5.20 -31.93 -12.75
CA ILE M 20 -4.80 -32.81 -11.66
C ILE M 20 -5.75 -32.57 -10.48
N GLY M 21 -6.13 -33.65 -9.81
CA GLY M 21 -6.97 -33.55 -8.64
C GLY M 21 -8.45 -33.68 -8.95
N LYS M 22 -9.29 -33.32 -7.97
CA LYS M 22 -10.74 -33.39 -8.12
C LYS M 22 -11.36 -32.08 -7.71
N PRO M 23 -12.55 -31.74 -8.22
CA PRO M 23 -13.19 -30.47 -7.86
C PRO M 23 -13.53 -30.39 -6.38
N ILE M 24 -13.43 -29.18 -5.86
CA ILE M 24 -13.80 -28.86 -4.48
C ILE M 24 -15.01 -27.92 -4.52
N GLU M 25 -16.04 -28.26 -3.76
CA GLU M 25 -17.30 -27.53 -3.81
C GLU M 25 -17.63 -26.95 -2.44
N ILE M 26 -17.87 -25.65 -2.40
CA ILE M 26 -18.23 -24.93 -1.19
C ILE M 26 -19.62 -24.34 -1.39
N PRO M 27 -20.67 -24.95 -0.81
CA PRO M 27 -22.03 -24.48 -1.07
C PRO M 27 -22.35 -23.11 -0.51
N LEU M 28 -21.53 -22.60 0.40
CA LEU M 28 -21.73 -21.27 0.97
C LEU M 28 -21.63 -20.16 -0.06
N LEU M 29 -20.74 -20.30 -1.05
CA LEU M 29 -20.55 -19.26 -2.05
C LEU M 29 -21.76 -19.08 -2.94
N GLU M 30 -22.56 -20.13 -3.10
CA GLU M 30 -23.75 -20.07 -3.91
C GLU M 30 -24.76 -19.08 -3.33
N ASN M 31 -24.78 -18.97 -2.00
CA ASN M 31 -25.70 -18.04 -1.34
C ASN M 31 -25.43 -16.60 -1.75
N PHE M 32 -24.17 -16.18 -1.76
CA PHE M 32 -23.85 -14.81 -2.14
C PHE M 32 -23.92 -14.59 -3.64
N GLY M 33 -24.12 -15.64 -4.42
CA GLY M 33 -24.24 -15.53 -5.87
C GLY M 33 -23.01 -15.97 -6.64
N PHE M 34 -22.01 -16.57 -5.99
CA PHE M 34 -20.76 -16.96 -6.64
C PHE M 34 -20.73 -18.47 -6.82
N ASP M 35 -20.00 -18.91 -7.84
CA ASP M 35 -19.91 -20.34 -8.13
C ASP M 35 -19.24 -21.10 -6.99
N SER M 36 -19.66 -22.34 -6.77
CA SER M 36 -19.23 -23.10 -5.61
C SER M 36 -18.04 -24.00 -5.89
N GLN M 37 -17.62 -24.18 -7.11
CA GLN M 37 -16.47 -25.03 -7.41
C GLN M 37 -15.04 -24.47 -7.65
N LEU M 38 -14.07 -25.01 -6.97
CA LEU M 38 -12.66 -24.70 -7.16
C LEU M 38 -12.27 -25.95 -7.86
N GLY M 39 -11.98 -25.82 -9.11
CA GLY M 39 -11.80 -26.92 -9.99
C GLY M 39 -10.55 -27.62 -9.97
N PRO M 40 -10.35 -28.43 -10.93
CA PRO M 40 -9.14 -29.19 -11.01
C PRO M 40 -8.08 -28.27 -11.45
N PHE M 41 -6.90 -28.46 -10.97
CA PHE M 41 -5.88 -27.59 -11.34
C PHE M 41 -5.31 -28.03 -12.65
N TYR M 42 -5.13 -27.13 -13.54
CA TYR M 42 -4.52 -27.46 -14.82
C TYR M 42 -3.06 -27.02 -14.80
N LEU M 43 -2.16 -27.96 -15.05
CA LEU M 43 -0.73 -27.68 -15.13
C LEU M 43 -0.26 -27.94 -16.55
N GLY M 44 0.17 -26.87 -17.23
CA GLY M 44 0.76 -26.97 -18.55
C GLY M 44 2.23 -26.58 -18.51
N PHE M 45 2.84 -26.60 -19.70
CA PHE M 45 4.22 -26.15 -19.80
C PHE M 45 4.34 -24.65 -19.51
N TRP M 46 3.49 -23.85 -20.15
CA TRP M 46 3.62 -22.40 -20.05
C TRP M 46 3.31 -21.88 -18.66
N ASN M 47 2.24 -22.38 -18.03
CA ASN M 47 1.94 -21.96 -16.67
C ASN M 47 2.96 -22.48 -15.67
N ALA M 48 3.58 -23.65 -15.93
CA ALA M 48 4.66 -24.10 -15.07
C ALA M 48 5.87 -23.17 -15.17
N VAL M 49 6.22 -22.74 -16.39
CA VAL M 49 7.31 -21.78 -16.55
C VAL M 49 6.98 -20.48 -15.86
N ALA M 50 5.74 -20.00 -16.02
CA ALA M 50 5.32 -18.77 -15.37
C ALA M 50 5.43 -18.88 -13.85
N TYR M 51 4.96 -19.99 -13.28
CA TYR M 51 5.01 -20.18 -11.84
C TYR M 51 6.45 -20.26 -11.35
N ILE M 52 7.31 -20.97 -12.07
CA ILE M 52 8.71 -21.10 -11.64
C ILE M 52 9.41 -19.75 -11.68
N THR M 53 9.26 -19.03 -12.79
CA THR M 53 9.90 -17.72 -12.91
C THR M 53 9.35 -16.72 -11.91
N GLY M 54 8.04 -16.73 -11.66
CA GLY M 54 7.47 -15.89 -10.64
C GLY M 54 7.92 -16.22 -9.23
N GLY M 55 8.07 -17.51 -8.92
CA GLY M 55 8.63 -17.88 -7.64
C GLY M 55 10.06 -17.39 -7.48
N ILE M 56 10.86 -17.51 -8.54
CA ILE M 56 12.24 -17.02 -8.48
C ILE M 56 12.26 -15.50 -8.27
N PHE M 57 11.39 -14.79 -9.00
CA PHE M 57 11.33 -13.34 -8.85
C PHE M 57 10.89 -12.94 -7.45
N THR M 58 9.87 -13.63 -6.92
CA THR M 58 9.39 -13.32 -5.57
C THR M 58 10.47 -13.60 -4.54
N PHE M 59 11.18 -14.71 -4.69
CA PHE M 59 12.27 -15.03 -3.77
C PHE M 59 13.35 -13.95 -3.81
N ILE M 60 13.76 -13.56 -5.02
CA ILE M 60 14.81 -12.55 -5.16
C ILE M 60 14.36 -11.24 -4.51
N TRP M 61 13.15 -10.80 -4.83
CA TRP M 61 12.64 -9.55 -4.28
C TRP M 61 12.60 -9.59 -2.76
N LEU M 62 11.95 -10.60 -2.20
CA LEU M 62 11.78 -10.68 -0.76
C LEU M 62 13.12 -10.78 -0.05
N MET M 63 14.07 -11.56 -0.60
CA MET M 63 15.32 -11.78 0.09
C MET M 63 16.23 -10.55 0.02
N VAL M 64 16.25 -9.87 -1.12
CA VAL M 64 17.03 -8.62 -1.18
C VAL M 64 16.45 -7.56 -0.27
N MET M 65 15.11 -7.47 -0.16
CA MET M 65 14.53 -6.57 0.84
C MET M 65 14.90 -6.99 2.26
N PHE M 66 14.87 -8.30 2.55
CA PHE M 66 15.11 -8.80 3.89
C PHE M 66 16.56 -8.58 4.32
N ALA M 67 17.50 -8.71 3.39
CA ALA M 67 18.90 -8.51 3.74
C ALA M 67 19.21 -7.08 4.12
N GLN M 68 18.40 -6.13 3.66
CA GLN M 68 18.66 -4.72 3.97
C GLN M 68 18.41 -4.40 5.44
N VAL M 69 17.45 -5.10 6.06
CA VAL M 69 17.13 -4.87 7.46
C VAL M 69 17.90 -5.84 8.34
N ASN M 70 18.97 -6.42 7.78
CA ASN M 70 19.84 -7.35 8.50
C ASN M 70 19.08 -8.55 9.04
N TYR M 71 18.13 -9.06 8.26
CA TYR M 71 17.38 -10.27 8.59
C TYR M 71 16.57 -10.15 9.87
N ASN M 72 16.10 -8.94 10.19
CA ASN M 72 15.24 -8.78 11.35
C ASN M 72 13.78 -8.94 10.94
N PRO M 73 13.11 -10.01 11.36
CA PRO M 73 11.69 -10.17 11.00
C PRO M 73 10.80 -9.04 11.48
N VAL M 74 11.03 -8.53 12.70
CA VAL M 74 10.19 -7.45 13.21
C VAL M 74 10.45 -6.16 12.44
N ALA M 75 11.72 -5.86 12.13
CA ALA M 75 12.03 -4.71 11.30
C ALA M 75 11.57 -4.91 9.86
N PHE M 76 11.61 -6.15 9.37
CA PHE M 76 11.09 -6.43 8.04
C PHE M 76 9.60 -6.13 7.97
N ALA M 77 8.84 -6.59 8.96
CA ALA M 77 7.41 -6.30 9.00
C ALA M 77 7.15 -4.81 9.13
N LYS M 78 7.95 -4.13 9.96
CA LYS M 78 7.74 -2.70 10.19
C LYS M 78 8.01 -1.87 8.94
N TYR M 79 9.12 -2.16 8.25
CA TYR M 79 9.57 -1.37 7.12
C TYR M 79 9.26 -2.00 5.77
N PHE M 80 8.38 -3.01 5.71
CA PHE M 80 8.18 -3.74 4.47
C PHE M 80 7.67 -2.83 3.36
N VAL M 81 6.73 -1.94 3.67
CA VAL M 81 6.18 -1.06 2.65
C VAL M 81 7.22 -0.09 2.09
N VAL M 82 8.05 0.49 2.97
CA VAL M 82 9.00 1.52 2.55
C VAL M 82 10.31 0.94 2.02
N LEU M 83 10.55 -0.36 2.21
CA LEU M 83 11.74 -0.99 1.67
C LEU M 83 11.59 -1.15 0.15
N GLN M 84 12.71 -1.11 -0.55
CA GLN M 84 12.70 -1.18 -2.00
C GLN M 84 14.04 -1.71 -2.50
N ILE M 85 14.03 -2.18 -3.75
CA ILE M 85 15.23 -2.59 -4.45
C ILE M 85 15.51 -1.57 -5.53
N ASP M 86 16.70 -0.99 -5.50
CA ASP M 86 17.05 0.09 -6.40
C ASP M 86 17.55 -0.43 -7.73
N PRO M 87 17.26 0.25 -8.82
CA PRO M 87 17.80 -0.14 -10.12
C PRO M 87 19.25 0.32 -10.26
N PRO M 88 19.93 -0.07 -11.34
CA PRO M 88 21.28 0.47 -11.58
C PRO M 88 21.25 1.99 -11.67
N SER M 89 22.31 2.60 -11.15
CA SER M 89 22.43 4.05 -11.19
C SER M 89 22.69 4.52 -12.62
N SER M 90 22.51 5.83 -12.84
CA SER M 90 22.62 6.39 -14.18
C SER M 90 24.03 6.32 -14.74
N ARG M 91 25.04 6.14 -13.91
CA ARG M 91 26.41 5.99 -14.40
C ARG M 91 26.61 4.71 -15.21
N TYR M 92 26.02 3.60 -14.79
CA TYR M 92 26.23 2.33 -15.47
C TYR M 92 25.55 2.27 -16.83
N GLY M 93 24.59 3.14 -17.09
CA GLY M 93 23.85 3.09 -18.34
C GLY M 93 23.00 1.85 -18.44
N LEU M 94 23.34 0.96 -19.38
CA LEU M 94 22.66 -0.31 -19.54
C LEU M 94 23.53 -1.50 -19.15
N SER M 95 24.69 -1.26 -18.54
CA SER M 95 25.61 -2.33 -18.20
C SER M 95 25.12 -3.06 -16.95
N PHE M 96 25.85 -4.12 -16.59
CA PHE M 96 25.50 -4.94 -15.44
C PHE M 96 26.32 -4.50 -14.23
N PRO M 97 25.70 -3.87 -13.22
CA PRO M 97 26.46 -3.43 -12.05
C PRO M 97 26.68 -4.58 -11.08
N PRO M 98 27.51 -4.39 -10.07
CA PRO M 98 27.59 -5.37 -8.98
C PRO M 98 26.24 -5.53 -8.29
N LEU M 99 26.10 -6.67 -7.60
CA LEU M 99 24.86 -6.93 -6.88
C LEU M 99 24.67 -5.96 -5.73
N ASN M 100 23.45 -5.95 -5.20
CA ASN M 100 23.04 -5.05 -4.12
C ASN M 100 23.01 -3.59 -4.55
N GLU M 101 23.30 -3.31 -5.83
CA GLU M 101 23.20 -1.95 -6.34
C GLU M 101 22.65 -1.93 -7.76
N GLY M 102 21.96 -2.99 -8.16
CA GLY M 102 21.29 -3.01 -9.45
C GLY M 102 21.25 -4.36 -10.15
N GLY M 103 22.19 -5.24 -9.83
CA GLY M 103 22.16 -6.58 -10.38
C GLY M 103 20.93 -7.34 -9.93
N TRP M 104 20.57 -7.17 -8.66
CA TRP M 104 19.38 -7.80 -8.12
C TRP M 104 18.13 -7.30 -8.83
N TRP M 105 18.07 -6.00 -9.10
CA TRP M 105 16.95 -5.45 -9.87
C TRP M 105 16.89 -6.04 -11.26
N LEU M 106 18.05 -6.13 -11.92
CA LEU M 106 18.08 -6.63 -13.30
C LEU M 106 17.61 -8.07 -13.38
N ILE M 107 18.11 -8.93 -12.49
CA ILE M 107 17.73 -10.34 -12.52
C ILE M 107 16.24 -10.50 -12.28
N ALA M 108 15.73 -9.80 -11.26
CA ALA M 108 14.31 -9.86 -10.94
C ALA M 108 13.43 -9.35 -12.07
N THR M 109 13.82 -8.25 -12.71
CA THR M 109 13.07 -7.73 -13.85
C THR M 109 13.04 -8.71 -15.01
N PHE M 110 14.19 -9.32 -15.33
CA PHE M 110 14.21 -10.32 -16.39
C PHE M 110 13.27 -11.47 -16.08
N PHE M 111 13.31 -11.97 -14.85
CA PHE M 111 12.49 -13.13 -14.52
C PHE M 111 11.01 -12.75 -14.48
N LEU M 112 10.68 -11.53 -14.05
CA LEU M 112 9.31 -11.07 -14.10
C LEU M 112 8.80 -10.96 -15.54
N THR M 113 9.65 -10.46 -16.44
CA THR M 113 9.28 -10.39 -17.85
C THR M 113 9.02 -11.78 -18.41
N VAL M 114 9.87 -12.75 -18.07
CA VAL M 114 9.65 -14.12 -18.53
C VAL M 114 8.35 -14.67 -17.95
N SER M 115 8.05 -14.35 -16.68
CA SER M 115 6.80 -14.81 -16.08
C SER M 115 5.59 -14.24 -16.80
N ILE M 116 5.62 -12.96 -17.13
CA ILE M 116 4.51 -12.33 -17.84
C ILE M 116 4.33 -12.94 -19.23
N PHE M 117 5.43 -13.14 -19.95
CA PHE M 117 5.33 -13.74 -21.28
C PHE M 117 4.82 -15.17 -21.22
N ALA M 118 5.28 -15.94 -20.22
CA ALA M 118 4.80 -17.30 -20.05
C ALA M 118 3.31 -17.33 -19.72
N TRP M 119 2.84 -16.39 -18.90
CA TRP M 119 1.41 -16.32 -18.61
C TRP M 119 0.61 -15.97 -19.86
N TYR M 120 1.12 -15.05 -20.69
CA TYR M 120 0.44 -14.73 -21.94
C TYR M 120 0.35 -15.95 -22.84
N MET M 121 1.45 -16.70 -22.96
CA MET M 121 1.41 -17.92 -23.75
C MET M 121 0.47 -18.96 -23.16
N HIS M 122 0.41 -19.04 -21.82
CA HIS M 122 -0.49 -19.98 -21.17
C HIS M 122 -1.94 -19.68 -21.50
N ILE M 123 -2.34 -18.41 -21.39
CA ILE M 123 -3.74 -18.09 -21.69
C ILE M 123 -4.03 -18.25 -23.17
N TYR M 124 -3.10 -17.86 -24.05
CA TYR M 124 -3.33 -18.03 -25.49
C TYR M 124 -3.48 -19.50 -25.85
N THR M 125 -2.61 -20.35 -25.32
CA THR M 125 -2.67 -21.78 -25.62
C THR M 125 -3.94 -22.40 -25.07
N ARG M 126 -4.31 -22.07 -23.83
CA ARG M 126 -5.47 -22.68 -23.22
C ARG M 126 -6.77 -22.24 -23.86
N ALA M 127 -6.85 -20.98 -24.33
CA ALA M 127 -8.04 -20.58 -25.08
C ALA M 127 -8.16 -21.36 -26.39
N LYS M 128 -7.05 -21.54 -27.09
CA LYS M 128 -7.07 -22.28 -28.35
C LYS M 128 -7.44 -23.74 -28.15
N ALA M 129 -6.94 -24.34 -27.06
CA ALA M 129 -7.17 -25.76 -26.82
C ALA M 129 -8.65 -26.07 -26.62
N LEU M 130 -9.37 -25.20 -25.91
CA LEU M 130 -10.76 -25.46 -25.56
C LEU M 130 -11.73 -25.09 -26.68
N GLY M 131 -11.25 -24.52 -27.79
CA GLY M 131 -12.07 -24.25 -28.94
C GLY M 131 -12.53 -22.80 -29.07
N ILE M 132 -12.41 -22.02 -28.00
CA ILE M 132 -12.81 -20.62 -28.06
C ILE M 132 -11.67 -19.77 -28.60
N LYS M 133 -12.00 -18.57 -29.05
CA LYS M 133 -11.01 -17.66 -29.62
C LYS M 133 -10.16 -17.05 -28.50
N PRO M 134 -8.87 -16.77 -28.75
CA PRO M 134 -7.97 -16.25 -27.72
C PRO M 134 -8.02 -14.73 -27.56
N TYR M 135 -9.22 -14.21 -27.27
CA TYR M 135 -9.37 -12.76 -27.10
C TYR M 135 -8.90 -12.26 -25.75
N LEU M 136 -8.76 -13.14 -24.75
CA LEU M 136 -8.21 -12.74 -23.46
C LEU M 136 -6.74 -12.35 -23.55
N ALA M 137 -5.95 -13.06 -24.35
CA ALA M 137 -4.55 -12.71 -24.59
C ALA M 137 -4.38 -11.47 -25.43
N TYR M 138 -5.22 -11.28 -26.45
CA TYR M 138 -5.19 -10.04 -27.21
C TYR M 138 -5.48 -8.83 -26.32
N GLY M 139 -6.35 -9.00 -25.32
CA GLY M 139 -6.57 -7.92 -24.37
C GLY M 139 -5.45 -7.76 -23.37
N PHE M 140 -4.82 -8.87 -22.97
CA PHE M 140 -3.65 -8.82 -22.10
C PHE M 140 -2.46 -8.14 -22.76
N THR M 141 -2.48 -8.05 -24.10
CA THR M 141 -1.40 -7.41 -24.82
C THR M 141 -1.25 -5.94 -24.42
N GLY M 142 -2.35 -5.29 -24.03
CA GLY M 142 -2.26 -3.90 -23.62
C GLY M 142 -1.52 -3.70 -22.32
N ALA M 143 -1.85 -4.51 -21.31
CA ALA M 143 -1.11 -4.46 -20.05
C ALA M 143 0.35 -4.86 -20.27
N ILE M 144 0.58 -5.86 -21.12
CA ILE M 144 1.94 -6.25 -21.45
C ILE M 144 2.69 -5.09 -22.08
N ALA M 145 2.03 -4.34 -22.95
CA ALA M 145 2.65 -3.21 -23.62
C ALA M 145 3.02 -2.12 -22.61
N LEU M 146 2.11 -1.81 -21.70
CA LEU M 146 2.40 -0.81 -20.68
C LEU M 146 3.60 -1.23 -19.83
N TYR M 147 3.59 -2.47 -19.34
CA TYR M 147 4.69 -2.97 -18.52
C TYR M 147 6.00 -2.96 -19.31
N LEU M 148 5.97 -3.43 -20.55
CA LEU M 148 7.17 -3.50 -21.36
C LEU M 148 7.74 -2.12 -21.60
N VAL M 149 6.91 -1.18 -22.04
CA VAL M 149 7.38 0.19 -22.23
C VAL M 149 8.05 0.67 -20.97
N ILE M 150 7.29 0.75 -19.86
CA ILE M 150 7.77 1.35 -18.63
C ILE M 150 9.06 0.72 -18.14
N TYR M 151 9.16 -0.61 -18.16
CA TYR M 151 10.28 -1.28 -17.52
C TYR M 151 11.49 -1.42 -18.43
N ILE M 152 11.31 -1.73 -19.71
CA ILE M 152 12.43 -2.01 -20.60
C ILE M 152 12.57 -0.95 -21.68
N ILE M 153 11.48 -0.59 -22.36
CA ILE M 153 11.64 0.05 -23.66
C ILE M 153 12.14 1.47 -23.50
N ARG M 154 11.51 2.24 -22.62
CA ARG M 154 11.95 3.60 -22.31
C ARG M 154 13.34 3.62 -21.69
N PRO M 155 13.64 2.78 -20.69
CA PRO M 155 15.00 2.76 -20.16
C PRO M 155 16.05 2.33 -21.19
N VAL M 156 15.76 1.31 -21.99
CA VAL M 156 16.72 0.87 -23.00
C VAL M 156 16.87 1.93 -24.08
N TRP M 157 15.80 2.62 -24.44
CA TRP M 157 15.90 3.69 -25.42
C TRP M 157 16.79 4.82 -24.91
N MET M 158 16.56 5.28 -23.69
CA MET M 158 17.42 6.33 -23.16
C MET M 158 18.73 5.79 -22.63
N GLY M 159 18.90 4.48 -22.59
CA GLY M 159 20.17 3.89 -22.19
C GLY M 159 20.47 4.01 -20.73
N ASP M 160 19.45 4.18 -19.89
CA ASP M 160 19.61 4.24 -18.45
C ASP M 160 18.60 3.28 -17.83
N TRP M 161 19.08 2.28 -17.11
CA TRP M 161 18.19 1.45 -16.31
C TRP M 161 17.56 2.22 -15.16
N SER M 162 18.10 3.40 -14.85
CA SER M 162 17.77 4.14 -13.64
C SER M 162 16.40 4.79 -13.72
N GLU M 163 15.80 4.84 -14.91
CA GLU M 163 14.49 5.43 -15.11
C GLU M 163 13.36 4.42 -15.05
N ALA M 164 13.62 3.20 -14.61
CA ALA M 164 12.60 2.19 -14.40
C ALA M 164 12.23 2.11 -12.92
N PRO M 165 10.99 1.73 -12.59
CA PRO M 165 10.56 1.75 -11.20
C PRO M 165 11.34 0.78 -10.33
N ALA M 166 11.50 1.17 -9.07
CA ALA M 166 12.13 0.31 -8.08
C ALA M 166 11.16 -0.79 -7.64
N HIS M 167 11.72 -1.84 -7.05
CA HIS M 167 10.96 -3.03 -6.70
C HIS M 167 10.42 -2.97 -5.27
N GLY M 168 9.49 -2.05 -5.00
CA GLY M 168 8.87 -1.95 -3.70
C GLY M 168 7.45 -1.43 -3.82
N ILE M 169 6.68 -1.63 -2.76
CA ILE M 169 5.28 -1.22 -2.75
C ILE M 169 5.19 0.30 -2.76
N LYS M 170 5.93 0.95 -1.88
CA LYS M 170 6.02 2.40 -1.86
C LYS M 170 6.87 2.93 -2.99
N ALA M 171 7.72 2.08 -3.58
CA ALA M 171 8.56 2.46 -4.70
C ALA M 171 7.77 2.78 -5.96
N LEU M 172 6.65 2.08 -6.20
CA LEU M 172 5.84 2.38 -7.38
C LEU M 172 5.22 3.77 -7.29
N LEU M 173 4.67 4.11 -6.11
CA LEU M 173 4.13 5.44 -5.91
C LEU M 173 5.22 6.50 -6.03
N ASP M 174 6.39 6.22 -5.46
CA ASP M 174 7.51 7.14 -5.57
C ASP M 174 7.92 7.35 -7.01
N TRP M 175 7.99 6.28 -7.80
CA TRP M 175 8.31 6.39 -9.22
C TRP M 175 7.29 7.17 -10.00
N THR M 176 6.00 6.95 -9.74
CA THR M 176 4.95 7.75 -10.37
C THR M 176 5.13 9.24 -10.07
N ASN M 177 5.29 9.59 -8.80
CA ASN M 177 5.50 10.99 -8.44
C ASN M 177 6.78 11.55 -9.06
N ASN M 178 7.85 10.76 -9.03
CA ASN M 178 9.14 11.22 -9.56
C ASN M 178 9.07 11.46 -11.06
N VAL M 179 8.42 10.56 -11.80
CA VAL M 179 8.31 10.74 -13.24
C VAL M 179 7.42 11.94 -13.57
N SER M 180 6.32 12.11 -12.83
CA SER M 180 5.47 13.26 -13.06
C SER M 180 6.21 14.57 -12.78
N VAL M 181 6.96 14.62 -11.69
CA VAL M 181 7.67 15.84 -11.32
C VAL M 181 8.82 16.13 -12.29
N ARG M 182 9.60 15.10 -12.62
CA ARG M 182 10.78 15.30 -13.46
C ARG M 182 10.40 15.79 -14.84
N TYR M 183 9.31 15.28 -15.42
CA TYR M 183 8.90 15.67 -16.75
C TYR M 183 7.73 16.63 -16.76
N GLY M 184 7.59 17.45 -15.72
CA GLY M 184 6.73 18.62 -15.78
C GLY M 184 5.24 18.40 -15.77
N ASN M 185 4.67 17.99 -14.62
CA ASN M 185 3.22 17.98 -14.46
C ASN M 185 2.51 17.07 -15.46
N PHE M 186 2.62 15.76 -15.26
CA PHE M 186 2.04 14.75 -16.14
C PHE M 186 0.55 14.96 -16.41
N TYR M 187 -0.11 15.87 -15.71
CA TYR M 187 -1.48 16.26 -16.04
C TYR M 187 -1.60 16.89 -17.42
N TYR M 188 -0.50 17.38 -17.97
CA TYR M 188 -0.51 18.01 -19.28
C TYR M 188 -0.11 17.01 -20.37
N ASN M 189 -0.29 15.73 -20.07
CA ASN M 189 0.05 14.67 -21.03
C ASN M 189 -1.14 14.30 -21.90
N PRO M 190 -1.04 14.59 -23.21
CA PRO M 190 -2.09 14.30 -24.19
C PRO M 190 -2.53 12.84 -24.16
N PHE M 191 -1.60 11.94 -23.85
CA PHE M 191 -1.90 10.52 -23.80
C PHE M 191 -2.31 10.06 -22.41
N HIS M 192 -1.79 10.69 -21.37
CA HIS M 192 -2.21 10.43 -19.99
C HIS M 192 -3.56 11.04 -19.70
N MET M 193 -3.93 12.10 -20.41
CA MET M 193 -5.31 12.57 -20.47
C MET M 193 -6.23 11.57 -21.16
N LEU M 194 -5.83 11.06 -22.32
CA LEU M 194 -6.59 9.99 -22.97
C LEU M 194 -6.63 8.74 -22.10
N SER M 195 -5.50 8.42 -21.46
CA SER M 195 -5.47 7.26 -20.58
C SER M 195 -6.44 7.42 -19.42
N ILE M 196 -6.48 8.62 -18.82
CA ILE M 196 -7.43 8.86 -17.74
C ILE M 196 -8.86 8.78 -18.24
N PHE M 197 -9.12 9.35 -19.42
CA PHE M 197 -10.44 9.23 -20.02
C PHE M 197 -10.86 7.77 -20.14
N PHE M 198 -9.98 6.94 -20.69
CA PHE M 198 -10.35 5.54 -20.90
C PHE M 198 -10.47 4.78 -19.59
N LEU M 199 -9.62 5.06 -18.61
CA LEU M 199 -9.69 4.34 -17.33
C LEU M 199 -10.95 4.71 -16.56
N LEU M 200 -11.23 6.00 -16.42
CA LEU M 200 -12.44 6.43 -15.72
C LEU M 200 -13.69 6.01 -16.48
N GLY M 201 -13.65 6.03 -17.82
CA GLY M 201 -14.77 5.53 -18.59
C GLY M 201 -14.97 4.04 -18.41
N SER M 202 -13.87 3.29 -18.28
CA SER M 202 -13.98 1.86 -18.02
C SER M 202 -14.62 1.59 -16.66
N THR M 203 -14.21 2.36 -15.64
CA THR M 203 -14.83 2.20 -14.33
C THR M 203 -16.32 2.55 -14.38
N LEU M 204 -16.67 3.65 -15.06
CA LEU M 204 -18.07 4.01 -15.21
C LEU M 204 -18.85 2.92 -15.97
N LEU M 205 -18.26 2.39 -17.04
CA LEU M 205 -18.90 1.34 -17.82
C LEU M 205 -19.15 0.10 -16.98
N LEU M 206 -18.16 -0.32 -16.20
CA LEU M 206 -18.35 -1.46 -15.33
C LEU M 206 -19.44 -1.19 -14.31
N ALA M 207 -19.46 0.03 -13.75
CA ALA M 207 -20.50 0.37 -12.79
C ALA M 207 -21.90 0.20 -13.39
N MET M 208 -22.15 0.82 -14.54
CA MET M 208 -23.49 0.74 -15.12
C MET M 208 -23.84 -0.67 -15.56
N HIS M 209 -22.89 -1.38 -16.18
CA HIS M 209 -23.19 -2.72 -16.66
C HIS M 209 -23.47 -3.69 -15.51
N ALA M 210 -22.62 -3.66 -14.47
CA ALA M 210 -22.83 -4.51 -13.31
C ALA M 210 -24.11 -4.16 -12.58
N GLY M 211 -24.43 -2.86 -12.44
CA GLY M 211 -25.68 -2.49 -11.82
C GLY M 211 -26.90 -2.93 -12.60
N THR M 212 -26.83 -2.88 -13.93
CA THR M 212 -27.93 -3.35 -14.75
C THR M 212 -28.12 -4.86 -14.59
N ILE M 213 -27.03 -5.63 -14.64
CA ILE M 213 -27.16 -7.07 -14.58
C ILE M 213 -27.62 -7.51 -13.18
N TRP M 214 -27.10 -6.87 -12.14
CA TRP M 214 -27.54 -7.20 -10.79
C TRP M 214 -29.02 -6.88 -10.60
N ALA M 215 -29.49 -5.76 -11.16
CA ALA M 215 -30.90 -5.42 -11.06
C ALA M 215 -31.78 -6.40 -11.84
N LEU M 216 -31.29 -6.91 -12.97
CA LEU M 216 -32.07 -7.80 -13.82
C LEU M 216 -31.81 -9.27 -13.53
N GLU M 217 -31.04 -9.57 -12.48
CA GLU M 217 -30.85 -10.95 -12.02
C GLU M 217 -32.14 -11.76 -12.01
N LYS M 218 -33.26 -11.12 -11.62
CA LYS M 218 -34.53 -11.83 -11.55
C LYS M 218 -34.98 -12.33 -12.91
N TYR M 219 -34.56 -11.65 -13.98
CA TYR M 219 -34.98 -12.00 -15.33
C TYR M 219 -33.93 -12.80 -16.08
N ALA M 220 -32.99 -13.42 -15.37
CA ALA M 220 -31.98 -14.29 -15.97
C ALA M 220 -31.16 -13.57 -17.03
N ALA M 221 -30.85 -12.30 -16.76
CA ALA M 221 -30.04 -11.50 -17.66
C ALA M 221 -28.55 -11.72 -17.45
N HIS M 222 -28.16 -12.42 -16.38
CA HIS M 222 -26.77 -12.74 -16.12
C HIS M 222 -26.27 -13.92 -16.95
N GLU M 223 -27.18 -14.64 -17.59
CA GLU M 223 -26.84 -15.75 -18.48
C GLU M 223 -26.58 -15.13 -19.85
N GLU M 224 -25.44 -14.46 -19.98
CA GLU M 224 -25.18 -13.67 -21.17
C GLU M 224 -25.02 -14.54 -22.41
N TRP M 225 -24.49 -15.75 -22.25
CA TRP M 225 -24.30 -16.63 -23.40
C TRP M 225 -25.64 -16.95 -24.07
N ASN M 226 -26.66 -17.24 -23.26
CA ASN M 226 -27.98 -17.56 -23.81
C ASN M 226 -28.71 -16.33 -24.33
N GLU M 227 -28.33 -15.13 -23.89
CA GLU M 227 -28.98 -13.90 -24.34
C GLU M 227 -28.29 -13.25 -25.53
N ILE M 228 -27.04 -13.63 -25.83
CA ILE M 228 -26.43 -13.16 -27.08
C ILE M 228 -27.16 -13.74 -28.28
N GLN M 229 -27.47 -15.04 -28.26
CA GLN M 229 -28.22 -15.67 -29.34
C GLN M 229 -29.72 -15.48 -29.23
N ALA M 230 -30.24 -15.27 -28.02
CA ALA M 230 -31.67 -15.13 -27.79
C ALA M 230 -31.88 -14.16 -26.63
N PRO M 231 -32.14 -12.88 -26.90
CA PRO M 231 -32.14 -11.87 -25.83
C PRO M 231 -33.13 -12.13 -24.72
N GLY M 232 -34.41 -12.27 -25.03
CA GLY M 232 -35.41 -12.49 -24.02
C GLY M 232 -35.83 -11.20 -23.32
N THR M 233 -36.71 -11.35 -22.34
CA THR M 233 -37.26 -10.19 -21.65
C THR M 233 -36.21 -9.49 -20.79
N GLY M 234 -35.26 -10.26 -20.26
CA GLY M 234 -34.25 -9.67 -19.39
C GLY M 234 -33.36 -8.67 -20.12
N THR M 235 -32.88 -9.04 -21.30
CA THR M 235 -32.05 -8.13 -22.07
C THR M 235 -32.86 -6.94 -22.56
N GLU M 236 -34.14 -7.16 -22.88
CA GLU M 236 -34.99 -6.08 -23.35
C GLU M 236 -35.25 -5.06 -22.25
N ARG M 237 -35.34 -5.51 -20.99
CA ARG M 237 -35.60 -4.62 -19.86
C ARG M 237 -34.30 -4.01 -19.37
N ALA M 238 -33.27 -4.09 -20.21
CA ALA M 238 -32.03 -3.36 -19.99
C ALA M 238 -31.83 -2.40 -21.15
N GLN M 239 -32.11 -2.90 -22.36
CA GLN M 239 -32.06 -2.06 -23.54
C GLN M 239 -33.05 -0.91 -23.42
N LEU M 240 -34.28 -1.21 -23.00
CA LEU M 240 -35.27 -0.16 -22.82
C LEU M 240 -34.89 0.78 -21.69
N PHE M 241 -34.33 0.24 -20.60
CA PHE M 241 -33.90 1.09 -19.50
C PHE M 241 -32.89 2.13 -19.98
N TRP M 242 -31.84 1.69 -20.66
CA TRP M 242 -30.83 2.64 -21.13
C TRP M 242 -31.33 3.53 -22.25
N ARG M 243 -32.22 3.03 -23.11
CA ARG M 243 -32.81 3.85 -24.16
C ARG M 243 -33.66 4.97 -23.57
N TRP M 244 -34.42 4.69 -22.51
CA TRP M 244 -35.18 5.71 -21.84
C TRP M 244 -34.31 6.63 -21.00
N CYS M 245 -33.18 6.15 -20.50
CA CYS M 245 -32.28 6.97 -19.71
C CYS M 245 -31.51 7.98 -20.56
N MET M 246 -30.95 7.56 -21.69
CA MET M 246 -30.09 8.44 -22.46
C MET M 246 -30.32 8.43 -23.97
N GLY M 247 -31.19 7.56 -24.49
CA GLY M 247 -31.53 7.59 -25.89
C GLY M 247 -30.80 6.59 -26.78
N PHE M 248 -29.94 5.75 -26.21
CA PHE M 248 -29.32 4.69 -26.98
C PHE M 248 -28.99 3.53 -26.05
N ASN M 249 -28.96 2.32 -26.62
CA ASN M 249 -28.69 1.11 -25.87
C ASN M 249 -27.74 0.23 -26.67
N ALA M 250 -27.33 -0.88 -26.06
CA ALA M 250 -26.36 -1.78 -26.68
C ALA M 250 -26.62 -3.19 -26.18
N ASN M 251 -27.01 -4.08 -27.08
CA ASN M 251 -27.37 -5.44 -26.68
C ASN M 251 -26.15 -6.18 -26.12
N ALA M 252 -26.36 -7.42 -25.68
CA ALA M 252 -25.35 -8.13 -24.89
C ALA M 252 -23.99 -8.20 -25.60
N TYR M 253 -23.97 -8.36 -26.92
CA TYR M 253 -22.71 -8.44 -27.64
C TYR M 253 -21.99 -7.10 -27.72
N SER M 254 -22.72 -6.03 -28.04
CA SER M 254 -22.09 -4.73 -28.25
C SER M 254 -21.47 -4.18 -26.98
N ILE M 255 -22.14 -4.36 -25.84
CA ILE M 255 -21.63 -3.79 -24.60
C ILE M 255 -20.32 -4.45 -24.19
N HIS M 256 -20.17 -5.75 -24.45
CA HIS M 256 -18.92 -6.41 -24.13
C HIS M 256 -17.79 -5.97 -25.06
N LEU M 257 -18.12 -5.69 -26.33
CA LEU M 257 -17.15 -5.07 -27.22
C LEU M 257 -16.70 -3.72 -26.68
N TRP M 258 -17.65 -2.91 -26.19
CA TRP M 258 -17.32 -1.63 -25.60
C TRP M 258 -16.40 -1.81 -24.39
N ALA M 259 -16.71 -2.77 -23.52
CA ALA M 259 -15.90 -3.01 -22.35
C ALA M 259 -14.48 -3.40 -22.74
N PHE M 260 -14.34 -4.36 -23.66
CA PHE M 260 -13.03 -4.82 -24.09
C PHE M 260 -12.22 -3.69 -24.69
N TRP M 261 -12.83 -2.90 -25.57
CA TRP M 261 -12.07 -1.86 -26.26
C TRP M 261 -11.71 -0.72 -25.32
N PHE M 262 -12.64 -0.30 -24.46
CA PHE M 262 -12.34 0.74 -23.48
C PHE M 262 -11.23 0.32 -22.54
N ALA M 263 -11.19 -0.95 -22.16
CA ALA M 263 -10.13 -1.41 -21.26
C ALA M 263 -8.79 -1.52 -22.01
N TRP M 264 -8.79 -2.03 -23.23
CA TRP M 264 -7.53 -2.24 -23.94
C TRP M 264 -6.91 -0.91 -24.38
N LEU M 265 -7.72 0.03 -24.86
CA LEU M 265 -7.19 1.29 -25.35
C LEU M 265 -6.48 2.08 -24.27
N CYS M 266 -6.85 1.89 -23.00
CA CYS M 266 -6.19 2.58 -21.91
C CYS M 266 -4.72 2.19 -21.82
N GLY M 267 -4.39 0.92 -22.05
CA GLY M 267 -3.01 0.50 -22.02
C GLY M 267 -2.18 1.15 -23.12
N ILE M 268 -2.69 1.12 -24.36
CA ILE M 268 -1.92 1.63 -25.50
C ILE M 268 -1.78 3.14 -25.41
N THR M 269 -2.89 3.85 -25.18
CA THR M 269 -2.88 5.28 -24.96
C THR M 269 -2.48 5.48 -23.50
N GLY M 270 -1.18 5.67 -23.28
CA GLY M 270 -0.61 5.72 -21.96
C GLY M 270 0.70 4.98 -21.93
N ALA M 271 0.80 3.86 -22.65
CA ALA M 271 2.12 3.37 -23.02
C ALA M 271 2.77 4.35 -23.98
N LEU M 272 1.99 4.91 -24.90
CA LEU M 272 2.49 5.99 -25.74
C LEU M 272 2.89 7.19 -24.90
N GLY M 273 2.10 7.53 -23.88
CA GLY M 273 2.42 8.67 -23.05
C GLY M 273 3.71 8.49 -22.27
N VAL M 274 3.90 7.30 -21.68
CA VAL M 274 5.14 7.01 -20.98
C VAL M 274 6.32 7.02 -21.93
N PHE M 275 6.15 6.45 -23.13
CA PHE M 275 7.27 6.37 -24.07
C PHE M 275 7.76 7.74 -24.49
N PHE M 276 6.84 8.67 -24.77
CA PHE M 276 7.24 9.96 -25.31
C PHE M 276 7.78 10.90 -24.24
N SER M 277 7.67 10.54 -22.96
CA SER M 277 8.12 11.40 -21.88
C SER M 277 9.61 11.17 -21.60
N MET M 278 10.43 11.65 -22.54
CA MET M 278 11.88 11.57 -22.39
C MET M 278 12.53 12.74 -23.12
N PRO M 279 13.79 13.07 -22.82
CA PRO M 279 14.40 14.27 -23.43
C PRO M 279 14.43 14.25 -24.95
N ASP M 280 14.41 13.07 -25.57
CA ASP M 280 14.39 13.00 -27.03
C ASP M 280 13.13 13.56 -27.64
N PHE M 281 11.97 13.43 -26.98
CA PHE M 281 10.71 13.91 -27.53
C PHE M 281 10.13 15.06 -26.72
N VAL M 282 9.83 14.86 -25.44
CA VAL M 282 9.26 15.90 -24.59
C VAL M 282 9.97 15.89 -23.25
N ASN M 283 10.48 17.04 -22.84
CA ASN M 283 11.14 17.21 -21.55
C ASN M 283 10.28 17.93 -20.53
N ASN M 284 9.58 18.98 -20.97
CA ASN M 284 8.69 19.76 -20.12
C ASN M 284 7.27 19.65 -20.68
N TRP M 285 6.40 18.95 -19.96
CA TRP M 285 5.01 18.86 -20.40
C TRP M 285 4.25 20.15 -20.15
N PHE M 286 4.62 20.91 -19.11
CA PHE M 286 3.99 22.21 -18.91
C PHE M 286 4.44 23.21 -19.96
N GLN M 287 5.70 23.15 -20.39
CA GLN M 287 6.12 23.96 -21.53
C GLN M 287 5.41 23.51 -22.80
N TRP M 288 5.15 22.20 -22.91
CA TRP M 288 4.36 21.70 -24.03
C TRP M 288 2.97 22.31 -24.03
N GLY M 289 2.33 22.37 -22.85
CA GLY M 289 1.03 23.00 -22.73
C GLY M 289 1.06 24.50 -22.98
N ILE M 290 2.14 25.16 -22.57
CA ILE M 290 2.31 26.58 -22.88
C ILE M 290 2.38 26.79 -24.38
N GLU M 291 3.15 25.95 -25.08
CA GLU M 291 3.19 25.99 -26.54
C GLU M 291 1.87 25.56 -27.18
N ALA M 292 1.02 24.84 -26.44
CA ALA M 292 -0.30 24.47 -26.91
C ALA M 292 -1.36 25.47 -26.48
N GLY M 293 -1.02 26.42 -25.61
CA GLY M 293 -1.95 27.46 -25.20
C GLY M 293 -3.09 26.99 -24.33
N ILE M 294 -2.97 25.83 -23.70
CA ILE M 294 -4.02 25.32 -22.84
C ILE M 294 -3.86 25.75 -21.39
N ASN M 295 -2.71 26.33 -21.03
CA ASN M 295 -2.50 26.76 -19.66
C ASN M 295 -3.17 28.10 -19.41
N TYR M 296 -3.72 28.26 -18.21
CA TYR M 296 -4.10 29.58 -17.75
C TYR M 296 -2.82 30.39 -17.57
N PRO M 297 -2.78 31.65 -18.02
CA PRO M 297 -1.49 32.36 -18.11
C PRO M 297 -0.80 32.48 -16.76
N GLN M 298 0.53 32.35 -16.78
CA GLN M 298 1.33 32.22 -15.56
C GLN M 298 1.33 33.49 -14.73
N GLY M 299 1.83 34.59 -15.29
CA GLY M 299 1.87 35.84 -14.58
C GLY M 299 3.24 36.47 -14.56
N PRO M 300 3.32 37.67 -13.99
CA PRO M 300 4.61 38.39 -13.97
C PRO M 300 5.65 37.76 -13.08
N THR M 301 6.92 37.92 -13.45
CA THR M 301 8.02 37.53 -12.59
C THR M 301 8.20 38.56 -11.47
N PRO M 302 8.82 38.18 -10.36
CA PRO M 302 9.02 39.14 -9.26
C PRO M 302 9.85 40.33 -9.71
N PRO M 303 9.57 41.52 -9.19
CA PRO M 303 10.28 42.73 -9.63
C PRO M 303 11.78 42.65 -9.39
N VAL M 304 12.18 42.45 -8.13
CA VAL M 304 13.58 42.41 -7.70
C VAL M 304 14.29 43.73 -7.96
N GLY N 6 6.90 29.14 -36.70
CA GLY N 6 7.11 28.92 -35.27
C GLY N 6 8.09 27.82 -34.98
N GLU N 7 8.86 27.97 -33.90
CA GLU N 7 9.86 27.01 -33.48
C GLU N 7 9.42 26.42 -32.14
N ALA N 8 8.76 25.26 -32.21
CA ALA N 8 8.31 24.56 -31.01
C ALA N 8 9.43 23.65 -30.53
N THR N 9 9.87 23.86 -29.28
CA THR N 9 10.97 23.06 -28.74
C THR N 9 10.51 21.63 -28.47
N GLN N 10 9.34 21.47 -27.85
CA GLN N 10 8.84 20.15 -27.48
C GLN N 10 7.92 19.64 -28.59
N MET N 11 8.51 18.98 -29.57
CA MET N 11 7.77 18.36 -30.67
C MET N 11 7.85 16.84 -30.58
N ILE N 12 6.72 16.20 -30.81
CA ILE N 12 6.65 14.75 -30.93
C ILE N 12 6.64 14.47 -32.44
N GLY N 13 7.80 14.11 -32.98
CA GLY N 13 7.95 13.97 -34.40
C GLY N 13 7.62 15.26 -35.12
N PRO N 14 6.92 15.16 -36.24
CA PRO N 14 6.45 16.37 -36.94
C PRO N 14 5.06 16.80 -36.49
N LEU N 15 4.87 16.97 -35.18
CA LEU N 15 3.56 17.31 -34.62
C LEU N 15 3.73 18.45 -33.64
N THR N 16 3.14 19.60 -33.95
CA THR N 16 3.13 20.71 -33.01
C THR N 16 2.18 20.40 -31.85
N PRO N 17 2.44 20.96 -30.66
CA PRO N 17 1.62 20.65 -29.49
C PRO N 17 0.14 20.94 -29.68
N ALA N 18 -0.18 22.13 -30.21
CA ALA N 18 -1.57 22.50 -30.44
C ALA N 18 -2.25 21.58 -31.44
N ILE N 19 -1.56 21.22 -32.53
CA ILE N 19 -2.12 20.28 -33.48
C ILE N 19 -2.40 18.94 -32.83
N LEU N 20 -1.48 18.45 -32.00
CA LEU N 20 -1.67 17.19 -31.30
C LEU N 20 -2.85 17.21 -30.35
N CYS N 21 -3.01 18.28 -29.57
CA CYS N 21 -4.15 18.40 -28.67
C CYS N 21 -5.47 18.49 -29.41
N TRP N 22 -5.56 19.35 -30.42
CA TRP N 22 -6.81 19.50 -31.16
C TRP N 22 -7.15 18.23 -31.93
N ALA N 23 -6.16 17.59 -32.56
CA ALA N 23 -6.41 16.35 -33.28
C ALA N 23 -6.88 15.25 -32.34
N SER N 24 -6.24 15.15 -31.17
CA SER N 24 -6.67 14.14 -30.21
C SER N 24 -8.11 14.36 -29.79
N LEU N 25 -8.47 15.60 -29.44
CA LEU N 25 -9.83 15.88 -29.02
C LEU N 25 -10.83 15.60 -30.14
N ILE N 26 -10.54 16.08 -31.35
CA ILE N 26 -11.46 15.92 -32.46
C ILE N 26 -11.64 14.46 -32.83
N LEU N 27 -10.53 13.70 -32.90
CA LEU N 27 -10.60 12.29 -33.20
C LEU N 27 -11.38 11.53 -32.14
N THR N 28 -11.16 11.84 -30.86
CA THR N 28 -11.90 11.14 -29.81
C THR N 28 -13.40 11.41 -29.92
N VAL N 29 -13.79 12.66 -30.12
CA VAL N 29 -15.21 12.98 -30.21
C VAL N 29 -15.83 12.33 -31.44
N LEU N 30 -15.14 12.41 -32.59
CA LEU N 30 -15.68 11.83 -33.82
C LEU N 30 -15.82 10.32 -33.69
N GLY N 31 -14.80 9.65 -33.15
CA GLY N 31 -14.89 8.21 -32.97
C GLY N 31 -15.98 7.82 -32.01
N LEU N 32 -16.12 8.56 -30.91
CA LEU N 32 -17.18 8.26 -29.96
C LEU N 32 -18.56 8.40 -30.59
N GLY N 33 -18.77 9.48 -31.36
CA GLY N 33 -20.05 9.64 -32.03
C GLY N 33 -20.34 8.56 -33.03
N LEU N 34 -19.34 8.21 -33.85
CA LEU N 34 -19.53 7.16 -34.85
C LEU N 34 -19.82 5.82 -34.19
N THR N 35 -19.09 5.47 -33.12
CA THR N 35 -19.34 4.22 -32.44
C THR N 35 -20.68 4.21 -31.73
N PHE N 36 -21.11 5.36 -31.18
CA PHE N 36 -22.46 5.44 -30.62
C PHE N 36 -23.51 5.16 -31.68
N LEU N 37 -23.36 5.77 -32.86
CA LEU N 37 -24.32 5.55 -33.94
C LEU N 37 -24.34 4.07 -34.36
N TRP N 38 -23.15 3.51 -34.54
CA TRP N 38 -23.05 2.11 -34.95
C TRP N 38 -23.66 1.18 -33.91
N THR N 39 -23.39 1.43 -32.64
CA THR N 39 -23.90 0.60 -31.56
C THR N 39 -25.42 0.71 -31.42
N ASN N 40 -25.97 1.92 -31.52
CA ASN N 40 -27.41 2.09 -31.40
C ASN N 40 -28.15 1.52 -32.61
N ILE N 41 -27.55 1.61 -33.80
CA ILE N 41 -28.19 1.09 -35.00
C ILE N 41 -28.32 -0.43 -34.93
N THR N 42 -27.26 -1.11 -34.51
CA THR N 42 -27.22 -2.56 -34.50
C THR N 42 -27.59 -3.15 -33.14
N ALA N 43 -28.41 -2.47 -32.36
CA ALA N 43 -28.80 -2.98 -31.05
C ALA N 43 -29.86 -4.07 -31.18
N TYR N 44 -30.98 -3.74 -31.79
CA TYR N 44 -32.08 -4.68 -31.98
C TYR N 44 -31.98 -5.35 -33.35
N ALA N 45 -32.84 -6.34 -33.56
CA ALA N 45 -32.97 -6.92 -34.88
C ALA N 45 -33.57 -5.89 -35.84
N ARG N 46 -33.05 -5.87 -37.05
CA ARG N 46 -33.49 -4.91 -38.06
C ARG N 46 -34.40 -5.58 -39.06
N ARG N 47 -35.48 -4.87 -39.41
CA ARG N 47 -36.51 -5.40 -40.29
C ARG N 47 -36.59 -4.51 -41.53
N THR N 48 -36.30 -5.09 -42.69
CA THR N 48 -36.41 -4.37 -43.95
C THR N 48 -36.90 -5.30 -45.05
N ARG N 49 -36.90 -4.83 -46.30
CA ARG N 49 -37.33 -5.65 -47.41
C ARG N 49 -36.35 -6.75 -47.79
N THR N 50 -35.06 -6.58 -47.46
CA THR N 50 -34.07 -7.60 -47.75
C THR N 50 -34.28 -8.81 -46.86
N GLY N 51 -34.31 -8.60 -45.55
CA GLY N 51 -34.53 -9.68 -44.61
C GLY N 51 -34.61 -9.16 -43.20
N ARG N 52 -34.53 -10.08 -42.25
CA ARG N 52 -34.51 -9.77 -40.82
C ARG N 52 -33.11 -10.01 -40.30
N LYS N 53 -32.30 -8.96 -40.27
CA LYS N 53 -30.95 -9.10 -39.74
C LYS N 53 -31.00 -9.30 -38.23
N PRO N 54 -30.24 -10.27 -37.71
CA PRO N 54 -30.21 -10.49 -36.26
C PRO N 54 -29.64 -9.32 -35.50
N THR N 55 -29.68 -9.38 -34.17
CA THR N 55 -29.37 -8.20 -33.35
C THR N 55 -27.93 -7.73 -33.54
N ALA N 56 -26.95 -8.48 -33.02
CA ALA N 56 -25.56 -8.14 -33.28
C ALA N 56 -24.76 -9.30 -33.85
N GLY N 57 -24.77 -10.43 -33.15
CA GLY N 57 -23.92 -11.55 -33.49
C GLY N 57 -24.55 -12.91 -33.28
N SER N 58 -25.86 -13.01 -33.46
CA SER N 58 -26.61 -14.18 -33.00
C SER N 58 -26.74 -15.29 -34.03
N VAL N 59 -26.12 -15.18 -35.20
CA VAL N 59 -26.24 -16.23 -36.21
C VAL N 59 -24.89 -16.82 -36.61
N ILE N 60 -23.93 -16.80 -35.68
CA ILE N 60 -22.61 -17.45 -35.74
C ILE N 60 -22.14 -17.48 -37.20
N LYS N 61 -22.17 -16.33 -37.85
CA LYS N 61 -21.70 -16.21 -39.23
C LYS N 61 -21.36 -14.77 -39.56
N PRO O 6 3.52 -41.29 -15.44
CA PRO O 6 3.97 -40.72 -14.20
C PRO O 6 5.16 -39.78 -14.51
N VAL O 7 6.11 -40.24 -15.28
CA VAL O 7 7.31 -39.52 -15.62
C VAL O 7 7.43 -38.45 -16.69
N ARG O 8 6.50 -38.26 -17.59
CA ARG O 8 6.65 -37.15 -18.51
C ARG O 8 6.61 -35.78 -17.91
N THR O 9 5.86 -35.60 -16.86
CA THR O 9 5.71 -34.30 -16.31
C THR O 9 6.92 -34.03 -15.59
N ASN O 10 7.36 -35.04 -14.92
CA ASN O 10 8.58 -34.80 -14.15
C ASN O 10 9.87 -34.53 -14.85
N ILE O 11 9.90 -34.84 -16.08
CA ILE O 11 10.98 -34.58 -17.02
C ILE O 11 10.93 -33.12 -17.49
N VAL O 12 9.74 -32.69 -17.94
CA VAL O 12 9.62 -31.32 -18.41
C VAL O 12 9.88 -30.32 -17.28
N ILE O 13 9.35 -30.58 -16.10
CA ILE O 13 9.49 -29.65 -14.98
C ILE O 13 10.95 -29.51 -14.57
N PHE O 14 11.63 -30.62 -14.69
CA PHE O 14 13.02 -30.84 -14.36
C PHE O 14 13.87 -30.00 -15.23
N THR O 15 13.57 -30.14 -16.42
CA THR O 15 14.25 -29.41 -17.48
C THR O 15 14.10 -27.90 -17.31
N ILE O 16 12.89 -27.43 -17.28
CA ILE O 16 12.72 -26.03 -17.12
C ILE O 16 13.33 -25.57 -15.85
N LEU O 17 13.62 -26.48 -14.93
CA LEU O 17 14.63 -26.30 -13.90
C LEU O 17 15.89 -26.98 -14.33
N GLY O 18 16.85 -26.23 -14.76
CA GLY O 18 18.02 -26.83 -15.23
C GLY O 18 18.17 -25.63 -16.03
N PHE O 19 17.05 -25.11 -16.50
CA PHE O 19 17.22 -23.89 -17.29
C PHE O 19 17.21 -22.66 -16.40
N VAL O 20 16.23 -22.56 -15.50
CA VAL O 20 16.09 -21.37 -14.66
C VAL O 20 17.28 -21.25 -13.72
N VAL O 21 17.76 -22.39 -13.21
CA VAL O 21 18.90 -22.36 -12.29
C VAL O 21 20.17 -21.96 -13.02
N ALA O 22 20.35 -22.46 -14.24
CA ALA O 22 21.51 -22.07 -15.04
C ALA O 22 21.49 -20.58 -15.33
N LEU O 23 20.32 -20.04 -15.69
CA LEU O 23 20.20 -18.60 -15.90
C LEU O 23 20.57 -17.83 -14.64
N LEU O 24 20.05 -18.29 -13.49
CA LEU O 24 20.30 -17.58 -12.23
C LEU O 24 21.79 -17.55 -11.90
N ILE O 25 22.45 -18.70 -11.97
CA ILE O 25 23.87 -18.76 -11.63
C ILE O 25 24.69 -17.94 -12.61
N HIS O 26 24.35 -18.02 -13.90
CA HIS O 26 25.09 -17.24 -14.90
C HIS O 26 24.97 -15.75 -14.61
N PHE O 27 23.77 -15.28 -14.27
CA PHE O 27 23.59 -13.87 -13.96
C PHE O 27 24.40 -13.46 -12.72
N ILE O 28 24.37 -14.30 -11.67
CA ILE O 28 25.08 -13.94 -10.45
C ILE O 28 26.59 -13.94 -10.68
N VAL O 29 27.07 -14.84 -11.54
CA VAL O 29 28.49 -14.90 -11.84
C VAL O 29 28.88 -13.68 -12.66
N LEU O 30 28.07 -13.31 -13.64
CA LEU O 30 28.35 -12.16 -14.49
C LEU O 30 28.28 -10.84 -13.75
N SER O 31 27.39 -10.70 -12.77
CA SER O 31 27.23 -9.46 -12.02
C SER O 31 28.40 -9.18 -11.09
N SER O 32 29.13 -10.20 -10.66
CA SER O 32 30.27 -9.99 -9.77
C SER O 32 31.36 -9.21 -10.49
N PRO O 33 32.08 -8.31 -9.81
CA PRO O 33 32.99 -7.39 -10.51
C PRO O 33 34.10 -8.09 -11.28
N GLU O 34 34.93 -8.85 -10.57
CA GLU O 34 36.05 -9.54 -11.19
C GLU O 34 35.63 -10.60 -12.21
N TYR O 35 34.62 -11.34 -11.87
CA TYR O 35 34.09 -12.29 -12.79
C TYR O 35 33.37 -11.81 -13.97
N ASN O 36 33.13 -10.57 -14.09
CA ASN O 36 32.55 -10.02 -15.30
C ASN O 36 33.53 -10.16 -16.46
N TRP O 37 33.20 -11.02 -17.42
CA TRP O 37 34.02 -11.26 -18.59
C TRP O 37 33.63 -10.38 -19.76
N LEU O 38 32.70 -9.46 -19.55
CA LEU O 38 32.20 -8.57 -20.61
C LEU O 38 32.60 -7.13 -20.36
N SER O 39 33.52 -6.90 -19.42
CA SER O 39 33.95 -5.55 -19.09
C SER O 39 35.45 -5.39 -19.28
N ASN O 40 36.22 -6.40 -18.88
CA ASN O 40 37.67 -6.40 -19.00
C ASN O 40 38.30 -5.16 -18.37
N ASP P 4 5.41 -53.85 -25.63
CA ASP P 4 4.88 -52.75 -24.84
C ASP P 4 5.50 -52.70 -23.45
N ASP P 5 5.88 -53.87 -22.93
CA ASP P 5 6.37 -53.89 -21.54
C ASP P 5 7.53 -54.86 -21.37
N ASP P 6 8.24 -55.24 -22.44
CA ASP P 6 9.32 -56.20 -22.35
C ASP P 6 10.69 -55.57 -22.17
N LEU P 7 11.01 -54.53 -22.94
CA LEU P 7 12.30 -53.87 -22.81
C LEU P 7 12.45 -53.19 -21.46
N VAL P 8 11.37 -52.77 -20.89
CA VAL P 8 11.41 -52.24 -19.56
C VAL P 8 11.48 -53.48 -18.71
N PRO P 9 12.18 -53.44 -17.57
CA PRO P 9 12.54 -54.46 -16.56
C PRO P 9 11.63 -55.54 -15.98
N PRO P 10 11.80 -55.75 -14.70
CA PRO P 10 11.02 -56.77 -14.01
C PRO P 10 11.00 -56.36 -12.59
N LYS P 11 10.61 -55.14 -12.41
CA LYS P 11 10.60 -54.40 -11.15
C LYS P 11 10.06 -53.01 -11.45
N TRP P 12 10.62 -52.37 -12.48
CA TRP P 12 10.10 -51.12 -13.01
C TRP P 12 9.07 -51.50 -14.07
N ARG P 13 7.83 -51.67 -13.66
CA ARG P 13 6.79 -52.08 -14.59
C ARG P 13 5.44 -51.48 -14.23
N PRO P 14 5.07 -51.40 -12.94
CA PRO P 14 3.90 -50.56 -12.61
C PRO P 14 4.14 -49.09 -12.87
N LEU P 15 5.40 -48.66 -12.91
CA LEU P 15 5.76 -47.26 -13.07
C LEU P 15 6.11 -46.89 -14.50
N PHE P 16 6.09 -47.83 -15.44
CA PHE P 16 6.64 -47.57 -16.77
C PHE P 16 5.94 -48.42 -17.81
N ASN P 17 6.17 -48.05 -19.07
CA ASN P 17 5.97 -48.93 -20.20
C ASN P 17 7.05 -48.61 -21.23
N ASN P 18 6.96 -49.23 -22.40
CA ASN P 18 8.02 -49.12 -23.40
C ASN P 18 8.35 -47.68 -23.75
N GLN P 19 7.33 -46.90 -24.10
CA GLN P 19 7.55 -45.58 -24.67
C GLN P 19 8.12 -44.60 -23.64
N ASP P 20 7.52 -44.55 -22.44
CA ASP P 20 8.08 -43.68 -21.41
C ASP P 20 9.43 -44.20 -20.93
N TRP P 21 9.68 -45.50 -21.04
CA TRP P 21 11.01 -45.99 -20.68
C TRP P 21 12.08 -45.50 -21.65
N LEU P 22 11.80 -45.53 -22.96
CA LEU P 22 12.74 -44.92 -23.90
C LEU P 22 12.89 -43.42 -23.64
N LEU P 23 11.76 -42.80 -23.88
CA LEU P 23 11.63 -41.37 -23.81
C LEU P 23 12.28 -40.90 -22.59
N HIS P 24 12.41 -41.79 -21.61
CA HIS P 24 13.03 -41.44 -20.33
C HIS P 24 14.47 -41.91 -20.22
N ASP P 25 14.87 -42.85 -21.06
CA ASP P 25 16.22 -43.32 -20.98
C ASP P 25 17.09 -42.35 -21.73
N ILE P 26 16.54 -41.69 -22.71
CA ILE P 26 17.29 -40.64 -23.39
C ILE P 26 17.74 -39.55 -22.41
N VAL P 27 16.92 -39.27 -21.40
CA VAL P 27 17.19 -38.15 -20.51
C VAL P 27 18.43 -38.41 -19.66
N VAL P 28 18.62 -39.65 -19.22
CA VAL P 28 19.77 -39.94 -18.36
C VAL P 28 21.07 -39.78 -19.14
N LYS P 29 21.09 -40.26 -20.38
CA LYS P 29 22.26 -40.11 -21.24
C LYS P 29 22.56 -38.64 -21.50
N SER P 30 21.54 -37.83 -21.76
CA SER P 30 21.77 -36.40 -21.86
C SER P 30 22.31 -35.83 -20.55
N PHE P 31 21.72 -36.25 -19.43
CA PHE P 31 22.04 -35.70 -18.12
C PHE P 31 23.50 -35.89 -17.77
N TYR P 32 23.93 -37.11 -17.76
CA TYR P 32 25.30 -37.48 -17.56
C TYR P 32 26.28 -36.91 -18.47
N GLY P 33 25.85 -36.61 -19.64
CA GLY P 33 26.84 -36.26 -20.63
C GLY P 33 27.13 -34.78 -20.54
N PHE P 34 26.12 -34.06 -20.09
CA PHE P 34 26.10 -32.64 -19.81
C PHE P 34 26.89 -32.43 -18.60
N GLY P 35 26.63 -33.33 -17.76
CA GLY P 35 27.27 -33.29 -16.46
C GLY P 35 28.78 -33.39 -16.53
N VAL P 36 29.30 -34.30 -17.34
CA VAL P 36 30.75 -34.39 -17.52
C VAL P 36 31.27 -33.17 -18.27
N ILE P 37 30.48 -32.67 -19.22
CA ILE P 37 30.87 -31.42 -19.89
C ILE P 37 30.95 -30.28 -18.89
N ALA P 38 29.97 -30.20 -17.98
CA ALA P 38 29.97 -29.14 -16.97
C ALA P 38 31.12 -29.32 -15.99
N ALA P 39 31.46 -30.56 -15.67
CA ALA P 39 32.60 -30.80 -14.79
C ALA P 39 33.89 -30.30 -15.45
N ILE P 40 34.07 -30.56 -16.73
CA ILE P 40 35.25 -30.06 -17.44
C ILE P 40 35.25 -28.53 -17.47
N ALA P 41 34.09 -27.92 -17.72
CA ALA P 41 34.00 -26.46 -17.72
C ALA P 41 34.32 -25.87 -16.34
N HIS P 42 33.80 -26.47 -15.28
CA HIS P 42 34.11 -26.02 -13.93
C HIS P 42 35.60 -26.15 -13.64
N LEU P 43 36.21 -27.25 -14.08
CA LEU P 43 37.65 -27.43 -13.89
C LEU P 43 38.44 -26.33 -14.57
N LEU P 44 38.10 -26.04 -15.84
CA LEU P 44 38.82 -24.99 -16.56
C LEU P 44 38.60 -23.62 -15.93
N VAL P 45 37.38 -23.32 -15.49
CA VAL P 45 37.12 -22.04 -14.85
C VAL P 45 37.89 -21.92 -13.54
N TYR P 46 37.90 -22.97 -12.72
CA TYR P 46 38.68 -22.93 -11.48
C TYR P 46 40.17 -22.79 -11.76
N LEU P 47 40.66 -23.41 -12.83
CA LEU P 47 42.04 -23.19 -13.24
C LEU P 47 42.28 -21.75 -13.60
N TRP P 48 41.30 -21.11 -14.26
CA TRP P 48 41.43 -19.70 -14.60
C TRP P 48 41.55 -18.84 -13.35
N LYS P 49 40.76 -19.16 -12.32
CA LYS P 49 40.89 -18.50 -11.01
C LYS P 49 40.16 -19.29 -9.94
N PRO P 50 40.81 -19.56 -8.80
CA PRO P 50 40.14 -20.27 -7.70
C PRO P 50 39.29 -19.33 -6.88
N TRP P 51 38.05 -19.76 -6.57
CA TRP P 51 37.20 -18.99 -5.68
C TRP P 51 37.26 -19.46 -4.24
N LEU P 52 38.00 -20.53 -3.97
CA LEU P 52 38.01 -21.10 -2.63
C LEU P 52 39.39 -21.63 -2.28
N PRO P 53 39.83 -21.36 -1.04
CA PRO P 53 41.13 -21.79 -0.51
C PRO P 53 40.97 -23.06 0.28
N SER Q 5 2.94 -38.85 -29.58
CA SER Q 5 4.09 -38.08 -29.13
C SER Q 5 3.99 -36.62 -29.55
N PRO Q 6 4.30 -35.71 -28.63
CA PRO Q 6 4.21 -34.28 -28.95
C PRO Q 6 5.43 -33.76 -29.67
N VAL Q 7 5.78 -34.39 -30.81
CA VAL Q 7 6.96 -33.99 -31.56
C VAL Q 7 6.80 -32.57 -32.09
N ARG Q 8 5.62 -32.25 -32.62
CA ARG Q 8 5.39 -30.91 -33.15
C ARG Q 8 5.49 -29.85 -32.06
N THR Q 9 4.84 -30.10 -30.92
CA THR Q 9 4.87 -29.15 -29.82
C THR Q 9 6.29 -28.95 -29.32
N ASN Q 10 7.04 -30.04 -29.17
CA ASN Q 10 8.42 -29.94 -28.70
C ASN Q 10 9.28 -29.18 -29.71
N ILE Q 11 9.06 -29.41 -31.01
CA ILE Q 11 9.81 -28.72 -32.04
C ILE Q 11 9.56 -27.22 -31.96
N VAL Q 12 8.29 -26.83 -31.85
CA VAL Q 12 7.96 -25.41 -31.79
C VAL Q 12 8.55 -24.77 -30.52
N ILE Q 13 8.40 -25.44 -29.38
CA ILE Q 13 8.91 -24.89 -28.12
C ILE Q 13 10.43 -24.76 -28.18
N PHE Q 14 11.10 -25.74 -28.78
CA PHE Q 14 12.55 -25.73 -28.91
C PHE Q 14 13.02 -24.58 -29.79
N THR Q 15 12.32 -24.32 -30.90
CA THR Q 15 12.65 -23.17 -31.75
C THR Q 15 12.39 -21.84 -31.04
N ILE Q 16 11.28 -21.72 -30.31
CA ILE Q 16 11.00 -20.47 -29.60
C ILE Q 16 12.04 -20.23 -28.51
N LEU Q 17 12.46 -21.28 -27.81
CA LEU Q 17 13.51 -21.15 -26.81
C LEU Q 17 14.81 -20.68 -27.46
N GLY Q 18 15.14 -21.22 -28.64
CA GLY Q 18 16.32 -20.75 -29.34
C GLY Q 18 16.24 -19.28 -29.70
N PHE Q 19 15.08 -18.85 -30.21
CA PHE Q 19 14.93 -17.44 -30.58
C PHE Q 19 15.08 -16.54 -29.35
N VAL Q 20 14.43 -16.91 -28.24
CA VAL Q 20 14.49 -16.09 -27.03
C VAL Q 20 15.92 -16.02 -26.50
N VAL Q 21 16.62 -17.15 -26.48
CA VAL Q 21 17.98 -17.17 -25.97
C VAL Q 21 18.90 -16.34 -26.85
N ALA Q 22 18.74 -16.44 -28.18
CA ALA Q 22 19.56 -15.63 -29.08
C ALA Q 22 19.32 -14.14 -28.87
N LEU Q 23 18.05 -13.75 -28.72
CA LEU Q 23 17.75 -12.34 -28.48
C LEU Q 23 18.37 -11.85 -27.18
N LEU Q 24 18.23 -12.62 -26.10
CA LEU Q 24 18.78 -12.20 -24.82
C LEU Q 24 20.30 -12.11 -24.87
N ILE Q 25 20.95 -13.09 -25.52
CA ILE Q 25 22.40 -13.09 -25.61
C ILE Q 25 22.88 -11.90 -26.41
N HIS Q 26 22.23 -11.59 -27.54
CA HIS Q 26 22.60 -10.42 -28.30
C HIS Q 26 22.45 -9.14 -27.48
N PHE Q 27 21.33 -9.01 -26.75
CA PHE Q 27 21.13 -7.82 -25.93
C PHE Q 27 22.22 -7.67 -24.88
N ILE Q 28 22.53 -8.76 -24.16
CA ILE Q 28 23.50 -8.67 -23.09
C ILE Q 28 24.90 -8.42 -23.63
N VAL Q 29 25.26 -9.05 -24.75
CA VAL Q 29 26.60 -8.84 -25.30
C VAL Q 29 26.74 -7.43 -25.85
N LEU Q 30 25.73 -6.92 -26.56
CA LEU Q 30 25.82 -5.57 -27.12
C LEU Q 30 25.76 -4.48 -26.06
N SER Q 31 25.02 -4.70 -24.97
CA SER Q 31 24.92 -3.69 -23.92
C SER Q 31 26.13 -3.66 -22.99
N SER Q 32 27.00 -4.66 -23.04
CA SER Q 32 28.16 -4.70 -22.17
C SER Q 32 29.14 -3.61 -22.56
N PRO Q 33 29.85 -3.01 -21.58
CA PRO Q 33 30.72 -1.88 -21.90
C PRO Q 33 32.10 -2.31 -22.39
N GLU Q 34 32.15 -3.30 -23.26
CA GLU Q 34 33.40 -3.66 -23.95
C GLU Q 34 33.11 -3.98 -25.41
N TYR Q 35 31.87 -4.38 -25.69
CA TYR Q 35 31.52 -4.96 -26.97
C TYR Q 35 30.56 -4.12 -27.80
N ASN Q 36 30.09 -2.99 -27.28
CA ASN Q 36 29.23 -2.12 -28.07
C ASN Q 36 30.06 -1.41 -29.13
N TRP Q 37 29.99 -1.88 -30.37
CA TRP Q 37 30.81 -1.34 -31.45
C TRP Q 37 30.22 -0.06 -32.03
N LEU Q 38 29.93 0.90 -31.15
CA LEU Q 38 29.41 2.21 -31.53
C LEU Q 38 30.51 3.27 -31.45
N SER Q 39 31.77 2.82 -31.51
CA SER Q 39 32.93 3.70 -31.47
C SER Q 39 33.47 3.99 -32.86
N ASN Q 40 32.64 3.80 -33.88
CA ASN Q 40 33.05 4.03 -35.27
C ASN Q 40 32.21 5.12 -35.91
N ASP R 4 1.88 -48.60 -41.15
CA ASP R 4 2.26 -47.71 -42.25
C ASP R 4 3.52 -46.92 -41.91
N ASP R 5 4.28 -47.41 -40.94
CA ASP R 5 5.50 -46.75 -40.52
C ASP R 5 6.74 -47.54 -40.97
N ASP R 6 6.84 -47.77 -42.28
CA ASP R 6 7.96 -48.51 -42.84
C ASP R 6 9.25 -47.69 -42.80
N LEU R 7 9.13 -46.36 -42.89
CA LEU R 7 10.30 -45.49 -42.87
C LEU R 7 10.90 -45.39 -41.47
N VAL R 8 10.07 -45.40 -40.45
CA VAL R 8 10.56 -45.35 -39.06
C VAL R 8 11.30 -46.65 -38.75
N PRO R 9 12.53 -46.59 -38.25
CA PRO R 9 13.24 -47.82 -37.89
C PRO R 9 12.57 -48.52 -36.73
N PRO R 10 12.70 -49.84 -36.63
CA PRO R 10 12.07 -50.58 -35.54
C PRO R 10 12.40 -50.04 -34.16
N LYS R 11 13.58 -49.44 -34.02
CA LYS R 11 14.07 -48.94 -32.74
C LYS R 11 13.09 -47.99 -32.07
N TRP R 12 12.74 -46.89 -32.75
CA TRP R 12 11.87 -45.88 -32.17
C TRP R 12 10.50 -45.86 -32.85
N ARG R 13 9.99 -47.05 -33.18
CA ARG R 13 8.71 -47.21 -33.85
C ARG R 13 7.50 -46.69 -33.06
N PRO R 14 7.30 -47.07 -31.80
CA PRO R 14 6.03 -46.67 -31.15
C PRO R 14 5.91 -45.18 -30.91
N LEU R 15 7.04 -44.48 -30.73
CA LEU R 15 7.00 -43.06 -30.44
C LEU R 15 6.87 -42.19 -31.68
N PHE R 16 7.07 -42.75 -32.87
CA PHE R 16 7.13 -41.96 -34.09
C PHE R 16 6.27 -42.61 -35.19
N ASN R 17 5.89 -41.77 -36.15
CA ASN R 17 5.33 -42.25 -37.41
C ASN R 17 6.10 -41.62 -38.57
N ASN R 18 5.58 -41.77 -39.79
CA ASN R 18 6.31 -41.29 -40.97
C ASN R 18 6.55 -39.79 -40.92
N GLN R 19 5.49 -39.00 -40.73
CA GLN R 19 5.63 -37.55 -40.83
C GLN R 19 6.47 -36.98 -39.69
N ASP R 20 6.28 -37.50 -38.47
CA ASP R 20 7.08 -37.02 -37.34
C ASP R 20 8.56 -37.31 -37.56
N TRP R 21 8.88 -38.51 -38.04
CA TRP R 21 10.27 -38.84 -38.32
C TRP R 21 10.84 -37.95 -39.42
N LEU R 22 10.03 -37.69 -40.46
CA LEU R 22 10.49 -36.81 -41.53
C LEU R 22 10.80 -35.41 -41.01
N LEU R 23 9.96 -34.89 -40.12
CA LEU R 23 10.23 -33.58 -39.52
C LEU R 23 11.47 -33.62 -38.64
N HIS R 24 11.64 -34.70 -37.88
CA HIS R 24 12.77 -34.82 -36.96
C HIS R 24 14.11 -34.91 -37.69
N ASP R 25 14.17 -35.57 -38.84
CA ASP R 25 15.40 -35.57 -39.62
C ASP R 25 15.78 -34.16 -40.06
N ILE R 26 14.79 -33.37 -40.48
CA ILE R 26 15.05 -31.98 -40.85
C ILE R 26 15.57 -31.20 -39.65
N VAL R 27 14.96 -31.39 -38.48
CA VAL R 27 15.38 -30.67 -37.28
C VAL R 27 16.82 -31.03 -36.92
N VAL R 28 17.19 -32.31 -37.04
CA VAL R 28 18.56 -32.73 -36.71
C VAL R 28 19.56 -32.02 -37.60
N LYS R 29 19.33 -32.02 -38.91
CA LYS R 29 20.26 -31.37 -39.84
C LYS R 29 20.33 -29.88 -39.57
N SER R 30 19.18 -29.25 -39.30
CA SER R 30 19.17 -27.83 -39.02
C SER R 30 20.00 -27.49 -37.78
N PHE R 31 19.82 -28.24 -36.69
CA PHE R 31 20.55 -27.97 -35.46
C PHE R 31 22.04 -28.20 -35.65
N TYR R 32 22.42 -29.26 -36.38
CA TYR R 32 23.85 -29.52 -36.53
C TYR R 32 24.54 -28.49 -37.43
N GLY R 33 23.89 -28.08 -38.53
CA GLY R 33 24.44 -26.98 -39.31
C GLY R 33 24.49 -25.68 -38.52
N PHE R 34 23.50 -25.48 -37.65
CA PHE R 34 23.47 -24.34 -36.75
C PHE R 34 24.70 -24.32 -35.86
N GLY R 35 25.07 -25.48 -35.30
CA GLY R 35 26.29 -25.57 -34.51
C GLY R 35 27.55 -25.36 -35.32
N VAL R 36 27.56 -25.89 -36.55
CA VAL R 36 28.73 -25.72 -37.41
C VAL R 36 28.97 -24.25 -37.71
N ILE R 37 27.90 -23.50 -37.98
CA ILE R 37 28.05 -22.06 -38.19
C ILE R 37 28.47 -21.37 -36.89
N ALA R 38 27.94 -21.83 -35.75
CA ALA R 38 28.36 -21.30 -34.46
C ALA R 38 29.85 -21.42 -34.21
N ALA R 39 30.45 -22.54 -34.59
CA ALA R 39 31.89 -22.70 -34.41
C ALA R 39 32.66 -21.58 -35.10
N ILE R 40 32.32 -21.30 -36.36
CA ILE R 40 32.99 -20.23 -37.10
C ILE R 40 32.70 -18.88 -36.46
N ALA R 41 31.48 -18.66 -36.00
CA ALA R 41 31.14 -17.38 -35.39
C ALA R 41 31.96 -17.12 -34.14
N HIS R 42 32.03 -18.10 -33.23
CA HIS R 42 32.80 -17.91 -32.00
C HIS R 42 34.30 -17.84 -32.29
N LEU R 43 34.79 -18.59 -33.29
CA LEU R 43 36.19 -18.46 -33.69
C LEU R 43 36.51 -17.06 -34.19
N LEU R 44 35.65 -16.50 -35.04
CA LEU R 44 35.85 -15.14 -35.53
C LEU R 44 35.81 -14.14 -34.40
N VAL R 45 34.87 -14.30 -33.47
CA VAL R 45 34.76 -13.36 -32.35
C VAL R 45 36.01 -13.43 -31.47
N TYR R 46 36.48 -14.64 -31.16
CA TYR R 46 37.66 -14.79 -30.33
C TYR R 46 38.93 -14.26 -30.99
N LEU R 47 39.04 -14.37 -32.33
CA LEU R 47 40.17 -13.73 -33.01
C LEU R 47 39.89 -12.27 -33.37
N TRP R 48 38.94 -11.63 -32.69
CA TRP R 48 38.71 -10.20 -32.87
C TRP R 48 38.72 -9.49 -31.51
N LYS R 49 38.14 -10.12 -30.50
CA LYS R 49 38.06 -9.56 -29.16
C LYS R 49 38.03 -10.68 -28.13
N PRO R 50 39.18 -11.24 -27.79
CA PRO R 50 39.21 -12.33 -26.80
C PRO R 50 38.72 -11.85 -25.44
N TRP R 51 37.64 -12.47 -24.96
CA TRP R 51 37.16 -12.17 -23.61
C TRP R 51 37.88 -13.05 -22.59
N LEU R 52 38.03 -14.33 -22.89
CA LEU R 52 38.89 -15.19 -22.09
C LEU R 52 40.35 -14.97 -22.50
N PRO R 53 41.33 -15.29 -21.63
CA PRO R 53 42.75 -15.02 -21.83
C PRO R 53 43.24 -14.89 -23.28
MG BCL S . -16.25 5.30 31.61
CHA BCL S . -19.43 5.29 30.56
CHB BCL S . -15.89 2.21 30.40
CHC BCL S . -12.92 5.66 32.04
CHD BCL S . -16.60 8.70 32.42
NA BCL S . -17.48 3.96 30.60
C1A BCL S . -18.82 4.10 30.33
C2A BCL S . -19.37 2.93 29.50
C3A BCL S . -18.28 1.83 29.77
C4A BCL S . -17.17 2.71 30.30
CMA BCL S . -18.72 0.97 30.96
CAA BCL S . -19.53 3.34 28.07
CBA BCL S . -20.89 3.07 27.49
CGA BCL S . -20.78 1.88 26.57
O1A BCL S . -20.16 0.97 26.80
O2A BCL S . -20.96 2.12 25.38
NB BCL S . -14.68 4.19 31.29
C1B BCL S . -14.76 2.93 30.78
C2B BCL S . -13.48 2.43 30.70
C3B BCL S . -12.62 3.36 31.14
C4B BCL S . -13.37 4.49 31.53
CMB BCL S . -13.26 1.04 30.16
CAB BCL S . -11.09 3.25 31.23
OBB BCL S . -10.47 4.05 31.83
CBB BCL S . -10.20 2.37 30.41
NC BCL S . -15.05 6.92 32.05
C1C BCL S . -13.71 6.80 32.22
C2C BCL S . -13.14 8.01 32.92
C3C BCL S . -14.31 8.77 33.36
C4C BCL S . -15.34 8.20 32.39
CMC BCL S . -12.51 7.58 34.22
CAC BCL S . -13.91 10.21 33.01
CBC BCL S . -13.68 10.45 31.51
ND BCL S . -17.60 6.70 31.54
C1D BCL S . -17.69 8.02 31.88
C2D BCL S . -18.94 8.59 31.63
C3D BCL S . -19.61 7.56 31.13
C4D BCL S . -18.80 6.44 31.08
CMD BCL S . -19.39 10.00 31.86
CAD BCL S . -20.95 7.19 30.58
OBD BCL S . -22.01 7.90 30.37
CBD BCL S . -20.83 5.71 30.06
CGD BCL S . -21.89 4.95 30.87
O1D BCL S . -22.14 5.16 31.92
O2D BCL S . -22.77 4.28 30.26
CED BCL S . -23.23 3.09 31.11
C1 BCL S . -22.27 1.85 24.77
C2 BCL S . -22.29 0.51 24.06
C3 BCL S . -23.24 0.13 23.24
C4 BCL S . -24.42 1.01 22.98
C5 BCL S . -23.48 -1.36 22.89
C6 BCL S . -23.87 -2.11 24.18
C7 BCL S . -23.49 -3.56 23.90
CAB U4Z T . -30.40 -8.55 22.20
CAC U4Z T . -30.81 -9.70 21.30
CAD U4Z T . -29.58 -7.53 21.43
CAE U4Z T . -30.89 -9.42 19.81
CAF U4Z T . -31.69 -7.96 22.82
CAG U4Z T . -29.48 -9.07 23.32
CAH U4Z T . -28.76 -8.20 20.36
CAI U4Z T . -29.68 -8.66 19.29
CAJ U4Z T . -29.03 -6.19 21.98
CAK U4Z T . -27.38 -7.64 20.03
CAL U4Z T . -28.08 -5.27 21.89
CAM U4Z T . -28.29 -4.11 22.87
CAN U4Z T . -28.93 -4.37 24.25
CAO U4Z T . -27.88 -2.93 22.45
CAP U4Z T . -28.03 -1.65 23.31
CAQ U4Z T . -28.47 -1.01 24.39
CAR U4Z T . -28.06 0.44 24.31
CAS U4Z T . -28.82 15.36 26.49
CAT U4Z T . -29.48 15.90 27.80
CAU U4Z T . -27.92 1.29 25.59
CAV U4Z T . -27.83 0.98 23.14
CAW U4Z T . -28.90 13.81 26.50
CAX U4Z T . -30.91 15.32 28.07
CAY U4Z T . -31.73 15.61 29.14
CAZ U4Z T . -28.87 13.34 27.98
CBA U4Z T . -28.98 13.05 25.41
CBB U4Z T . -27.39 2.44 23.11
CBC U4Z T . -31.76 16.47 30.41
CBD U4Z T . -30.82 16.62 29.91
CBE U4Z T . -29.05 12.97 23.87
CBF U4Z T . -28.93 11.75 23.39
CBG U4Z T . -26.39 3.33 23.05
CBH U4Z T . -28.74 10.24 23.50
CBI U4Z T . -26.79 4.82 23.06
CBJ U4Z T . -27.55 9.62 23.39
CBK U4Z T . -30.20 9.75 23.76
CBL U4Z T . -26.99 5.95 22.39
CBM U4Z T . -28.09 8.19 23.62
CBN U4Z T . -27.37 7.32 22.93
CBO U4Z T . -26.87 6.12 20.85
MG BCL U . -21.24 13.11 28.14
CHA BCL U . -21.66 9.88 27.44
CHB BCL U . -24.42 13.68 27.37
CHC BCL U . -20.74 16.28 29.18
CHD BCL U . -17.93 12.43 29.06
NA BCL U . -22.86 11.91 27.65
C1A BCL U . -22.81 10.58 27.28
C2A BCL U . -24.22 10.03 27.13
C3A BCL U . -24.98 11.34 26.65
C4A BCL U . -24.07 12.35 27.31
CMA BCL U . -24.74 11.51 25.15
CAA BCL U . -24.71 9.47 28.44
CBA BCL U . -26.12 8.99 28.38
CGA BCL U . -26.28 8.23 27.07
O1A BCL U . -27.03 8.43 26.25
O2A BCL U . -25.74 7.12 27.05
NB BCL U . -22.34 14.71 28.28
C1B BCL U . -23.64 14.73 27.90
C2B BCL U . -24.11 16.00 28.10
C3B BCL U . -23.12 16.76 28.61
C4B BCL U . -21.97 15.95 28.73
CMB BCL U . -25.54 16.33 27.78
CAB BCL U . -23.21 18.24 28.99
OBB BCL U . -22.44 18.70 29.74
CBB BCL U . -23.82 19.28 28.11
NC BCL U . -19.72 14.03 29.17
C1C BCL U . -19.73 15.35 29.46
C2C BCL U . -18.47 15.81 30.13
C3C BCL U . -17.63 14.59 30.26
C4C BCL U . -18.43 13.64 29.37
CMC BCL U . -17.66 16.64 29.16
CAC BCL U . -17.84 14.22 31.73
CBC BCL U . -16.77 13.24 32.23
ND BCL U . -20.04 11.61 28.28
C1D BCL U . -18.74 11.38 28.63
C2D BCL U . -18.33 10.06 28.51
C3D BCL U . -19.43 9.47 28.06
C4D BCL U . -20.44 10.41 27.91
CMD BCL U . -16.99 9.47 28.81
CAD BCL U . -19.99 8.15 27.64
OBD BCL U . -19.44 7.15 27.03
CBD BCL U . -21.56 8.36 27.61
CGD BCL U . -22.02 7.60 26.36
O1D BCL U . -22.38 6.56 26.35
O2D BCL U . -21.96 8.12 25.22
CED BCL U . -22.96 7.49 24.26
C1 BCL U . -26.08 6.13 28.08
MG BCL V . -39.10 0.78 20.02
CHA BCL V . -40.80 1.31 22.81
CHB BCL V . -41.96 0.59 18.32
CHC BCL V . -37.23 0.30 17.25
CHD BCL V . -36.15 1.78 21.69
NA BCL V . -41.10 1.01 20.49
C1A BCL V . -41.63 1.17 21.76
C2A BCL V . -43.12 0.80 21.81
C3A BCL V . -43.40 0.31 20.34
C4A BCL V . -42.13 0.76 19.67
CMA BCL V . -43.34 -1.22 20.34
CAA BCL V . -43.96 1.99 22.25
CBA BCL V . -43.45 3.31 21.76
CGA BCL V . -44.47 4.39 22.07
O1A BCL V . -45.59 4.24 22.22
O2A BCL V . -44.05 5.55 22.14
NB BCL V . -39.48 0.51 18.13
C1B BCL V . -40.75 0.45 17.63
C2B BCL V . -40.65 0.24 16.27
C3B BCL V . -39.36 0.16 15.94
C4B BCL V . -38.59 0.31 17.12
CMB BCL V . -41.86 0.13 15.40
CAB BCL V . -38.82 -0.10 14.54
OBB BCL V . -38.61 -1.20 14.19
CBB BCL V . -39.02 0.81 13.36
NC BCL V . -37.12 1.10 19.58
C1C BCL V . -36.57 0.75 18.39
C2C BCL V . -35.12 1.17 18.29
C3C BCL V . -34.74 1.66 19.64
C4C BCL V . -36.07 1.49 20.37
CMC BCL V . -34.26 -0.06 18.12
CAC BCL V . -34.46 3.13 19.35
CBC BCL V . -33.19 3.66 20.01
ND BCL V . -38.53 1.40 21.76
C1D BCL V . -37.36 1.78 22.38
C2D BCL V . -37.52 2.14 23.72
C3D BCL V . -38.83 1.97 23.90
C4D BCL V . -39.40 1.52 22.73
CMD BCL V . -36.49 2.61 24.70
CAD BCL V . -39.89 2.08 24.94
OBD BCL V . -39.79 2.02 26.23
CBD BCL V . -41.23 1.66 24.24
CGD BCL V . -41.63 0.35 24.96
O1D BCL V . -41.68 -0.63 24.47
O2D BCL V . -42.25 0.41 26.04
CED BCL V . -42.02 -0.85 26.88
C1 BCL V . -44.78 6.58 22.92
C2 BCL V . -43.89 7.27 23.95
C3 BCL V . -43.11 8.28 23.68
CAB U4Z W . -28.53 -7.78 30.66
CAC U4Z W . -29.33 -8.40 29.50
CAD U4Z W . -27.05 -7.71 30.34
CAE U4Z W . -28.83 -8.04 28.12
CAF U4Z W . -29.09 -6.36 30.89
CAG U4Z W . -28.75 -8.59 31.93
CAH U4Z W . -26.52 -7.83 29.12
CAI U4Z W . -27.35 -8.21 28.00
CAJ U4Z W . -26.18 -7.40 31.37
CAK U4Z W . -25.08 -7.55 28.81
CAL U4Z W . -25.42 -6.31 31.41
CAM U4Z W . -24.57 -5.85 32.50
CAN U4Z W . -24.35 -6.77 33.66
CAO U4Z W . -24.03 -4.61 32.44
CAP U4Z W . -23.19 -3.96 33.43
CAQ U4Z W . -22.71 -2.70 33.33
CAR U4Z W . -21.88 -2.00 34.30
CAS U4Z W . -15.10 10.36 43.27
CAT U4Z W . -15.67 11.70 43.74
CAU U4Z W . -21.49 -2.75 35.54
CAV U4Z W . -21.52 -0.70 34.09
CAW U4Z W . -15.14 10.01 41.80
CAX U4Z W . -15.31 11.86 45.20
CAY U4Z W . -15.38 12.91 45.98
CAZ U4Z W . -14.89 11.16 40.87
CBA U4Z W . -15.36 8.80 41.29
CBB U4Z W . -20.73 0.14 34.96
CBC U4Z W . -15.91 14.22 45.51
CBD U4Z W . -14.82 12.91 47.37
CBE U4Z W . -16.08 8.59 40.07
CBF U4Z W . -16.41 7.39 39.54
CBG U4Z W . -20.40 1.45 34.71
CBH U4Z W . -17.14 7.16 38.30
CBI U4Z W . -19.62 2.23 35.63
CBJ U4Z W . -17.49 5.88 37.97
CBK U4Z W . -17.51 8.35 37.46
CBL U4Z W . -19.27 3.53 35.53
CBM U4Z W . -18.23 5.44 36.81
CBN U4Z W . -18.53 4.14 36.63
CBO U4Z W . -19.65 4.40 34.36
CHA HEM X . 29.86 41.05 28.55
CHB HEM X . 26.80 41.43 32.25
CHC HEM X . 25.21 36.92 31.35
CHD HEM X . 28.27 36.61 27.61
C1A HEM X . 29.13 41.50 29.62
C2A HEM X . 29.24 42.80 30.12
C3A HEM X . 28.40 42.93 31.16
C4A HEM X . 27.74 41.71 31.32
CMA HEM X . 28.21 44.17 31.99
CAA HEM X . 30.17 43.85 29.59
CBA HEM X . 31.43 43.73 30.45
CGA HEM X . 32.57 44.49 29.84
O1A HEM X . 33.19 45.27 30.50
O2A HEM X . 33.10 44.05 28.69
C1B HEM X . 26.15 40.20 32.22
C2B HEM X . 25.10 40.00 33.12
C3B HEM X . 24.62 38.76 32.92
C4B HEM X . 25.43 38.20 31.83
CMB HEM X . 24.63 41.02 34.14
CAB HEM X . 23.51 38.11 33.65
CBB HEM X . 22.27 38.60 33.57
C1C HEM X . 25.90 36.47 30.25
C2C HEM X . 25.68 35.25 29.62
C3C HEM X . 26.55 35.18 28.56
C4C HEM X . 27.31 36.37 28.57
CMC HEM X . 24.66 34.23 30.03
CAC HEM X . 26.70 34.06 27.61
CBC HEM X . 25.79 33.86 26.68
C1D HEM X . 28.94 37.82 27.51
C2D HEM X . 29.88 38.16 26.45
C3D HEM X . 30.31 39.41 26.71
C4D HEM X . 29.65 39.82 27.94
CMD HEM X . 30.27 37.31 25.28
CAD HEM X . 31.30 40.20 25.92
CBD HEM X . 30.58 41.28 25.12
CGD HEM X . 31.44 41.58 23.93
O1D HEM X . 31.40 42.68 23.44
O2D HEM X . 32.48 40.78 23.68
NA HEM X . 28.18 40.84 30.38
NB HEM X . 26.33 39.12 31.43
NC HEM X . 26.88 37.16 29.62
ND HEM X . 28.85 38.84 28.35
FE HEM X . 27.73 38.92 29.99
CHA HEM Y . 26.54 27.83 20.56
CHB HEM Y . 25.89 32.29 22.25
CHC HEM Y . 22.89 33.22 18.54
CHD HEM Y . 23.55 28.71 16.90
C1A HEM Y . 26.59 28.99 21.32
C2A HEM Y . 27.32 29.08 22.52
C3A HEM Y . 27.15 30.33 23.01
C4A HEM Y . 26.31 31.01 22.12
CMA HEM Y . 27.73 30.90 24.26
CAA HEM Y . 28.14 28.00 23.14
CBA HEM Y . 27.34 27.33 24.26
CGA HEM Y . 28.15 26.24 24.88
O1A HEM Y . 28.87 25.57 24.18
O2A HEM Y . 27.96 25.91 26.15
C1B HEM Y . 24.99 32.82 21.32
C2B HEM Y . 24.53 34.13 21.56
C3B HEM Y . 23.69 34.45 20.56
C4B HEM Y . 23.65 33.24 19.69
CMB HEM Y . 24.94 34.98 22.72
CAB HEM Y . 22.95 35.70 20.37
CBB HEM Y . 23.58 36.82 20.03
C1C HEM Y . 22.81 32.08 17.81
C2C HEM Y . 22.00 31.92 16.70
C3C HEM Y . 22.18 30.63 16.23
C4C HEM Y . 23.14 30.01 17.09
CMC HEM Y . 21.09 32.96 16.13
CAC HEM Y . 21.53 30.01 15.06
CBC HEM Y . 22.09 30.18 13.86
C1D HEM Y . 24.40 28.05 17.79
C2D HEM Y . 24.78 26.64 17.68
C3D HEM Y . 25.62 26.41 18.71
C4D HEM Y . 25.75 27.66 19.44
CMD HEM Y . 24.33 25.65 16.64
CAD HEM Y . 26.30 25.12 19.05
CBD HEM Y . 25.50 24.46 20.17
CGD HEM Y . 26.26 23.27 20.67
O1D HEM Y . 25.81 22.17 20.47
O2D HEM Y . 27.26 23.43 21.53
NA HEM Y . 25.97 30.19 21.10
NB HEM Y . 24.45 32.29 20.21
NC HEM Y . 23.50 30.93 18.06
ND HEM Y . 25.00 28.57 18.84
FE HEM Y . 24.84 30.46 19.47
CHA HEM Z . 12.57 22.83 -6.33
CHB HEM Z . 8.98 19.71 -5.51
CHC HEM Z . 8.16 21.91 -1.26
CHD HEM Z . 11.12 25.47 -2.60
C1A HEM Z . 11.65 21.80 -6.45
C2A HEM Z . 11.62 20.90 -7.51
C3A HEM Z . 10.62 20.01 -7.31
C4A HEM Z . 10.02 20.36 -6.11
CMA HEM Z . 10.19 18.87 -8.19
CAA HEM Z . 12.53 20.93 -8.71
CBA HEM Z . 11.71 21.57 -9.82
CGA HEM Z . 12.60 22.14 -10.87
O1A HEM Z . 12.73 21.51 -11.89
O2A HEM Z . 12.81 23.45 -10.88
C1B HEM Z . 8.54 20.12 -4.27
C2B HEM Z . 7.51 19.39 -3.65
C3B HEM Z . 7.29 19.96 -2.47
C4B HEM Z . 8.19 21.11 -2.37
CMB HEM Z . 6.80 18.18 -4.18
CAB HEM Z . 6.25 19.58 -1.50
CBB HEM Z . 6.55 18.71 -0.54
C1C HEM Z . 8.84 23.09 -1.30
C2C HEM Z . 8.73 24.12 -0.37
C3C HEM Z . 9.60 25.11 -0.78
C4C HEM Z . 10.19 24.68 -1.97
CMC HEM Z . 7.85 24.12 0.85
CAC HEM Z . 9.81 26.44 -0.17
CBC HEM Z . 10.01 26.67 1.12
C1D HEM Z . 11.84 25.07 -3.72
C2D HEM Z . 12.89 25.82 -4.38
C3D HEM Z . 13.28 25.08 -5.43
C4D HEM Z . 12.48 23.87 -5.40
CMD HEM Z . 13.44 27.17 -3.99
CAD HEM Z . 14.35 25.41 -6.41
CBD HEM Z . 15.57 24.63 -5.91
CGD HEM Z . 16.60 24.58 -6.99
O1D HEM Z . 17.66 24.11 -6.73
O2D HEM Z . 16.47 25.38 -8.05
NA HEM Z . 10.64 21.44 -5.59
NB HEM Z . 8.92 21.16 -3.49
NC HEM Z . 9.72 23.43 -2.27
ND HEM Z . 11.65 23.94 -4.39
FE HEM Z . 10.37 22.49 -3.91
CHA HEM AA . 12.17 33.73 6.90
CHB HEM AA . 12.73 29.38 4.88
CHC HEM AA . 16.70 28.72 7.58
CHD HEM AA . 15.46 32.58 10.24
C1A HEM AA . 12.01 32.59 6.13
C2A HEM AA . 11.01 32.45 5.15
C3A HEM AA . 11.14 31.24 4.58
C4A HEM AA . 12.25 30.61 5.18
CMA HEM AA . 10.28 30.66 3.49
CAA HEM AA . 9.95 33.47 4.83
CBA HEM AA . 8.73 33.23 5.71
CGA HEM AA . 7.48 33.56 4.93
O1A HEM AA . 6.35 33.34 5.42
O2A HEM AA . 7.57 34.07 3.79
C1B HEM AA . 13.90 28.92 5.49
C2B HEM AA . 14.43 27.69 5.08
C3B HEM AA . 15.54 27.46 5.81
C4B HEM AA . 15.66 28.63 6.69
CMB HEM AA . 13.85 26.77 4.03
CAB HEM AA . 16.44 26.29 5.75
CBB HEM AA . 17.47 26.30 4.91
C1C HEM AA . 16.66 29.66 8.56
C2C HEM AA . 17.50 29.69 9.67
C3C HEM AA . 17.16 30.79 10.42
C4C HEM AA . 16.07 31.43 9.76
CMC HEM AA . 18.83 28.92 9.64
CAC HEM AA . 18.20 31.83 11.28
CBC HEM AA . 17.71 32.72 12.15
C1D HEM AA . 14.47 33.27 9.54
C2D HEM AA . 13.87 34.54 9.96
C3D HEM AA . 12.95 34.85 9.03
C4D HEM AA . 12.99 33.77 8.03
CMD HEM AA . 14.20 35.34 11.19
CAD HEM AA . 12.06 36.06 8.96
CBD HEM AA . 12.79 37.18 8.22
CGD HEM AA . 12.08 37.48 6.93
O1D HEM AA . 10.82 37.43 6.89
O2D HEM AA . 12.73 37.78 5.91
NA HEM AA . 12.77 31.43 6.12
NB HEM AA . 14.64 29.48 6.48
NC HEM AA . 15.77 30.70 8.62
ND HEM AA . 13.89 32.88 8.43
FE HEM AA . 14.32 31.25 7.36
P PGV BA . 13.92 5.71 9.97
C01 PGV BA . 9.42 4.39 8.74
C02 PGV BA . 10.51 4.97 7.99
C03 PGV BA . 11.42 5.44 9.05
C04 PGV BA . 12.37 5.37 11.74
C05 PGV BA . 13.38 5.12 12.71
C06 PGV BA . 12.51 5.10 13.82
O01 PGV BA . 9.94 6.09 7.41
O02 PGV BA . 7.84 6.20 7.59
O03 PGV BA . 8.68 3.81 7.73
O04 PGV BA . 6.74 4.14 8.54
O05 PGV BA . 14.12 6.26 12.73
O06 PGV BA . 12.31 3.73 13.77
O11 PGV BA . 12.79 5.73 8.87
O12 PGV BA . 13.14 4.75 10.86
O13 PGV BA . 14.33 6.80 10.79
O14 PGV BA . 15.16 5.24 9.47
C1 PGV BA . 8.63 6.32 6.85
C2 PGV BA . 8.25 6.78 5.53
C3 PGV BA . 7.15 7.78 5.64
C4 PGV BA . 6.38 7.98 4.44
C5 PGV BA . 6.26 6.68 3.85
C6 PGV BA . 4.87 6.34 4.16
C7 PGV BA . 4.45 5.83 2.83
C8 PGV BA . 3.15 5.16 2.99
C9 PGV BA . 3.48 3.77 2.58
C10 PGV BA . 2.20 3.13 2.13
C11 PGV BA . 1.75 4.04 1.04
C12 PGV BA . 0.52 3.91 0.63
C13 PGV BA . -0.32 2.87 1.31
C14 PGV BA . -1.58 3.58 1.77
C15 PGV BA . -2.66 2.54 1.94
C16 PGV BA . -2.05 1.25 2.47
C17 PGV BA . -2.58 0.04 1.71
C18 PGV BA . -1.45 -0.70 1.03
C19 PGV BA . 7.31 3.60 7.72
C20 PGV BA . 6.72 2.86 6.64
C21 PGV BA . 5.38 2.50 7.06
C22 PGV BA . 4.70 2.40 5.82
C23 PGV BA . 3.56 2.96 6.44
C24 PGV BA . 2.82 1.70 6.41
C25 PGV BA . 2.11 1.58 5.12
C26 PGV BA . 0.71 1.10 5.39
C27 PGV BA . 0.72 -0.40 5.57
C28 PGV BA . -0.66 -0.84 5.99
MG BCL CA . -4.04 -7.87 32.05
CHA BCL CA . -7.34 -8.41 32.15
CHB BCL CA . -3.76 -10.29 29.77
CHC BCL CA . -0.89 -6.78 31.48
CHD BCL CA . -4.51 -5.04 34.07
NA BCL CA . -5.36 -9.15 31.09
C1A BCL CA . -6.71 -9.29 31.33
C2A BCL CA . -7.37 -10.28 30.38
C3A BCL CA . -6.13 -11.09 29.86
C4A BCL CA . -5.03 -10.14 30.27
CMA BCL CA . -5.95 -12.33 30.74
CAA BCL CA . -8.14 -9.53 29.31
CBA BCL CA . -9.57 -9.97 29.15
CGA BCL CA . -9.65 -10.80 27.88
O1A BCL CA . -8.88 -11.55 27.55
O2A BCL CA . -10.33 -10.30 26.98
NB BCL CA . -2.58 -8.39 30.85
C1B BCL CA . -2.68 -9.43 29.99
C2B BCL CA . -1.48 -9.55 29.32
C3B BCL CA . -0.64 -8.58 29.77
C4B BCL CA . -1.34 -7.84 30.76
CMB BCL CA . -1.30 -10.62 28.29
CAB BCL CA . 0.79 -8.31 29.32
OBB BCL CA . 1.49 -7.58 29.92
CBB BCL CA . 1.41 -8.67 27.99
NC BCL CA . -3.00 -6.18 32.62
C1C BCL CA . -1.69 -5.98 32.29
C2C BCL CA . -1.05 -4.92 33.14
C3C BCL CA . -2.06 -4.63 34.20
C4C BCL CA . -3.31 -5.16 33.47
CMC BCL CA . 0.08 -5.50 33.94
CAC BCL CA . -2.03 -3.11 34.26
CBC BCL CA . -2.45 -2.41 32.96
ND BCL CA . -5.49 -6.91 32.92
C1D BCL CA . -5.61 -5.80 33.71
C2D BCL CA . -6.93 -5.54 34.10
C3D BCL CA . -7.60 -6.52 33.51
C4D BCL CA . -6.72 -7.33 32.81
CMD BCL CA . -7.45 -4.41 34.95
CAD BCL CA . -8.98 -7.06 33.34
OBD BCL CA . -10.12 -6.60 33.75
CBD BCL CA . -8.86 -8.24 32.32
CGD BCL CA . -9.41 -9.46 33.10
O1D BCL CA . -9.26 -9.61 34.18
O2D BCL CA . -10.35 -10.13 32.62
CED BCL CA . -10.28 -11.58 33.08
C1 BCL CA . -11.72 -10.72 26.77
C2 BCL CA . -11.83 -11.77 25.68
CAB U4Z DA . -19.19 -21.48 23.97
CAC U4Z DA . -18.57 -22.56 23.05
CAD U4Z DA . -18.72 -20.11 23.48
CAE U4Z DA . -19.04 -22.47 21.61
CAF U4Z DA . -20.72 -21.59 23.82
CAG U4Z DA . -18.79 -21.71 25.45
CAH U4Z DA . -18.45 -20.04 22.00
CAI U4Z DA . -19.38 -21.03 21.37
CAJ U4Z DA . -17.94 -19.19 24.44
CAK U4Z DA . -18.16 -18.72 21.31
CAL U4Z DA . -16.90 -18.93 25.22
CAM U4Z DA . -17.06 -17.57 25.89
CAN U4Z DA . -16.98 -17.52 27.40
CAO U4Z DA . -17.29 -16.44 25.24
CAP U4Z DA . -17.36 -15.21 26.15
CAQ U4Z DA . -17.41 -14.71 27.37
CAR U4Z DA . -17.37 -13.19 27.42
CAS U4Z DA . -14.69 1.65 27.18
CAT U4Z DA . -13.67 2.83 27.40
CAU U4Z DA . -17.27 -12.52 28.78
CAV U4Z DA . -17.42 -12.43 26.35
CAW U4Z DA . -15.89 1.85 26.18
CAX U4Z DA . -13.01 3.47 26.15
CAY U4Z DA . -11.81 4.07 26.27
CAZ U4Z DA . -15.67 3.07 25.28
CBA U4Z DA . -16.97 1.07 25.99
CBB U4Z DA . -17.38 -10.92 26.69
CBC U4Z DA . -10.82 4.29 27.43
CBD U4Z DA . -10.91 4.81 25.23
CBE U4Z DA . -18.09 0.00 26.15
CBF U4Z DA . -17.97 -1.30 26.37
CBG U4Z DA . -17.02 -9.93 27.52
CBH U4Z DA . -17.44 -2.73 26.58
CBI U4Z DA . -17.38 -8.45 27.17
CBJ U4Z DA . -18.26 -3.67 27.10
CBK U4Z DA . -15.98 -2.78 26.07
CBL U4Z DA . -17.91 -7.46 26.47
CBM U4Z DA . -17.26 -4.84 27.05
CBN U4Z DA . -17.87 -5.98 26.76
CBO U4Z DA . -18.74 -7.56 25.19
MG BCL EA . -11.23 -0.86 32.72
CHA BCL EA . -11.29 -3.75 31.15
CHB BCL EA . -14.52 -0.82 32.86
CHC BCL EA . -10.96 2.08 34.42
CHD BCL EA . -7.71 -0.85 32.50
NA BCL EA . -12.69 -2.18 32.23
C1A BCL EA . -12.53 -3.33 31.48
C2A BCL EA . -13.81 -4.15 31.51
C3A BCL EA . -14.87 -2.99 31.63
C4A BCL EA . -14.00 -1.97 32.32
CMA BCL EA . -15.36 -2.49 30.28
CAA BCL EA . -13.84 -5.09 32.70
CBA BCL EA . -15.23 -5.19 33.29
CGA BCL EA . -16.20 -5.66 32.23
O1A BCL EA . -16.88 -4.86 31.61
O2A BCL EA . -16.35 -7.08 31.93
NB BCL EA . -12.47 0.43 33.51
C1B BCL EA . -13.81 0.23 33.47
C2B BCL EA . -14.41 1.27 34.15
C3B BCL EA . -13.45 2.10 34.60
C4B BCL EA . -12.19 1.58 34.19
CMB BCL EA . -15.89 1.46 34.32
CAB BCL EA . -13.67 3.36 35.35
OBB BCL EA . -12.88 3.72 36.21
CBB BCL EA . -14.89 4.16 34.98
NC BCL EA . -9.63 0.21 33.50
C1C BCL EA . -9.78 1.38 34.17
C2C BCL EA . -8.46 1.95 34.61
C3C BCL EA . -7.43 0.97 34.19
C4C BCL EA . -8.29 0.11 33.27
CMC BCL EA . -8.24 3.30 33.95
CAC BCL EA . -6.91 0.15 35.36
CBC BCL EA . -5.46 0.48 35.64
ND BCL EA . -9.80 -1.94 32.03
C1D BCL EA . -8.42 -1.92 31.99
C2D BCL EA . -7.86 -3.05 31.39
C3D BCL EA . -8.94 -3.75 31.06
C4D BCL EA . -10.08 -3.07 31.45
CMD BCL EA . -6.49 -3.57 31.05
CAD BCL EA . -9.37 -5.03 30.42
OBD BCL EA . -8.57 -5.97 30.04
CBD BCL EA . -10.87 -5.20 30.84
CGD BCL EA . -11.69 -5.77 29.72
O1D BCL EA . -11.55 -6.93 29.38
O2D BCL EA . -12.68 -4.95 29.05
CED BCL EA . -12.99 -5.19 27.68
C1 BCL EA . -17.02 -7.93 32.85
CAB U4Z FA . -6.50 -31.69 18.76
CAC U4Z FA . -5.93 -32.31 17.50
CAD U4Z FA . -6.55 -30.15 18.63
CAE U4Z FA . -6.77 -32.03 16.27
CAF U4Z FA . -7.91 -32.25 19.02
CAG U4Z FA . -5.60 -32.12 19.95
CAH U4Z FA . -7.07 -29.69 17.30
CAI U4Z FA . -7.68 -30.86 16.55
CAJ U4Z FA . -5.72 -29.18 19.54
CAK U4Z FA . -6.20 -28.71 16.48
CAL U4Z FA . -4.58 -28.80 20.07
CAM U4Z FA . -4.54 -27.56 21.02
CAN U4Z FA . -3.27 -27.36 21.88
CAO U4Z FA . -5.47 -26.61 21.17
CAP U4Z FA . -5.08 -25.49 22.18
CAQ U4Z FA . -4.70 -25.01 23.37
CAR U4Z FA . -4.46 -23.49 23.28
CAS U4Z FA . -3.42 -7.90 24.99
CAT U4Z FA . -2.83 -7.74 26.42
CAU U4Z FA . -3.12 -22.98 22.74
CAV U4Z FA . -5.41 -22.65 23.68
CAW U4Z FA . -4.87 -8.45 24.96
CAX U4Z FA . -2.40 -6.28 26.59
CAY U4Z FA . -1.37 -6.11 25.81
CAZ U4Z FA . -5.59 -7.65 23.87
CBA U4Z FA . -5.38 -9.45 25.64
CBB U4Z FA . -5.46 -21.09 23.68
CBC U4Z FA . -0.68 -7.10 24.92
CBD U4Z FA . -0.46 -4.92 25.47
CBE U4Z FA . -5.18 -10.48 26.72
CBF U4Z FA . -5.51 -11.74 26.47
CBG U4Z FA . -5.54 -19.94 23.01
CBH U4Z FA . -6.05 -13.04 25.84
CBI U4Z FA . -5.62 -18.62 23.82
CBJ U4Z FA . -5.62 -14.26 26.27
CBK U4Z FA . -7.12 -12.60 24.80
CBL U4Z FA . -6.40 -17.64 24.29
CBM U4Z FA . -6.50 -15.09 25.32
CBN U4Z FA . -6.09 -16.35 25.07
CBO U4Z FA . -7.91 -17.55 24.08
MG BCL GA . -28.81 -13.11 26.71
CHA BCL GA . -29.75 -12.97 29.88
CHB BCL GA . -32.01 -13.41 25.79
CHC BCL GA . -27.73 -13.17 23.52
CHD BCL GA . -25.61 -11.98 27.67
NA BCL GA . -30.64 -13.09 27.70
C1A BCL GA . -30.83 -13.10 29.06
C2A BCL GA . -32.22 -13.60 29.46
C3A BCL GA . -32.84 -13.99 28.07
C4A BCL GA . -31.82 -13.36 27.15
CMA BCL GA . -32.68 -15.50 27.88
CAA BCL GA . -32.99 -12.54 30.23
CBA BCL GA . -32.72 -11.14 29.77
CGA BCL GA . -33.69 -10.19 30.45
O1A BCL GA . -34.72 -10.47 30.86
O2A BCL GA . -33.34 -9.01 30.53
NB BCL GA . -29.68 -13.24 24.96
C1B BCL GA . -31.01 -13.36 24.79
C2B BCL GA . -31.26 -13.45 23.45
C3B BCL GA . -30.09 -13.39 22.79
C4B BCL GA . -29.06 -13.26 23.74
CMB BCL GA . -32.65 -13.60 22.91
CAB BCL GA . -29.94 -13.48 21.27
OBB BCL GA . -29.75 -14.52 20.77
CBB BCL GA . -30.50 -12.49 20.30
NC BCL GA . -27.04 -12.57 25.82
C1C BCL GA . -26.81 -12.75 24.50
C2C BCL GA . -25.48 -12.20 24.07
C3C BCL GA . -24.79 -11.79 25.32
C4C BCL GA . -25.86 -12.15 26.35
CMC BCL GA . -24.61 -13.32 23.56
CAC BCL GA . -24.69 -10.28 25.13
CBC BCL GA . -23.32 -9.69 25.50
ND BCL GA . -27.85 -12.57 28.30
C1D BCL GA . -26.58 -12.15 28.64
C2D BCL GA . -26.41 -11.92 30.01
C3D BCL GA . -27.62 -12.23 30.50
C4D BCL GA . -28.45 -12.63 29.46
CMD BCL GA . -25.20 -11.45 30.73
CAD BCL GA . -28.36 -12.30 31.78
OBD BCL GA . -27.93 -12.46 32.99
CBD BCL GA . -29.82 -12.80 31.41
CGD BCL GA . -29.92 -14.19 32.06
O1D BCL GA . -30.04 -15.13 31.49
O2D BCL GA . -30.24 -14.29 33.26
CED BCL GA . -29.71 -15.58 33.87
MG BCL HA . 1.79 -12.67 29.98
CHA BCL HA . 1.37 -15.28 27.96
CHB BCL HA . -1.19 -13.23 31.31
CHC BCL HA . 2.50 -10.20 32.17
CHD BCL HA . 4.99 -12.20 28.63
NA BCL HA . 0.37 -14.17 29.79
C1A BCL HA . 0.32 -15.12 28.80
C2A BCL HA . -0.80 -16.11 29.07
C3A BCL HA . -1.82 -15.16 29.81
C4A BCL HA . -0.82 -14.17 30.37
CMA BCL HA . -2.75 -14.47 28.86
CAA BCL HA . -0.67 -17.52 29.46
CBA BCL HA . -1.91 -18.06 28.77
CGA BCL HA . -2.71 -18.78 29.79
O1A BCL HA . -2.61 -18.48 30.95
O2A BCL HA . -3.63 -19.84 29.47
NB BCL HA . 0.87 -11.84 31.48
C1B BCL HA . -0.38 -12.22 31.86
C2B BCL HA . -0.75 -11.44 32.92
C3B BCL HA . 0.24 -10.58 33.19
C4B BCL HA . 1.30 -10.82 32.27
CMB BCL HA . -2.07 -11.56 33.58
CAB BCL HA . 0.20 -9.52 34.17
OBB BCL HA . 1.24 -9.00 34.51
CBB BCL HA . -1.16 -9.04 34.52
NC BCL HA . 3.51 -11.64 30.44
C1C BCL HA . 3.54 -10.65 31.37
C2C BCL HA . 4.88 -9.99 31.45
C3C BCL HA . 5.75 -10.71 30.49
C4C BCL HA . 4.68 -11.51 29.75
CMC BCL HA . 4.99 -8.69 30.68
CAC BCL HA . 6.81 -11.58 30.98
CBC BCL HA . 7.94 -10.64 30.92
ND BCL HA . 2.97 -13.47 28.67
C1D BCL HA . 4.22 -13.24 28.16
C2D BCL HA . 4.59 -14.13 27.16
C3D BCL HA . 3.52 -14.92 27.07
C4D BCL HA . 2.56 -14.51 27.97
CMD BCL HA . 5.81 -14.32 26.34
CAD BCL HA . 2.98 -16.10 26.33
OBD BCL HA . 3.59 -16.82 25.59
CBD BCL HA . 1.74 -16.56 27.20
CGD BCL HA . 0.68 -16.64 26.16
O1D BCL HA . 0.81 -16.39 24.99
O2D BCL HA . -0.67 -16.96 26.43
CED BCL HA . -1.47 -17.57 25.41
C1 BCL HA . -4.15 -20.64 30.53
CAB U4Z IA . -14.35 -22.10 32.02
CAC U4Z IA . -15.27 -23.07 31.31
CAD U4Z IA . -13.30 -21.45 31.11
CAE U4Z IA . -15.99 -22.44 30.12
CAF U4Z IA . -15.34 -21.10 32.64
CAG U4Z IA . -13.67 -22.77 33.24
CAH U4Z IA . -13.74 -21.18 29.66
CAI U4Z IA . -15.06 -21.71 29.20
CAJ U4Z IA . -11.99 -20.86 31.71
CAK U4Z IA . -13.28 -19.93 28.90
CAL U4Z IA . -10.67 -20.63 31.65
CAM U4Z IA . -10.02 -19.88 32.86
CAN U4Z IA . -10.30 -20.37 34.29
CAO U4Z IA . -9.21 -18.84 32.61
CAP U4Z IA . -8.45 -17.94 33.65
CAQ U4Z IA . -8.04 -16.79 34.22
CAR U4Z IA . -8.64 -15.52 33.56
CAS U4Z IA . -0.63 -4.25 43.91
CAT U4Z IA . -0.16 -5.01 45.22
CAU U4Z IA . -9.83 -15.71 32.59
CAV U4Z IA . -8.20 -14.27 33.71
CAW U4Z IA . -0.36 -4.91 42.51
CAX U4Z IA . 1.37 -5.08 45.64
CAY U4Z IA . 1.76 -4.73 46.91
CAZ U4Z IA . 1.15 -5.17 42.57
CBA U4Z IA . -1.16 -5.19 41.44
CBB U4Z IA . -7.10 -13.64 34.60
CBC U4Z IA . 3.11 -4.66 47.64
CBD U4Z IA . 1.07 -4.19 48.19
CBE U4Z IA . -1.36 -5.75 39.98
CBF U4Z IA . -2.40 -6.51 39.58
CBG U4Z IA . -6.06 -13.62 35.44
CBH U4Z IA . -3.15 -7.29 38.43
CBI U4Z IA . -5.62 -12.19 35.90
CBJ U4Z IA . -3.36 -8.64 38.38
CBK U4Z IA . -3.55 -6.20 37.40
CBL U4Z IA . -5.65 -10.86 35.98
CBM U4Z IA . -4.09 -8.73 37.01
CBN U4Z IA . -4.74 -9.91 36.80
CBO U4Z IA . -6.69 -9.98 35.30
MG BCL JA . 8.77 -18.27 25.90
CHA BCL JA . 5.63 -19.26 26.59
CHB BCL JA . 8.66 -20.10 23.11
CHC BCL JA . 11.57 -16.68 24.92
CHD BCL JA . 8.57 -16.02 28.59
NA BCL JA . 7.35 -19.48 24.98
C1A BCL JA . 6.12 -19.85 25.47
C2A BCL JA . 5.33 -20.71 24.48
C3A BCL JA . 6.47 -21.21 23.52
C4A BCL JA . 7.56 -20.23 23.90
CMA BCL JA . 6.96 -22.57 24.02
CAA BCL JA . 4.26 -19.86 23.82
CBA BCL JA . 2.89 -20.45 23.87
CGA BCL JA . 2.55 -20.99 22.50
O1A BCL JA . 3.29 -21.54 21.84
O2A BCL JA . 1.64 -20.41 21.90
NB BCL JA . 9.92 -18.33 24.33
C1B BCL JA . 9.71 -19.17 23.28
C2B BCL JA . 10.71 -18.97 22.37
C3B BCL JA . 11.54 -18.02 22.83
C4B BCL JA . 11.05 -17.61 24.09
CMB BCL JA . 10.72 -19.76 21.09
CAB BCL JA . 12.81 -17.47 22.15
OBB BCL JA . 13.55 -16.79 22.74
CBB BCL JA . 13.10 -17.46 20.69
NC BCL JA . 9.77 -16.62 26.61
C1C BCL JA . 10.93 -16.18 26.07
C2C BCL JA . 11.66 -15.24 26.98
C3C BCL JA . 10.92 -15.32 28.26
C4C BCL JA . 9.60 -15.85 27.73
CMC BCL JA . 13.00 -15.83 27.36
CAC BCL JA . 10.85 -13.85 28.68
CBC BCL JA . 10.07 -12.96 27.72
ND BCL JA . 7.49 -17.72 27.26
C1D BCL JA . 7.47 -16.83 28.31
C2D BCL JA . 6.28 -16.82 29.03
C3D BCL JA . 5.56 -17.75 28.39
C4D BCL JA . 6.31 -18.27 27.33
CMD BCL JA . 5.90 -16.00 30.22
CAD BCL JA . 4.24 -18.43 28.40
OBD BCL JA . 3.20 -18.23 29.14
CBD BCL JA . 4.20 -19.34 27.13
CGD BCL JA . 3.95 -20.76 27.69
O1D BCL JA . 4.38 -21.11 28.65
O2D BCL JA . 2.99 -21.44 27.29
CED BCL JA . 3.29 -22.93 27.37
C1 BCL JA . 0.28 -20.96 21.91
C2 BCL JA . 0.00 -21.75 20.65
MG BCL KA . -16.27 -26.28 26.02
CHA BCL KA . -15.99 -27.01 29.24
CHB BCL KA . -19.54 -26.97 26.16
CHC BCL KA . -16.43 -25.46 22.76
CHD BCL KA . -13.08 -24.81 26.13
NA BCL KA . -17.60 -26.82 27.52
C1A BCL KA . -17.27 -27.16 28.82
C2A BCL KA . -18.36 -27.99 29.51
C3A BCL KA . -19.42 -28.18 28.35
C4A BCL KA . -18.87 -27.19 27.35
CMA BCL KA . -19.36 -29.58 27.77
CAA BCL KA . -18.91 -27.19 30.65
CBA BCL KA . -19.36 -25.80 30.20
CGA BCL KA . -19.96 -25.07 31.37
O1A BCL KA . -20.25 -25.66 32.40
O2A BCL KA . -20.18 -23.63 31.30
NB BCL KA . -17.69 -26.19 24.68
C1B BCL KA . -18.99 -26.53 24.94
C2B BCL KA . -19.70 -26.38 23.78
C3B BCL KA . -18.87 -25.96 22.82
C4B BCL KA . -17.58 -25.84 23.37
CMB BCL KA . -21.15 -26.64 23.64
CAB BCL KA . -19.17 -25.66 21.46
OBB BCL KA . -18.31 -25.12 20.85
CBB BCL KA . -20.49 -26.07 20.93
NC BCL KA . -15.01 -25.24 24.78
C1C BCL KA . -15.27 -25.10 23.45
C2C BCL KA . -14.25 -24.23 22.77
C3C BCL KA . -13.18 -23.98 23.78
C4C BCL KA . -13.76 -24.73 24.97
CMC BCL KA . -13.50 -24.97 21.74
CAC BCL KA . -13.54 -22.63 24.24
CBC BCL KA . -14.13 -21.66 23.24
ND BCL KA . -14.85 -25.94 27.29
C1D BCL KA . -13.60 -25.36 27.29
C2D BCL KA . -12.96 -25.40 28.54
C3D BCL KA . -13.86 -26.03 29.29
C4D BCL KA . -14.97 -26.35 28.53
CMD BCL KA . -11.65 -25.04 29.10
CAD BCL KA . -14.08 -26.52 30.68
OBD BCL KA . -13.27 -26.45 31.64
CBD BCL KA . -15.51 -27.17 30.69
CGD BCL KA . -15.52 -28.41 31.26
O1D BCL KA . -15.43 -29.39 30.60
O2D BCL KA . -15.69 -28.25 32.67
CED BCL KA . -16.70 -27.38 33.11
MG BCL LA . 19.90 -24.84 13.36
CHA BCL LA . 17.33 -26.59 14.60
CHB BCL LA . 19.01 -25.80 10.30
CHC BCL LA . 22.02 -22.50 12.16
CHD BCL LA . 20.44 -23.50 16.55
NA BCL LA . 18.37 -26.01 12.56
C1A BCL LA . 17.44 -26.74 13.26
C2A BCL LA . 16.44 -27.43 12.33
C3A BCL LA . 17.21 -27.41 10.97
C4A BCL LA . 18.26 -26.37 11.29
CMA BCL LA . 17.98 -28.72 10.82
CAA BCL LA . 15.13 -26.67 12.34
NB BCL LA . 20.43 -24.23 11.58
C1B BCL LA . 19.95 -24.78 10.44
C2B BCL LA . 20.53 -24.14 9.37
C3B BCL LA . 21.38 -23.20 9.85
C4B BCL LA . 21.32 -23.26 11.26
CMB BCL LA . 20.18 -24.53 7.98
CAB BCL LA . 22.27 -22.23 9.04
OBB BCL LA . 23.10 -21.62 9.56
CBB BCL LA . 22.02 -21.77 7.64
NC BCL LA . 20.93 -23.28 14.22
C1C BCL LA . 21.77 -22.49 13.53
C2C BCL LA . 22.69 -21.70 14.44
C3C BCL LA . 22.46 -22.28 15.78
C4C BCL LA . 21.08 -22.90 15.53
CMC BCL LA . 24.12 -22.08 14.16
CAC BCL LA . 22.39 -21.03 16.66
CBC BCL LA . 21.24 -20.09 16.32
ND BCL LA . 19.15 -24.94 15.15
C1D BCL LA . 19.41 -24.41 16.38
C2D BCL LA . 18.55 -24.84 17.39
C3D BCL LA . 17.75 -25.68 16.72
C4D BCL LA . 18.13 -25.73 15.39
CMD BCL LA . 18.53 -24.47 18.83
CAD BCL LA . 16.58 -26.58 16.92
OBD BCL LA . 15.85 -26.82 17.97
CBD BCL LA . 16.18 -27.10 15.49
CGD BCL LA . 16.29 -28.64 15.62
O1D BCL LA . 17.06 -29.15 16.23
O2D BCL LA . 15.32 -29.36 15.33
CED BCL LA . 15.77 -30.73 14.82
CAB U4Z MA . 4.97 -37.86 7.11
CAC U4Z MA . 3.79 -38.68 6.67
CAD U4Z MA . 4.72 -36.37 7.17
CAE U4Z MA . 2.55 -37.86 6.41
CAF U4Z MA . 5.28 -38.37 8.52
CAG U4Z MA . 6.20 -38.03 6.21
CAH U4Z MA . 3.94 -35.76 6.01
CAI U4Z MA . 2.83 -36.66 5.52
CAJ U4Z MA . 5.22 -35.59 8.42
CAK U4Z MA . 3.79 -34.22 5.93
CAL U4Z MA . 5.27 -34.49 9.20
CAM U4Z MA . 6.15 -34.63 10.49
CAN U4Z MA . 7.03 -35.87 10.71
CAO U4Z MA . 6.11 -33.65 11.39
CAP U4Z MA . 7.01 -33.84 12.62
CAQ U4Z MA . 7.72 -33.45 13.68
CAR U4Z MA . 7.69 -31.96 14.14
CAS U4Z MA . 8.02 -17.69 19.63
CAT U4Z MA . 8.88 -16.73 18.80
CAU U4Z MA . 9.17 -32.12 13.74
CAV U4Z MA . 8.22 -30.77 14.41
CAW U4Z MA . 6.51 -17.65 19.29
CAX U4Z MA . 8.66 -15.33 19.31
CAY U4Z MA . 9.77 -14.73 19.56
CAZ U4Z MA . 6.09 -16.33 18.61
CBA U4Z MA . 5.66 -18.59 19.55
CBB U4Z MA . 7.55 -29.52 15.02
CBC U4Z MA . 11.22 -15.13 19.41
CBD U4Z MA . 10.06 -13.32 20.07
CBE U4Z MA . 5.37 -19.96 20.08
CBF U4Z MA . 5.56 -20.84 19.12
CBG U4Z MA . 7.94 -28.49 15.76
CBH U4Z MA . 5.52 -22.32 18.73
CBI U4Z MA . 7.07 -27.32 16.27
CBJ U4Z MA . 6.39 -22.90 17.84
CBK U4Z MA . 4.35 -22.83 19.64
CBL U4Z MA . 6.03 -26.62 16.71
CBM U4Z MA . 5.75 -24.29 18.02
CBN U4Z MA . 6.14 -25.19 17.15
CBO U4Z MA . 4.55 -27.00 16.94
CAB U4Z NA . -0.52 -33.56 23.49
CAC U4Z NA . -1.01 -34.27 22.25
CAD U4Z NA . 0.21 -32.27 23.04
CAE U4Z NA . -2.04 -33.38 21.56
CAF U4Z NA . -1.81 -33.36 24.28
CAG U4Z NA . 0.34 -34.41 24.47
CAH U4Z NA . -0.39 -31.44 21.94
CAI U4Z NA . -1.49 -32.04 21.14
CAJ U4Z NA . 1.75 -32.05 23.05
CAK U4Z NA . 0.52 -30.46 21.23
CAL U4Z NA . 2.99 -32.16 22.57
CAM U4Z NA . 3.87 -31.33 23.51
CAN U4Z NA . 4.94 -32.00 24.36
CAO U4Z NA . 3.76 -30.02 23.58
CAP U4Z NA . 4.71 -29.34 24.59
CAQ U4Z NA . 5.42 -29.47 25.71
CAR U4Z NA . 6.21 -28.24 26.20
CAS U4Z NA . 15.35 -17.73 34.76
CAT U4Z NA . 15.57 -16.77 35.94
CAU U4Z NA . 6.38 -28.11 27.74
CAV U4Z NA . 6.78 -27.33 25.42
CAW U4Z NA . 14.32 -17.18 33.76
CAX U4Z NA . 15.18 -17.40 37.30
CAY U4Z NA . 16.15 -17.17 38.18
CAZ U4Z NA . 14.12 -15.69 34.02
CBA U4Z NA . 13.68 -17.86 32.80
CBB U4Z NA . 7.48 -26.19 26.20
CBC U4Z NA . 16.32 -17.56 39.64
CBD U4Z NA . 17.49 -16.42 38.04
CBE U4Z NA . 12.66 -17.87 31.62
CBF U4Z NA . 12.09 -19.03 31.34
CBG U4Z NA . 7.14 -25.24 27.07
CBH U4Z NA . 11.08 -19.79 30.49
CBI U4Z NA . 8.03 -24.16 27.75
CBJ U4Z NA . 10.99 -21.12 30.25
CBK U4Z NA . 10.24 -18.55 30.09
CBL U4Z NA . 8.29 -22.87 27.89
CBM U4Z NA . 9.73 -21.02 29.38
CBN U4Z NA . 9.31 -22.16 28.80
CBO U4Z NA . 7.58 -21.76 27.10
MG BCL OA . 14.06 -21.85 20.68
CHA BCL OA . 13.33 -23.89 18.15
CHB BCL OA . 11.63 -23.20 22.47
CHC BCL OA . 15.13 -19.93 23.24
CHD BCL OA . 16.70 -20.54 18.78
NA BCL OA . 12.78 -23.45 20.42
C1A BCL OA . 12.54 -24.11 19.24
C2A BCL OA . 11.63 -25.31 19.48
C3A BCL OA . 10.78 -24.75 20.69
C4A BCL OA . 11.80 -23.79 21.24
CMA BCL OA . 9.66 -23.86 20.14
CAA BCL OA . 12.45 -26.52 19.80
CBA BCL OA . 11.61 -27.71 20.13
CGA BCL OA . 10.47 -27.75 19.13
O1A BCL OA . 9.35 -27.77 19.38
O2A BCL OA . 10.77 -28.11 17.99
NB BCL OA . 13.54 -21.59 22.53
C1B BCL OA . 12.47 -22.24 23.08
C2B BCL OA . 12.35 -21.82 24.38
C3B BCL OA . 13.31 -20.91 24.63
C4B BCL OA . 14.07 -20.74 23.45
CMB BCL OA . 11.28 -22.39 25.25
CAB BCL OA . 13.55 -20.19 25.96
OBB BCL OA . 14.58 -19.70 26.18
CBB BCL OA . 12.45 -19.53 26.75
NC BCL OA . 15.75 -20.70 20.97
C1C BCL OA . 15.96 -19.99 22.11
C2C BCL OA . 17.21 -19.16 22.05
C3C BCL OA . 17.82 -19.48 20.73
C4C BCL OA . 16.66 -20.21 20.08
CMC BCL OA . 16.84 -17.71 21.90
CAC BCL OA . 18.93 -20.46 21.10
CBC BCL OA . 19.96 -20.60 19.99
ND BCL OA . 14.89 -22.08 18.95
C1D BCL OA . 15.92 -21.54 18.24
C2D BCL OA . 16.07 -22.08 16.95
C3D BCL OA . 15.09 -22.97 16.91
C4D BCL OA . 14.39 -22.96 18.10
CMD BCL OA . 17.10 -21.71 15.93
CAD BCL OA . 14.47 -24.00 16.03
OBD BCL OA . 14.29 -24.03 14.75
CBD BCL OA . 13.57 -24.86 16.99
CGD BCL OA . 12.28 -25.12 16.19
O1D BCL OA . 12.10 -26.01 15.57
O2D BCL OA . 11.36 -24.26 16.12
CED BCL OA . 10.02 -24.91 15.79
MG BCL PA . -3.03 -36.32 18.23
CHA BCL PA . -1.84 -37.77 20.96
CHB BCL PA . -6.08 -37.46 18.99
CHC BCL PA . -4.13 -34.75 15.47
CHD BCL PA . -0.03 -34.49 17.95
NA BCL PA . -3.86 -37.39 19.81
C1A BCL PA . -3.17 -37.98 20.85
C2A BCL PA . -3.97 -39.09 21.53
C3A BCL PA . -5.28 -39.14 20.66
C4A BCL PA . -5.10 -37.86 19.86
CMA BCL PA . -5.14 -40.27 19.65
CAA BCL PA . -4.19 -38.79 22.99
CBA BCL PA . -4.37 -37.33 23.30
CGA BCL PA . -4.81 -37.17 24.74
NB BCL PA . -4.77 -36.10 17.37
C1B BCL PA . -5.91 -36.67 17.84
C2B BCL PA . -6.93 -36.34 16.98
C3B BCL PA . -6.43 -35.58 15.99
C4B BCL PA . -5.04 -35.43 16.21
CMB BCL PA . -8.33 -36.78 17.20
CAB BCL PA . -7.22 -35.01 14.82
OBB BCL PA . -7.30 -35.62 13.82
CBB BCL PA . -8.35 -34.04 14.94
NC BCL PA . -2.24 -34.84 17.05
C1C BCL PA . -2.85 -34.41 15.92
C2C BCL PA . -2.12 -33.27 15.28
C3C BCL PA . -0.84 -33.13 16.02
C4C BCL PA . -1.02 -34.23 17.06
CMC BCL PA . -1.65 -33.69 13.90
CAC BCL PA . -1.00 -31.75 16.65
CBC BCL PA . 0.23 -30.87 16.56
ND BCL PA . -1.35 -36.10 19.15
C1D BCL PA . -0.19 -35.38 19.00
C2D BCL PA . 0.77 -35.65 19.99
C3D BCL PA . 0.16 -36.55 20.75
C4D BCL PA . -1.10 -36.82 20.22
CMD BCL PA . 2.14 -35.05 20.16
CAD BCL PA . 0.37 -37.39 21.96
OBD BCL PA . 1.47 -37.81 22.49
CBD BCL PA . -0.96 -38.22 22.14
CGD BCL PA . -0.52 -39.68 21.90
O1D BCL PA . -0.88 -40.30 21.05
O2D BCL PA . -0.02 -40.34 22.84
CED BCL PA . 0.88 -41.45 22.31
MG BCL QA . 23.31 -25.87 6.66
CHA BCL QA . 21.88 -27.25 3.99
CHB BCL QA . 21.69 -28.00 8.62
CHC BCL QA . 25.06 -24.56 9.24
CHD BCL QA . 25.09 -23.71 4.54
NA BCL QA . 22.10 -27.52 6.33
C1A BCL QA . 21.52 -27.87 5.13
C2A BCL QA . 20.81 -29.21 5.27
C3A BCL QA . 20.38 -29.13 6.79
C4A BCL QA . 21.48 -28.22 7.27
CMA BCL QA . 19.10 -28.30 6.90
CAA BCL QA . 21.75 -30.33 4.94
CBA BCL QA . 21.14 -31.68 5.14
CGA BCL QA . 19.74 -31.62 4.58
O1A BCL QA . 18.77 -31.86 5.12
O2A BCL QA . 19.67 -31.62 3.34
NB BCL QA . 23.41 -26.20 8.58
C1B BCL QA . 22.63 -27.12 9.20
C2B BCL QA . 22.92 -27.09 10.53
C3B BCL QA . 23.85 -26.14 10.75
C4B BCL QA . 24.17 -25.56 9.51
CMB BCL QA . 22.22 -28.03 11.48
CAB BCL QA . 24.48 -25.77 12.09
OBB BCL QA . 25.50 -25.22 12.13
CBB BCL QA . 23.67 -25.53 13.34
NC BCL QA . 24.92 -24.61 6.77
C1C BCL QA . 25.46 -24.20 7.95
C2C BCL QA . 26.57 -23.20 7.77
C3C BCL QA . 26.73 -23.06 6.30
C4C BCL QA . 25.47 -23.77 5.84
CMC BCL QA . 26.09 -21.84 8.19
CAC BCL QA . 27.95 -23.92 6.01
CBC BCL QA . 28.56 -23.60 4.64
ND BCL QA . 23.52 -25.51 4.78
C1D BCL QA . 24.23 -24.64 3.98
C2D BCL QA . 23.98 -24.80 2.62
C3D BCL QA . 23.09 -25.78 2.61
C4D BCL QA . 22.83 -26.19 3.90
CMD BCL QA . 24.58 -24.02 1.49
CAD BCL QA . 22.26 -26.62 1.68
OBD BCL QA . 21.68 -26.32 0.57
CBD BCL QA . 21.78 -27.83 2.57
CGD BCL QA . 20.32 -28.05 2.15
O1D BCL QA . 19.99 -28.78 1.38
O2D BCL QA . 19.39 -27.36 2.63
CED BCL QA . 18.05 -28.09 2.54
C1 BCL QA . 20.32 -32.68 2.58
CAB U4Z RA . 12.43 -40.86 8.33
CAC U4Z RA . 11.03 -40.85 8.92
CAD U4Z RA . 12.90 -39.43 8.16
CAE U4Z RA . 10.07 -39.92 8.18
CAF U4Z RA . 13.37 -41.60 9.29
CAG U4Z RA . 12.43 -41.59 6.98
CAH U4Z RA . 12.10 -38.43 7.75
CAI U4Z RA . 10.65 -38.62 7.72
CAJ U4Z RA . 14.23 -39.13 8.53
CAK U4Z RA . 12.58 -37.09 7.29
CAL U4Z RA . 14.65 -38.00 9.10
CAM U4Z RA . 16.00 -37.69 9.54
CAN U4Z RA . 17.06 -38.74 9.31
CAO U4Z RA . 16.26 -36.52 10.16
CAP U4Z RA . 17.50 -36.07 10.71
CAQ U4Z RA . 17.67 -34.88 11.30
CAR U4Z RA . 18.91 -34.37 11.90
CAS U4Z RA . 29.37 -24.80 20.63
CAT U4Z RA . 29.05 -24.87 22.14
CAU U4Z RA . 20.10 -35.28 11.89
CAV U4Z RA . 18.92 -33.14 12.46
CAW U4Z RA . 28.28 -24.50 19.63
CAX U4Z RA . 30.37 -24.92 22.86
CAY U4Z RA . 30.70 -25.19 24.10
CAZ U4Z RA . 28.14 -23.06 19.28
CBA U4Z RA . 27.56 -25.43 19.03
CBB U4Z RA . 20.02 -32.51 13.15
CBC U4Z RA . 29.72 -25.51 25.19
CBD U4Z RA . 32.14 -25.20 24.52
CBE U4Z RA . 26.33 -25.31 18.28
CBF U4Z RA . 25.73 -26.35 17.69
CBG U4Z RA . 19.98 -31.24 13.64
CBH U4Z RA . 24.50 -26.34 16.91
CBI U4Z RA . 21.09 -30.64 14.32
CBJ U4Z RA . 24.01 -27.52 16.46
CBK U4Z RA . 23.79 -25.03 16.72
CBL U4Z RA . 21.18 -29.38 14.81
CBM U4Z RA . 22.80 -27.76 15.76
CBN U4Z RA . 22.39 -28.99 15.49
CBO U4Z RA . 20.08 -28.37 14.68
MG BCL SA . 26.61 -25.64 -2.77
CHA BCL SA . 24.84 -28.10 -1.33
CHB BCL SA . 24.76 -25.99 -5.53
CHC BCL SA . 27.91 -22.71 -3.85
CHD BCL SA . 28.15 -25.04 0.33
NA BCL SA . 25.02 -26.85 -3.33
C1A BCL SA . 24.48 -27.90 -2.62
C2A BCL SA . 23.28 -28.52 -3.33
C3A BCL SA . 23.49 -28.03 -4.81
C4A BCL SA . 24.48 -26.91 -4.55
CMA BCL SA . 24.28 -29.09 -5.58
CAA BCL SA . 21.99 -28.06 -2.69
CBA BCL SA . 21.06 -29.15 -2.30
CGA BCL SA . 19.92 -29.17 -3.30
O1A BCL SA . 20.04 -29.01 -4.40
O2A BCL SA . 18.80 -28.87 -2.84
NB BCL SA . 26.39 -24.53 -4.36
C1B BCL SA . 25.59 -24.86 -5.40
C2B BCL SA . 25.68 -23.88 -6.35
C3B BCL SA . 26.55 -22.94 -5.92
C4B BCL SA . 27.02 -23.35 -4.66
CMB BCL SA . 24.88 -24.00 -7.61
CAB BCL SA . 26.98 -21.67 -6.66
OBB BCL SA . 27.90 -21.04 -6.28
CBB BCL SA . 26.20 -20.92 -7.70
NC BCL SA . 27.73 -24.16 -1.86
C1C BCL SA . 28.19 -23.08 -2.53
C2C BCL SA . 29.28 -22.38 -1.77
C3C BCL SA . 29.61 -23.30 -0.67
C4C BCL SA . 28.30 -24.08 -0.62
CMC BCL SA . 30.55 -22.40 -2.60
CAC BCL SA . 29.75 -22.32 0.52
CBC BCL SA . 28.47 -21.57 0.86
ND BCL SA . 26.57 -26.31 -0.95
C1D BCL SA . 27.21 -26.05 0.23
C2D BCL SA . 26.81 -26.88 1.29
C3D BCL SA . 25.91 -27.67 0.71
C4D BCL SA . 25.78 -27.31 -0.63
CMD BCL SA . 27.28 -26.87 2.71
CAD BCL SA . 24.99 -28.79 0.99
OBD BCL SA . 24.72 -29.41 2.10
CBD BCL SA . 24.15 -29.02 -0.32
CGD BCL SA . 24.45 -30.50 -0.69
O1D BCL SA . 25.43 -30.98 -0.54
O2D BCL SA . 23.50 -31.30 -0.85
CED BCL SA . 23.87 -32.38 -1.86
C1 BCL SA . 17.86 -29.91 -2.47
CAB U4Z TA . 13.63 -39.69 -9.71
CAC U4Z TA . 12.55 -39.71 -10.75
CAD U4Z TA . 13.01 -39.16 -8.45
CAE U4Z TA . 11.40 -40.50 -10.23
CAF U4Z TA . 14.15 -41.08 -9.44
CAG U4Z TA . 14.78 -38.80 -10.15
CAH U4Z TA . 11.71 -39.17 -8.17
CAI U4Z TA . 10.78 -39.80 -9.09
CAJ U4Z TA . 13.96 -38.83 -7.41
CAK U4Z TA . 11.16 -38.93 -6.82
CAL U4Z TA . 13.80 -37.71 -6.72
CAM U4Z TA . 14.73 -37.33 -5.70
CAN U4Z TA . 16.10 -37.83 -5.86
CAO U4Z TA . 14.29 -36.56 -4.70
CAP U4Z TA . 15.16 -36.09 -3.67
CAQ U4Z TA . 14.64 -35.31 -2.72
CAR U4Z TA . 15.44 -34.73 -1.66
CAS U4Z TA . 16.97 -23.50 8.47
CAT U4Z TA . 17.38 -22.11 8.93
CAU U4Z TA . 16.88 -34.98 -1.64
CAV U4Z TA . 14.79 -33.94 -0.79
CAW U4Z TA . 15.52 -23.72 8.61
CAX U4Z TA . 17.13 -21.10 7.89
CAY U4Z TA . 17.92 -20.04 7.69
CAZ U4Z TA . 14.65 -22.64 9.09
CBA U4Z TA . 15.04 -24.93 8.29
CBB U4Z TA . 15.44 -33.23 0.28
CBC U4Z TA . 19.10 -19.80 8.53
CBD U4Z TA . 17.62 -19.06 6.65
CBE U4Z TA . 16.05 -25.85 7.87
CBF U4Z TA . 15.97 -26.95 7.13
CBG U4Z TA . 14.68 -32.43 1.03
CBH U4Z TA . 14.83 -27.55 6.47
CBI U4Z TA . 15.23 -31.61 2.08
CBJ U4Z TA . 15.24 -28.43 5.53
CBK U4Z TA . 13.44 -27.26 6.84
CBL U4Z TA . 14.44 -31.00 2.97
CBM U4Z TA . 14.43 -29.21 4.65
CBN U4Z TA . 15.08 -30.15 3.94
CBO U4Z TA . 12.97 -31.13 3.00
MG BCL UA . 8.22 -41.53 3.55
CHA BCL UA . 10.52 -43.52 4.87
CHB BCL UA . 5.84 -43.60 4.64
CHC BCL UA . 5.98 -39.39 2.24
CHD BCL UA . 10.68 -39.02 3.18
NA BCL UA . 8.18 -43.28 4.67
C1A BCL UA . 9.27 -44.01 5.08
C2A BCL UA . 8.87 -45.39 5.45
C3A BCL UA . 7.39 -45.51 5.07
C4A BCL UA . 7.11 -44.03 4.90
CMA BCL UA . 7.12 -46.33 3.81
CAA BCL UA . 9.07 -45.62 6.95
CBA BCL UA . 8.75 -44.35 7.73
CGA BCL UA . 9.05 -44.58 9.19
O1A BCL UA . 8.14 -44.68 10.01
O2A BCL UA . 10.42 -44.69 9.65
NB BCL UA . 6.27 -41.46 3.45
C1B BCL UA . 5.47 -42.43 3.95
C2B BCL UA . 4.17 -42.07 3.68
C3B BCL UA . 4.16 -40.90 3.02
C4B BCL UA . 5.51 -40.50 2.85
CMB BCL UA . 2.94 -42.85 4.08
CAB BCL UA . 2.96 -40.17 2.55
OBB BCL UA . 2.75 -40.03 1.35
CBB BCL UA . 2.06 -39.62 3.61
NC BCL UA . 8.34 -39.57 2.95
C1C BCL UA . 7.30 -38.92 2.37
C2C BCL UA . 7.61 -37.48 2.09
C3C BCL UA . 9.05 -37.30 2.38
C4C BCL UA . 9.40 -38.72 2.84
CMC BCL UA . 7.50 -37.40 0.66
CAC BCL UA . 9.27 -36.31 3.52
CBC BCL UA . 8.17 -36.41 4.55
ND BCL UA . 10.10 -41.24 3.90
C1D BCL UA . 11.03 -40.24 3.73
C2D BCL UA . 12.32 -40.60 4.17
C3D BCL UA . 12.15 -41.84 4.59
C4D BCL UA . 10.82 -42.21 4.43
CMD BCL UA . 13.68 -39.92 4.06
CAD BCL UA . 12.88 -42.98 5.20
OBD BCL UA . 14.18 -43.19 5.44
CBD BCL UA . 11.83 -44.13 5.39
CGD BCL UA . 12.20 -45.37 4.65
O1D BCL UA . 12.66 -45.30 3.52
O2D BCL UA . 12.01 -46.68 5.25
CED BCL UA . 12.31 -47.86 4.52
C1 BCL UA . 10.79 -45.73 10.56
C2 BCL UA . 12.22 -46.14 10.29
C3 BCL UA . 13.19 -45.81 11.17
C4 BCL UA . 12.85 -45.05 12.42
C5 BCL UA . 14.62 -46.23 10.90
CAC MQE VA . -16.27 -0.81 3.30
CAD MQE VA . -14.58 -2.86 -0.87
CAE MQE VA . -17.47 2.51 6.49
CAF MQE VA . -13.57 -7.40 -2.07
CAG MQE VA . -11.83 -10.44 -5.54
CAH MQE VA . -21.19 4.99 8.61
CAI MQE VA . -16.83 0.61 3.13
CAJ MQE VA . -15.81 -2.95 0.05
CAK MQE VA . -14.72 -6.44 -2.44
CAL MQE VA . -18.99 2.69 6.34
CAM MQE VA . -12.72 -10.51 -4.28
CAN MQE VA . -12.36 -12.27 -10.01
CAO MQE VA . -20.77 6.45 8.37
CAP MQE VA . -16.60 -1.71 2.12
CAQ MQE VA . -14.54 -3.97 -1.90
CAR MQE VA . -16.81 2.08 5.20
CAS MQE VA . -11.64 -12.71 -8.72
CAT MQE VA . -13.70 -8.75 -2.74
CAU MQE VA . -19.89 8.35 11.67
CAV MQE VA . -20.78 4.08 7.47
CAW MQE VA . -11.94 -11.65 -6.43
CAX MQE VA . -13.94 -13.99 -14.37
CAY MQE VA . -12.66 -13.87 -13.57
CAZ MQE VA . -20.69 7.84 10.49
CBA MQE VA . -19.25 9.71 11.40
CBB MQE VA . -12.24 -13.26 -11.15
CBC MQE VA . -15.66 -2.08 1.25
CBD MQE VA . -17.35 1.15 4.43
CBE MQE VA . -14.73 -5.23 -1.55
CBF MQE VA . -19.55 3.60 7.39
CBG MQE VA . -12.74 -9.20 -3.55
CBH MQE VA . -11.58 -11.60 -7.70
CBI MQE VA . -20.13 7.05 9.59
CBJ MQE VA . -15.93 10.19 13.42
CBK MQE VA . -14.50 -12.96 -15.08
CBL MQE VA . -12.76 -13.00 -12.34
CBM MQE VA . -17.40 10.21 13.07
CBN MQE VA . -17.83 9.78 11.90
CBO MQE VA . -15.20 11.44 12.92
CBP MQE VA . -15.82 -15.55 -15.12
CBQ MQE VA . -14.57 -15.34 -14.36
CBR MQE VA . -16.40 -14.49 -15.83
CBS MQE VA . -15.77 -13.16 -15.82
CBT MQE VA . -18.04 -2.12 2.02
CBU MQE VA . -14.26 -3.52 -3.31
CBV MQE VA . -15.51 2.77 4.88
CBW MQE VA . -14.96 -9.51 -2.41
CBX MQE VA . -21.86 3.78 6.47
CBY MQE VA . -12.49 -12.89 -5.78
CBZ MQE VA . -22.12 8.29 10.44
CCA MQE VA . -11.50 -14.52 -10.82
CCB MQE VA . -15.13 12.51 13.97
CCC MQE VA . -14.04 12.99 14.58
CCD MQE VA . -14.08 14.06 15.63
CCE MQE VA . -13.88 -11.60 -15.20
CCF MQE VA . -18.31 10.75 14.15
CCG MQE VA . -16.41 -16.81 -15.15
CCH MQE VA . -17.57 -14.70 -16.54
CCJ MQE VA . -17.58 -17.01 -15.87
CCK MQE VA . -18.16 -15.97 -16.56
CCL MQE VA . -12.67 12.48 14.23
OAA MQE VA . -14.05 -16.25 -13.72
OAB MQE VA . -16.28 -12.22 -16.43
MG BCL WA . -5.81 10.95 -6.72
CHA BCL WA . -9.12 11.88 -6.31
CHB BCL WA . -6.90 8.17 -8.37
CHC BCL WA . -2.68 10.46 -7.92
CHD BCL WA . -4.87 14.19 -5.82
NA BCL WA . -7.76 10.16 -7.25
C1A BCL WA . -9.02 10.67 -6.95
C2A BCL WA . -10.10 9.67 -7.18
C3A BCL WA . -9.34 8.46 -7.75
C4A BCL WA . -7.94 8.96 -7.91
CMA BCL WA . -9.39 7.37 -6.77
CAA BCL WA . -10.85 10.17 -8.37
CBA BCL WA . -11.71 9.10 -8.96
CGA BCL WA . -13.14 9.33 -8.62
O1A BCL WA . -13.74 8.48 -8.08
O2A BCL WA . -13.86 10.51 -8.88
NB BCL WA . -4.91 9.55 -7.95
C1B BCL WA . -5.54 8.46 -8.53
C2B BCL WA . -4.63 7.72 -9.31
C3B BCL WA . -3.38 8.36 -9.20
C4B BCL WA . -3.61 9.51 -8.34
CMB BCL WA . -4.98 6.51 -10.07
CAB BCL WA . -2.25 7.83 -9.92
OBB BCL WA . -2.43 7.04 -10.80
CBB BCL WA . -0.89 8.25 -9.48
NC BCL WA . -4.03 12.15 -6.84
C1C BCL WA . -2.86 11.75 -7.38
C2C BCL WA . -1.77 12.76 -7.30
C3C BCL WA . -2.48 13.97 -6.64
C4C BCL WA . -3.88 13.47 -6.44
CMC BCL WA . -0.87 12.07 -6.37
CAC BCL WA . -2.39 15.18 -7.47
CBC BCL WA . -0.95 15.60 -7.41
ND BCL WA . -6.74 12.69 -6.20
C1D BCL WA . -6.26 13.94 -5.81
C2D BCL WA . -7.31 14.81 -5.46
C3D BCL WA . -8.48 14.06 -5.62
C4D BCL WA . -8.10 12.79 -6.06
CMD BCL WA . -7.39 16.18 -4.96
CAD BCL WA . -9.88 14.07 -5.55
OBD BCL WA . -10.61 15.03 -5.23
CBD BCL WA . -10.39 12.67 -5.99
CGD BCL WA . -11.49 12.25 -5.14
O1D BCL WA . -11.56 12.71 -4.06
O2D BCL WA . -12.57 11.42 -5.51
CED BCL WA . -13.73 11.38 -4.68
C1 BCL WA . -15.29 10.47 -8.94
C2 BCL WA . -15.68 11.89 -8.82
C3 BCL WA . -16.66 12.52 -9.39
C4 BCL WA . -16.78 13.94 -9.08
C5 BCL WA . -17.65 11.92 -10.28
C6 BCL WA . -18.64 12.98 -10.66
C7 BCL WA . -19.90 12.33 -11.18
C8 BCL WA . -20.79 13.45 -11.63
C9 BCL WA . -21.80 13.66 -10.56
C10 BCL WA . -21.45 13.19 -12.95
C11 BCL WA . -20.71 13.81 -14.11
C12 BCL WA . -21.61 14.66 -14.92
C13 BCL WA . -20.94 15.10 -16.19
C14 BCL WA . -20.81 16.60 -16.34
C15 BCL WA . -21.75 14.63 -17.36
C16 BCL WA . -21.76 15.54 -18.55
C17 BCL WA . -21.83 14.63 -19.73
C18 BCL WA . -22.69 15.25 -20.78
C19 BCL WA . -23.29 14.19 -21.67
C20 BCL WA . -21.85 16.19 -21.59
O1D BPH XA . 0.16 0.47 -4.26
CGD BPH XA . -1.00 0.78 -4.33
O2D BPH XA . -1.66 1.03 -3.15
CED BPH XA . -0.89 1.12 -1.98
CBD BPH XA . -1.71 0.92 -5.57
CHA BPH XA . -0.95 0.17 -6.64
C4D BPH XA . -0.39 1.03 -7.48
C3D BPH XA . -0.66 2.40 -7.10
CAD BPH XA . -1.48 2.37 -5.89
OBD BPH XA . -1.90 3.35 -5.26
C2D BPH XA . -0.08 3.22 -7.97
CMD BPH XA . -0.14 4.68 -7.85
C1D BPH XA . 0.61 2.38 -8.96
ND BPH XA . 0.36 1.05 -8.60
CHD BPH XA . 1.31 2.84 -9.99
C4C BPH XA . 1.89 1.96 -10.95
C3C BPH XA . 2.87 2.46 -11.95
CAC BPH XA . 2.11 3.29 -12.95
CBC BPH XA . 0.69 2.95 -13.08
C2C BPH XA . 3.37 1.15 -12.59
CMC BPH XA . 4.83 1.00 -12.38
C1C BPH XA . 2.70 0.08 -11.79
NC BPH XA . 1.87 0.65 -10.80
CHC BPH XA . 3.03 -1.19 -11.84
C4B BPH XA . 2.64 -2.24 -10.96
C3B BPH XA . 2.99 -3.57 -11.14
CAB BPH XA . 3.84 -4.17 -12.13
CBB BPH XA . 4.62 -5.37 -11.81
OBB BPH XA . 3.94 -3.65 -13.16
C2B BPH XA . 2.42 -4.29 -10.08
CMB BPH XA . 2.57 -5.74 -9.88
C1B BPH XA . 1.73 -3.39 -9.28
NB BPH XA . 1.87 -2.12 -9.83
CHB BPH XA . 1.02 -3.75 -8.12
C4A BPH XA . 0.28 -2.96 -7.36
C3A BPH XA . -0.44 -3.41 -6.14
CMA BPH XA . 0.65 -3.46 -5.13
C2A BPH XA . -1.41 -2.27 -5.86
C1A BPH XA . -0.94 -1.23 -6.82
NA BPH XA . -0.18 -1.70 -7.79
CAA BPH XA . -2.69 -2.42 -6.63
CBA BPH XA . -2.95 -3.71 -7.34
CGA BPH XA . -3.93 -3.45 -8.44
O1A BPH XA . -3.78 -2.45 -9.02
O2A BPH XA . -5.05 -4.24 -8.85
C1 BPH XA . -5.51 -4.56 -10.16
C2 BPH XA . -4.99 -5.93 -10.33
C3 BPH XA . -5.50 -6.98 -9.74
C4 BPH XA . -6.71 -6.85 -8.93
C5 BPH XA . -4.85 -8.30 -9.88
C6 BPH XA . -4.27 -8.76 -8.56
C7 BPH XA . -3.21 -7.85 -7.96
C8 BPH XA . -1.90 -8.52 -7.69
C9 BPH XA . -0.86 -7.96 -8.58
C10 BPH XA . -1.38 -8.12 -6.35
C11 BPH XA . 0.05 -8.57 -6.19
C12 BPH XA . 1.06 -7.50 -6.52
C13 BPH XA . 2.04 -7.30 -5.37
C14 BPH XA . 1.72 -8.11 -4.16
C15 BPH XA . 3.43 -7.63 -5.85
C16 BPH XA . 3.92 -6.55 -6.78
C17 BPH XA . 5.36 -6.27 -6.54
C18 BPH XA . 5.85 -5.30 -7.53
C19 BPH XA . 7.33 -5.33 -7.50
C20 BPH XA . 5.48 -3.91 -7.10
O1D BPH YA . -24.49 6.23 -16.69
CGD BPH YA . -24.94 7.26 -16.29
O2D BPH YA . -25.67 7.72 -17.39
CED BPH YA . -25.07 7.82 -18.67
CBD BPH YA . -24.72 7.86 -14.90
CHA BPH YA . -23.35 8.38 -14.57
C4D BPH YA . -22.66 7.46 -13.88
C3D BPH YA . -23.49 6.31 -13.59
CAD BPH YA . -24.81 6.54 -14.16
OBD BPH YA . -25.80 5.82 -14.23
C2D BPH YA . -22.77 5.41 -12.90
CMD BPH YA . -23.51 4.19 -12.55
C1D BPH YA . -21.43 6.00 -12.72
ND BPH YA . -21.43 7.24 -13.35
CHD BPH YA . -20.40 5.41 -11.96
C4C BPH YA . -19.16 6.05 -11.92
C3C BPH YA . -18.16 5.57 -10.92
CAC BPH YA . -18.95 5.17 -9.73
CBC BPH YA . -19.18 3.74 -10.02
C2C BPH YA . -17.10 6.68 -10.98
CMC BPH YA . -15.84 6.19 -11.59
C1C BPH YA . -17.59 7.57 -12.08
NC BPH YA . -18.78 7.09 -12.64
CHC BPH YA . -17.09 8.78 -12.32
C4B BPH YA . -17.51 9.74 -13.27
C3B BPH YA . -16.76 10.88 -13.65
CAB BPH YA . -15.42 11.27 -13.15
CBB BPH YA . -14.93 12.38 -13.91
OBB BPH YA . -14.61 10.65 -12.58
C2B BPH YA . -17.55 11.55 -14.62
CMB BPH YA . -17.34 12.78 -15.38
C1B BPH YA . -18.73 10.83 -14.77
NB BPH YA . -18.66 9.73 -13.98
CHB BPH YA . -19.75 11.21 -15.66
C4A BPH YA . -20.97 10.66 -15.74
C3A BPH YA . -21.99 11.07 -16.73
CMA BPH YA . -21.54 10.54 -18.07
C2A BPH YA . -23.16 10.20 -16.42
C1A BPH YA . -22.76 9.55 -15.13
NA BPH YA . -21.54 9.85 -14.73
CAA BPH YA . -24.45 10.82 -16.01
CBA BPH YA . -24.45 12.17 -15.36
CGA BPH YA . -25.41 13.01 -16.09
O1A BPH YA . -25.62 12.80 -17.24
O2A BPH YA . -26.11 14.12 -15.52
C1 BPH YA . -26.71 15.04 -16.39
C2 BPH YA . -25.97 16.34 -16.44
C3 BPH YA . -25.79 16.95 -17.59
C4 BPH YA . -26.32 16.31 -18.82
C5 BPH YA . -25.08 18.25 -17.69
C6 BPH YA . -24.48 18.66 -16.38
C7 BPH YA . -25.14 19.87 -15.75
C8 BPH YA . -24.52 21.20 -16.09
C9 BPH YA . -24.81 22.13 -14.94
C10 BPH YA . -23.04 21.15 -16.35
C11 BPH YA . -22.21 21.98 -15.40
C12 BPH YA . -20.75 21.68 -15.61
C13 BPH YA . -20.04 21.70 -14.32
C14 BPH YA . -20.90 20.99 -13.35
C15 BPH YA . -18.81 20.88 -14.44
C16 BPH YA . -17.95 21.49 -15.52
C17 BPH YA . -16.53 21.68 -15.05
C18 BPH YA . -15.76 20.41 -15.02
C19 BPH YA . -14.92 20.36 -13.79
C20 BPH YA . -14.77 20.41 -16.12
MG BCL ZA . -12.35 15.93 -14.31
CHA BCL ZA . -10.55 14.66 -16.98
CHB BCL ZA . -14.93 16.49 -16.48
CHC BCL ZA . -14.45 16.26 -11.68
CHD BCL ZA . -9.98 14.57 -12.14
NA BCL ZA . -12.66 15.60 -16.44
C1A BCL ZA . -11.79 15.07 -17.38
C2A BCL ZA . -12.51 15.05 -18.61
C3A BCL ZA . -13.60 16.02 -18.50
C4A BCL ZA . -13.82 15.96 -17.10
CMA BCL ZA . -12.94 17.30 -18.66
CAA BCL ZA . -13.35 13.85 -18.58
CBA BCL ZA . -12.77 12.70 -17.92
CGA BCL ZA . -13.96 11.85 -17.82
O1A BCL ZA . -15.00 12.26 -17.38
O2A BCL ZA . -13.98 10.48 -18.22
NB BCL ZA . -14.36 16.35 -14.10
C1B BCL ZA . -15.29 16.45 -15.13
C2B BCL ZA . -16.60 16.49 -14.61
C3B BCL ZA . -16.50 16.45 -13.20
C4B BCL ZA . -15.08 16.34 -12.93
CMB BCL ZA . -17.79 16.76 -15.36
CAB BCL ZA . -17.48 16.67 -12.29
OBB BCL ZA . -17.12 16.45 -11.26
CBB BCL ZA . -18.72 17.22 -12.73
NC BCL ZA . -12.22 15.49 -12.22
C1C BCL ZA . -13.22 15.71 -11.31
C2C BCL ZA . -12.76 15.54 -9.92
C3C BCL ZA . -11.53 14.67 -10.10
C4C BCL ZA . -11.17 14.92 -11.55
CMC BCL ZA . -12.24 16.80 -9.41
CAC BCL ZA . -11.98 13.35 -10.40
CBC BCL ZA . -10.72 12.63 -10.20
ND BCL ZA . -10.67 14.79 -14.47
C1D BCL ZA . -9.71 14.40 -13.53
C2D BCL ZA . -8.56 13.86 -14.16
C3D BCL ZA . -8.82 13.94 -15.52
C4D BCL ZA . -10.08 14.49 -15.67
CMD BCL ZA . -7.22 13.38 -13.74
CAD BCL ZA . -8.21 14.02 -16.82
OBD BCL ZA . -7.21 13.36 -17.14
CBD BCL ZA . -9.28 14.54 -17.83
CGD BCL ZA . -8.86 15.61 -18.69
O1D BCL ZA . -8.88 16.76 -18.61
O2D BCL ZA . -8.41 15.25 -19.91
CED BCL ZA . -9.41 15.13 -20.87
C1 BCL ZA . -15.07 9.66 -17.86
C2 BCL ZA . -16.20 10.18 -18.60
C3 BCL ZA . -16.71 9.42 -19.45
C4 BCL ZA . -16.21 8.08 -19.64
C5 BCL ZA . -17.82 9.88 -20.23
C6 BCL ZA . -17.41 11.21 -20.70
C7 BCL ZA . -18.01 12.08 -19.70
C8 BCL ZA . -18.23 13.41 -20.25
C9 BCL ZA . -18.35 13.42 -21.75
C10 BCL ZA . -17.04 14.21 -19.93
C11 BCL ZA . -17.42 15.53 -20.47
C12 BCL ZA . -17.59 16.47 -19.36
C13 BCL ZA . -18.08 17.69 -20.01
C14 BCL ZA . -17.14 18.05 -21.12
C15 BCL ZA . -18.02 18.79 -19.05
C16 BCL ZA . -18.48 19.93 -19.87
C17 BCL ZA . -19.91 20.03 -19.50
C18 BCL ZA . -20.45 21.26 -20.11
C19 BCL ZA . -21.96 21.23 -20.10
C20 BCL ZA . -19.98 21.33 -21.53
CAC MQE AB . -30.15 14.49 -22.59
CAD MQE AB . -26.63 11.37 -21.30
CAE MQE AB . -34.67 14.36 -20.64
CAF MQE AB . -22.92 8.84 -22.52
CAG MQE AB . -19.52 5.61 -23.48
CAH MQE AB . -35.94 18.57 -22.51
CAI MQE AB . -30.92 15.12 -21.42
CAJ MQE AB . -26.90 12.87 -21.12
CAK MQE AB . -22.95 10.14 -21.70
CAL MQE AB . -35.21 14.77 -22.02
CAM MQE AB . -19.66 6.69 -22.40
CAN MQE AB . -22.48 1.90 -24.48
CAO MQE AB . -35.84 19.43 -23.80
CAP MQE AB . -28.70 14.26 -22.28
CAQ MQE AB . -25.28 11.11 -21.92
CAR MQE AB . -33.23 14.75 -20.44
CAS MQE AB . -21.11 2.05 -23.80
CAT MQE AB . -21.88 7.86 -22.03
CAU MQE AB . -33.24 22.33 -23.96
CAV MQE AB . -35.27 17.23 -22.63
CAW MQE AB . -20.18 4.31 -23.09
CAX MQE AB . -25.83 -0.59 -21.89
CAY MQE AB . -25.62 0.80 -22.45
CAZ MQE AB . -33.99 21.07 -24.32
CBA MQE AB . -31.75 22.08 -23.70
CBB MQE AB . -23.62 1.91 -23.50
CBC MQE AB . -28.30 13.23 -21.53
CBD MQE AB . -32.37 14.75 -21.45
CBE MQE AB . -24.34 10.47 -21.24
CBF MQE AB . -35.76 16.16 -22.01
CBG MQE AB . -20.77 7.65 -22.72
CBH MQE AB . -20.50 3.41 -24.01
CBI MQE AB . -35.01 20.65 -23.59
CBJ MQE AB . -29.08 24.85 -24.43
CBK MQE AB . -25.12 -1.11 -20.84
CBL MQE AB . -24.46 0.89 -23.39
CBM MQE AB . -29.76 23.50 -24.39
CBN MQE AB . -30.95 23.35 -23.83
CBO MQE AB . -27.90 24.95 -23.46
CBP MQE AB . -27.15 -2.77 -22.10
CBQ MQE AB . -26.89 -1.40 -22.56
CBR MQE AB . -26.40 -3.31 -21.04
CBS MQE AB . -25.37 -2.50 -20.39
CBT MQE AB . -27.74 15.28 -22.85
CBU MQE AB . -25.11 11.62 -23.32
CBV MQE AB . -32.87 15.16 -19.03
CBW MQE AB . -22.21 7.17 -20.74
CBX MQE AB . -34.03 17.21 -23.49
CBY MQE AB . -20.44 4.13 -21.63
CBZ MQE AB . -33.47 20.35 -25.54
CCA MQE AB . -23.71 3.15 -22.65
CCB MQE AB . -27.14 26.24 -23.64
CCC MQE AB . -25.96 26.41 -24.22
CCD MQE AB . -25.29 27.75 -24.35
CCE MQE AB . -24.09 -0.35 -20.08
CCF MQE AB . -28.98 22.37 -25.03
CCG MQE AB . -28.13 -3.55 -22.71
CCH MQE AB . -26.64 -4.62 -20.63
CCJ MQE AB . -28.35 -4.84 -22.29
CCK MQE AB . -27.62 -5.37 -21.26
CCL MQE AB . -25.20 25.25 -24.80
OAA MQE AB . -27.53 -0.91 -23.49
OAB MQE AB . -24.70 -2.96 -19.46
MN MN BB . -21.68 -9.57 -18.63
MG BCL CB . -1.69 8.74 -13.72
CHA BCL CB . -0.45 6.33 -15.64
CHB BCL CB . -4.72 7.51 -14.10
CHC BCL CB . -2.80 11.42 -11.98
CHD BCL CB . 1.57 10.02 -13.32
NA BCL CB . -2.50 7.26 -14.92
C1A BCL CB . -1.80 6.25 -15.55
C2A BCL CB . -2.74 5.30 -16.29
C3A BCL CB . -4.13 5.61 -15.61
C4A BCL CB . -3.77 6.88 -14.87
CMA BCL CB . -5.13 6.03 -16.60
CAA BCL CB . -2.46 3.84 -16.28
CBA BCL CB . -2.49 3.18 -14.96
CGA BCL CB . -2.42 1.76 -15.35
O1A BCL CB . -3.29 1.30 -15.98
O2A BCL CB . -1.29 0.93 -15.09
NB BCL CB . -3.43 9.40 -13.13
C1B BCL CB . -4.57 8.71 -13.40
C2B BCL CB . -5.62 9.41 -12.84
C3B BCL CB . -5.13 10.51 -12.23
C4B BCL CB . -3.72 10.52 -12.41
CMB BCL CB . -7.00 8.91 -12.96
CAB BCL CB . -5.93 11.50 -11.49
OBB BCL CB . -5.50 12.56 -11.21
CBB BCL CB . -7.27 11.14 -11.05
NC BCL CB . -0.78 10.44 -13.00
C1C BCL CB . -1.45 11.39 -12.31
C2C BCL CB . -0.54 12.50 -11.85
C3C BCL CB . 0.82 11.90 -11.86
C4C BCL CB . 0.54 10.70 -12.76
CMC BCL CB . -0.58 13.71 -12.71
CAC BCL CB . 1.14 11.47 -10.54
CBC BCL CB . 1.24 12.78 -9.87
ND BCL CB . 0.12 8.37 -14.29
C1D BCL CB . 1.38 8.90 -14.09
C2D BCL CB . 2.39 8.18 -14.74
C3D BCL CB . 1.71 7.22 -15.34
C4D BCL CB . 0.37 7.33 -15.05
CMD BCL CB . 3.86 8.33 -14.87
CAD BCL CB . 1.91 6.03 -16.21
OBD BCL CB . 2.99 5.64 -16.74
CBD BCL CB . 0.48 5.52 -16.56
CGD BCL CB . 0.36 5.90 -17.97
O1D BCL CB . 0.06 5.13 -18.82
O2D BCL CB . 0.65 7.19 -18.41
CED BCL CB . 0.42 7.58 -19.73
C1 BCL CB . -1.30 -0.34 -14.48
C2 BCL CB . -0.89 -1.42 -15.41
C3 BCL CB . 0.23 -2.10 -15.31
C4 BCL CB . 1.20 -1.80 -14.21
C5 BCL CB . 0.50 -3.19 -16.31
C6 BCL CB . 1.30 -4.35 -15.74
C7 BCL CB . 0.69 -5.71 -16.04
C8 BCL CB . 1.59 -6.82 -15.58
C9 BCL CB . 1.46 -8.01 -16.49
C10 BCL CB . 1.21 -7.23 -14.18
C11 BCL CB . 1.71 -8.62 -13.90
C12 BCL CB . 1.50 -8.96 -12.44
C13 BCL CB . 2.72 -9.71 -11.92
C14 BCL CB . 3.00 -10.95 -12.77
C15 BCL CB . 2.51 -10.10 -10.46
C16 BCL CB . 3.80 -10.73 -9.94
C17 BCL CB . 3.73 -10.94 -8.44
C18 BCL CB . 4.92 -11.75 -7.96
C19 BCL CB . 5.27 -12.84 -8.96
C20 BCL CB . 4.65 -12.34 -6.58
O1D BPH DB . -6.07 -11.96 -15.56
CGD BPH DB . -5.17 -12.31 -16.32
O2D BPH DB . -4.78 -13.59 -16.31
CED BPH DB . -5.79 -14.54 -16.02
CBD BPH DB . -4.43 -11.41 -17.26
CHA BPH DB . -4.07 -10.13 -16.58
C4D BPH DB . -4.64 -9.09 -17.23
C3D BPH DB . -5.44 -9.55 -18.36
CAD BPH DB . -5.34 -11.00 -18.42
OBD BPH DB . -5.86 -11.74 -19.19
C2D BPH DB . -5.99 -8.50 -18.96
CMD BPH DB . -6.86 -8.39 -20.12
C1D BPH DB . -5.56 -7.31 -18.23
ND BPH DB . -4.73 -7.73 -17.18
CHD BPH DB . -5.90 -6.05 -18.52
C4C BPH DB . -5.60 -5.01 -17.62
C3C BPH DB . -6.08 -3.61 -17.83
CAC BPH DB . -5.82 -3.16 -19.26
CBC BPH DB . -5.81 -1.65 -19.29
C2C BPH DB . -5.22 -2.85 -16.81
CMC BPH DB . -6.08 -1.99 -15.92
C1C BPH DB . -4.61 -3.95 -15.99
NC BPH DB . -4.68 -5.17 -16.67
CHC BPH DB . -3.92 -3.75 -14.89
C4B BPH DB . -3.28 -4.69 -14.06
C3B BPH DB . -2.55 -4.32 -12.94
CAB BPH DB . -2.33 -2.96 -12.48
CBB BPH DB . -3.46 -2.01 -12.66
OBB BPH DB . -1.29 -2.61 -11.97
C2B BPH DB . -2.06 -5.49 -12.35
CMB BPH DB . -1.22 -5.60 -11.15
C1B BPH DB . -2.51 -6.56 -13.13
NB BPH DB . -3.26 -6.06 -14.17
CHB BPH DB . -2.23 -7.93 -12.86
C4A BPH DB . -2.59 -8.94 -13.64
C3A BPH DB . -2.48 -10.38 -13.25
CMA BPH DB . -3.56 -10.72 -12.26
C2A BPH DB . -2.70 -11.12 -14.59
C1A BPH DB . -3.18 -10.01 -15.48
NA BPH DB . -2.97 -8.79 -15.00
CAA BPH DB . -1.42 -11.77 -15.09
CBA BPH DB . -0.87 -12.68 -13.99
CGA BPH DB . 0.50 -13.12 -14.37
O1A BPH DB . 1.11 -12.75 -15.36
O2A BPH DB . 1.07 -14.00 -13.51
C1 BPH DB . 2.38 -14.48 -13.83
MG BCL EB . 28.57 -21.09 -19.91
CHA BCL EB . 27.47 -24.08 -18.89
CHB BCL EB . 26.06 -20.99 -22.12
CHC BCL EB . 29.26 -17.82 -20.37
CHD BCL EB . 30.84 -21.08 -17.25
NA BCL EB . 26.98 -22.34 -20.42
C1A BCL EB . 26.75 -23.62 -19.93
C2A BCL EB . 25.46 -24.21 -20.49
C3A BCL EB . 25.21 -23.32 -21.76
C4A BCL EB . 26.15 -22.17 -21.43
CMA BCL EB . 25.85 -24.01 -22.98
CAA BCL EB . 24.37 -24.14 -19.45
CBA BCL EB . 23.66 -25.44 -19.18
CGA BCL EB . 22.31 -25.37 -19.83
O1A BCL EB . 22.10 -24.90 -20.84
O2A BCL EB . 21.34 -25.38 -19.06
NB BCL EB . 27.83 -19.65 -21.01
C1B BCL EB . 26.79 -19.81 -21.87
C2B BCL EB . 26.54 -18.62 -22.49
C3B BCL EB . 27.41 -17.71 -22.03
C4B BCL EB . 28.24 -18.35 -21.08
CMB BCL EB . 25.43 -18.52 -23.50
CAB BCL EB . 27.52 -16.23 -22.43
OBB BCL EB . 28.45 -15.59 -22.12
CBB BCL EB . 26.42 -15.37 -22.99
NC BCL EB . 29.76 -19.74 -18.91
C1C BCL EB . 29.92 -18.46 -19.32
C2C BCL EB . 31.12 -17.82 -18.67
C3C BCL EB . 31.82 -18.93 -18.00
C4C BCL EB . 30.65 -19.90 -17.88
CMC BCL EB . 32.11 -17.42 -19.74
CAC BCL EB . 32.19 -18.29 -16.65
CBC BCL EB . 31.00 -17.86 -15.80
ND BCL EB . 29.07 -22.21 -18.42
C1D BCL EB . 30.00 -22.17 -17.40
C2D BCL EB . 29.98 -23.30 -16.57
C3D BCL EB . 29.02 -24.04 -17.13
C4D BCL EB . 28.51 -23.38 -18.23
CMD BCL EB . 30.82 -23.58 -15.37
CAD BCL EB . 28.31 -25.33 -16.97
OBD BCL EB . 28.40 -26.26 -16.07
CBD BCL EB . 27.17 -25.34 -18.05
CGD BCL EB . 27.47 -26.60 -18.89
O1D BCL EB . 28.49 -26.95 -19.14
O2D BCL EB . 26.59 -27.47 -19.06
CED BCL EB . 26.76 -28.18 -20.39
C1 BCL EB . 20.62 -26.63 -18.79
CAB U4Z FB . 14.39 -35.08 -26.65
CAC U4Z FB . 13.00 -35.09 -27.23
CAD U4Z FB . 14.24 -35.04 -25.17
CAE U4Z FB . 12.23 -36.21 -26.63
CAF U4Z FB . 15.12 -36.35 -27.02
CAG U4Z FB . 15.17 -33.89 -27.16
CAH U4Z FB . 13.15 -35.41 -24.48
CAI U4Z FB . 12.02 -35.97 -25.19
CAJ U4Z FB . 15.47 -34.79 -24.44
CAK U4Z FB . 13.13 -35.64 -23.03
CAL U4Z FB . 15.47 -33.93 -23.42
CAM U4Z FB . 16.66 -33.64 -22.71
CAN U4Z FB . 17.91 -33.76 -23.46
CAO U4Z FB . 16.56 -33.26 -21.44
CAP U4Z FB . 17.69 -32.88 -20.66
CAQ U4Z FB . 17.50 -32.50 -19.39
CAR U4Z FB . 18.57 -32.04 -18.54
CAS U4Z FB . 22.60 -23.66 -6.52
CAT U4Z FB . 23.00 -22.37 -5.80
CAU U4Z FB . 19.93 -31.98 -19.09
CAV U4Z FB . 18.22 -31.66 -17.30
CAW U4Z FB . 21.34 -24.23 -5.98
CAX U4Z FB . 22.26 -21.21 -6.34
CAY U4Z FB . 22.80 -20.00 -6.43
CAZ U4Z FB . 20.61 -23.51 -4.93
CBA U4Z FB . 20.92 -25.39 -6.49
CBB U4Z FB . 19.14 -31.11 -16.34
CBC U4Z FB . 24.18 -19.73 -6.01
CBD U4Z FB . 22.01 -18.88 -6.96
CBE U4Z FB . 21.79 -25.92 -7.48
CBF U4Z FB . 21.55 -26.80 -8.46
CBG U4Z FB . 18.64 -30.71 -15.17
CBH U4Z FB . 20.32 -27.45 -8.85
CBI U4Z FB . 19.46 -30.09 -14.17
CBJ U4Z FB . 20.44 -27.94 -10.10
CBK U4Z FB . 19.16 -27.56 -7.96
CBL U4Z FB . 19.00 -29.90 -12.92
CBM U4Z FB . 19.45 -28.64 -10.86
CBN U4Z FB . 19.87 -29.21 -12.00
CBO U4Z FB . 17.68 -30.36 -12.45
MG BCL GB . 14.77 -41.09 -14.19
CHA BCL GB . 17.11 -43.39 -13.73
CHB BCL GB . 12.49 -43.18 -12.94
CHC BCL GB . 12.50 -38.65 -14.66
CHD BCL GB . 17.30 -38.70 -14.72
NA BCL GB . 14.81 -43.00 -13.37
C1A BCL GB . 15.90 -43.84 -13.32
C2A BCL GB . 15.49 -45.31 -13.14
C3A BCL GB . 13.92 -45.22 -13.15
C4A BCL GB . 13.74 -43.73 -13.04
CMA BCL GB . 13.31 -45.75 -14.44
CAA BCL GB . 16.05 -45.90 -11.85
CBA BCL GB . 16.10 -44.88 -10.72
CGA BCL GB . 16.53 -45.56 -9.45
O1A BCL GB . 16.31 -46.75 -9.28
O2A BCL GB . 17.22 -44.82 -8.41
NB BCL GB . 12.86 -40.90 -13.87
C1B BCL GB . 12.09 -41.90 -13.35
C2B BCL GB . 10.80 -41.43 -13.27
C3B BCL GB . 10.76 -40.17 -13.73
C4B BCL GB . 12.07 -39.82 -14.13
CMB BCL GB . 9.62 -42.20 -12.74
CAB BCL GB . 9.56 -39.30 -13.82
OBB BCL GB . 9.04 -39.07 -14.89
CBB BCL GB . 9.03 -38.76 -12.52
NC BCL GB . 14.93 -39.07 -14.51
C1C BCL GB . 13.86 -38.28 -14.75
C2C BCL GB . 14.23 -36.83 -14.87
C3C BCL GB . 15.71 -36.79 -14.86
C4C BCL GB . 16.03 -38.27 -14.71
CMC BCL GB . 14.04 -37.38 -16.33
CAC BCL GB . 16.12 -36.38 -13.45
CBC BCL GB . 17.62 -36.22 -13.35
ND BCL GB . 16.70 -40.98 -14.22
C1D BCL GB . 17.66 -40.02 -14.45
C2D BCL GB . 18.97 -40.50 -14.36
C3D BCL GB . 18.78 -41.79 -14.10
C4D BCL GB . 17.42 -42.05 -14.03
CMD BCL GB . 20.43 -39.67 -14.29
CAD BCL GB . 19.53 -43.06 -13.84
OBD BCL GB . 20.80 -43.20 -13.75
CBD BCL GB . 18.43 -44.16 -13.60
CGD BCL GB . 18.53 -45.27 -14.59
O1D BCL GB . 17.59 -45.53 -15.33
O2D BCL GB . 19.74 -46.06 -14.68
CED BCL GB . 20.15 -46.58 -15.95
C1 BCL GB . 18.05 -45.50 -7.48
CAB U4Z HB . 19.28 -40.78 -10.55
CAC U4Z HB . 17.95 -41.09 -11.26
CAD U4Z HB . 19.61 -39.29 -10.62
CAE U4Z HB . 16.85 -40.10 -10.89
CAF U4Z HB . 19.17 -41.22 -9.08
CAG U4Z HB . 20.39 -41.61 -11.21
CAH U4Z HB . 18.68 -38.32 -10.76
CAI U4Z HB . 17.27 -38.66 -11.04
CAJ U4Z HB . 21.01 -38.95 -10.56
CAK U4Z HB . 18.97 -36.85 -10.62
CAL U4Z HB . 21.56 -38.00 -9.82
CAM U4Z HB . 22.98 -37.67 -9.75
CAN U4Z HB . 23.93 -38.45 -10.61
CAO U4Z HB . 23.39 -36.67 -8.92
CAP U4Z HB . 24.71 -36.20 -8.70
CAQ U4Z HB . 25.03 -35.22 -7.85
CAR U4Z HB . 26.35 -34.69 -7.57
CAS U4Z HB . 37.56 -25.67 1.03
CAT U4Z HB . 38.95 -25.02 0.84
CAU U4Z HB . 27.52 -35.29 -8.31
CAV U4Z HB . 26.48 -33.70 -6.66
CAW U4Z HB . 36.59 -25.26 -0.05
CAX U4Z HB . 40.05 -26.04 0.96
CAY U4Z HB . 41.30 -25.83 1.33
CAZ U4Z HB . 36.39 -23.78 -0.22
CBA U4Z HB . 35.92 -26.15 -0.81
CBB U4Z HB . 27.70 -33.06 -6.25
CBC U4Z HB . 41.84 -24.48 1.68
CBD U4Z HB . 42.31 -26.94 1.41
CBE U4Z HB . 34.51 -26.38 -0.84
CBF U4Z HB . 33.93 -27.29 -1.64
CBG U4Z HB . 27.74 -32.07 -5.32
CBH U4Z HB . 32.51 -27.58 -1.73
CBI U4Z HB . 28.96 -31.44 -4.90
CBJ U4Z HB . 32.08 -28.54 -2.59
CBK U4Z HB . 31.57 -26.81 -0.85
CBL U4Z HB . 29.09 -30.44 -4.00
CBM U4Z HB . 30.75 -28.98 -2.82
CBN U4Z HB . 30.43 -29.94 -3.70
CBO U4Z HB . 27.94 -29.84 -3.26
MG BCL IB . 27.92 -23.97 -10.10
CHA BCL IB . 26.11 -24.95 -12.72
CHB BCL IB . 27.12 -26.77 -8.52
CHC BCL IB . 30.04 -22.98 -7.66
CHD BCL IB . 28.84 -21.09 -11.86
NA BCL IB . 26.91 -25.69 -10.62
C1A BCL IB . 26.11 -25.87 -11.73
C2A BCL IB . 25.65 -27.32 -11.82
C3A BCL IB . 25.59 -27.68 -10.29
C4A BCL IB . 26.63 -26.70 -9.80
CMA BCL IB . 24.23 -27.40 -9.67
CAA BCL IB . 26.63 -28.13 -12.62
CBA BCL IB . 26.31 -29.61 -12.53
CGA BCL IB . 24.83 -29.82 -12.75
O1A BCL IB . 24.10 -30.15 -11.82
O2A BCL IB . 24.26 -29.63 -14.08
NB BCL IB . 28.51 -24.70 -8.40
C1B BCL IB . 28.05 -25.89 -7.92
C2B BCL IB . 28.64 -26.10 -6.70
C3B BCL IB . 29.45 -25.08 -6.42
C4B BCL IB . 29.38 -24.16 -7.50
CMB BCL IB . 28.41 -27.31 -5.83
CAB BCL IB . 30.30 -24.93 -5.21
OBB BCL IB . 31.41 -24.43 -5.27
CBB BCL IB . 29.70 -25.42 -3.91
NC BCL IB . 29.33 -22.48 -9.97
C1C BCL IB . 30.07 -22.26 -8.86
C2C BCL IB . 30.95 -21.06 -8.98
C3C BCL IB . 30.74 -20.54 -10.35
C4C BCL IB . 29.51 -21.36 -10.73
CMC BCL IB . 30.56 -20.02 -7.94
CAC BCL IB . 31.91 -20.87 -11.28
CBC BCL IB . 31.88 -20.00 -12.52
ND BCL IB . 27.63 -23.15 -11.82
C1D BCL IB . 28.00 -22.01 -12.48
C2D BCL IB . 27.46 -21.88 -13.75
C3D BCL IB . 26.74 -22.99 -13.87
C4D BCL IB . 26.85 -23.73 -12.70
CMD BCL IB . 27.53 -20.91 -14.91
CAD BCL IB . 25.84 -23.74 -14.80
OBD BCL IB . 25.65 -23.42 -16.03
CBD BCL IB . 25.75 -25.19 -14.20
CGD BCL IB . 24.39 -25.76 -14.34
O1D BCL IB . 24.10 -26.48 -15.28
O2D BCL IB . 23.37 -25.48 -13.33
CED BCL IB . 22.09 -26.10 -13.41
C1 BCL IB . 24.99 -30.02 -15.23
C2 BCL IB . 25.82 -28.85 -15.71
MG BCL JB . 25.18 -12.39 -34.88
CHA BCL JB . 24.46 -15.63 -34.48
CHB BCL JB . 22.40 -12.06 -36.70
CHC BCL JB . 25.58 -9.05 -34.64
CHD BCL JB . 27.79 -12.75 -32.59
NA BCL JB . 23.63 -13.66 -35.48
C1A BCL JB . 23.56 -15.02 -35.30
C2A BCL JB . 22.24 -15.60 -35.81
C3A BCL JB . 21.77 -14.48 -36.80
C4A BCL JB . 22.65 -13.35 -36.32
CMA BCL JB . 22.27 -14.81 -38.21
CAA BCL JB . 21.31 -15.88 -34.67
CBA BCL JB . 20.74 -17.27 -34.63
CGA BCL JB . 19.31 -17.19 -35.08
O1A BCL JB . 18.93 -16.53 -35.92
O2A BCL JB . 18.46 -17.48 -34.22
NB BCL JB . 24.19 -10.82 -35.52
C1B BCL JB . 23.06 -10.90 -36.27
C2B BCL JB . 22.64 -9.63 -36.56
C3B BCL JB . 23.50 -8.75 -36.00
C4B BCL JB . 24.50 -9.51 -35.34
CMB BCL JB . 21.40 -9.42 -37.38
CAB BCL JB . 23.44 -7.22 -36.05
OBB BCL JB . 24.35 -6.58 -35.71
CBB BCL JB . 22.22 -6.38 -36.26
NC BCL JB . 26.40 -11.19 -33.75
C1C BCL JB . 26.41 -9.85 -33.86
C2C BCL JB . 27.64 -9.23 -33.23
C3C BCL JB . 28.51 -10.40 -32.93
C4C BCL JB . 27.43 -11.48 -32.89
CMC BCL JB . 28.44 -8.52 -34.29
CAC BCL JB . 29.01 -10.05 -31.53
CBC BCL JB . 27.92 -9.94 -30.46
ND BCL JB . 25.97 -13.76 -33.78
C1D BCL JB . 27.01 -13.85 -32.89
C2D BCL JB . 27.19 -15.14 -32.35
C3D BCL JB . 26.22 -15.82 -32.95
C4D BCL JB . 25.51 -14.99 -33.80
CMD BCL JB . 28.21 -15.60 -31.37
CAD BCL JB . 25.63 -17.19 -33.03
OBD BCL JB . 25.92 -18.27 -32.38
CBD BCL JB . 24.36 -17.07 -33.94
CGD BCL JB . 24.63 -18.07 -35.09
O1D BCL JB . 25.63 -18.24 -35.52
O2D BCL JB . 23.80 -18.97 -35.34
CED BCL JB . 23.82 -19.34 -36.82
C1 BCL JB . 17.88 -18.82 -34.17
CAB U4Z KB . 10.93 -26.15 -41.20
CAC U4Z KB . 9.44 -26.21 -41.43
CAD U4Z KB . 11.19 -26.53 -39.79
CAE U4Z KB . 8.95 -27.57 -41.02
CAF U4Z KB . 11.64 -27.14 -42.10
CAG U4Z KB . 11.44 -24.75 -41.50
CAH U4Z KB . 10.35 -27.23 -39.01
CAI U4Z KB . 9.13 -27.76 -39.58
CAJ U4Z KB . 12.54 -26.29 -39.33
CAK U4Z KB . 10.75 -27.85 -37.73
CAL U4Z KB . 12.73 -25.76 -38.13
CAM U4Z KB . 14.05 -25.47 -37.66
CAN U4Z KB . 15.06 -25.19 -38.68
CAO U4Z KB . 14.26 -25.47 -36.33
CAP U4Z KB . 15.52 -25.14 -35.77
CAQ U4Z KB . 15.64 -25.15 -34.44
CAR U4Z KB . 16.86 -24.78 -33.76
CAS U4Z KB . 23.24 -19.42 -21.04
CAT U4Z KB . 23.70 -18.33 -20.09
CAU U4Z KB . 18.01 -24.35 -34.56
CAV U4Z KB . 16.83 -24.81 -32.41
CAW U4Z KB . 22.24 -20.31 -20.43
CAX U4Z KB . 22.76 -17.20 -20.06
CAY U4Z KB . 23.14 -15.94 -19.90
CAZ U4Z KB . 21.74 -20.03 -19.06
CBA U4Z KB . 21.78 -21.34 -21.15
CBB U4Z KB . 17.91 -24.40 -31.58
CBC U4Z KB . 24.56 -15.58 -19.76
CBD U4Z KB . 22.14 -14.86 -19.87
CBE U4Z KB . 22.40 -21.44 -22.42
CBF U4Z KB . 21.98 -22.05 -23.54
CBG U4Z KB . 17.73 -24.42 -30.26
CBH U4Z KB . 20.75 -22.75 -23.82
CBI U4Z KB . 18.72 -23.97 -29.33
CBJ U4Z KB . 20.57 -22.87 -25.15
CBK U4Z KB . 19.88 -23.29 -22.76
CBL U4Z KB . 18.60 -24.19 -28.01
CBM U4Z KB . 19.48 -23.48 -25.84
CBN U4Z KB . 19.62 -23.65 -27.16
CBO U4Z KB . 17.50 -24.97 -27.41
CAB U4Z LB . 21.92 -35.78 -28.68
CAC U4Z LB . 20.52 -36.29 -29.08
CAD U4Z LB . 21.97 -34.25 -28.51
CAE U4Z LB . 19.42 -35.84 -28.11
CAF U4Z LB . 22.32 -36.44 -27.34
CAG U4Z LB . 22.94 -36.20 -29.77
CAH U4Z LB . 20.70 -33.53 -28.02
CAI U4Z LB . 19.40 -34.32 -27.90
CAJ U4Z LB . 23.35 -33.51 -28.48
CAK U4Z LB . 20.82 -32.14 -27.36
CAL U4Z LB . 24.58 -33.23 -28.96
CAM U4Z LB . 25.35 -32.20 -28.07
CAN U4Z LB . 26.82 -32.45 -27.69
CAO U4Z LB . 24.72 -31.10 -27.64
CAP U4Z LB . 25.48 -30.07 -26.75
CAQ U4Z LB . 25.60 -29.30 -25.65
CAR U4Z LB . 26.93 -28.50 -25.63
CAS U4Z LB . 40.61 -21.48 -20.11
CAT U4Z LB . 41.46 -20.24 -20.49
CAU U4Z LB . 28.07 -28.87 -26.61
CAV U4Z LB . 27.07 -27.47 -24.78
CAW U4Z LB . 39.12 -21.05 -19.90
CAX U4Z LB . 42.36 -19.76 -19.32
CAY U4Z LB . 43.65 -20.08 -19.53
CAZ U4Z LB . 39.05 -20.29 -18.56
CBA U4Z LB . 38.09 -21.31 -20.75
CBB U4Z LB . 28.39 -26.66 -24.76
CBC U4Z LB . 44.93 -19.85 -18.70
CBD U4Z LB . 44.37 -20.84 -20.69
CBE U4Z LB . 36.59 -21.22 -21.16
CBF U4Z LB . 35.97 -22.40 -21.05
CBG U4Z LB . 29.38 -25.97 -25.36
CBH U4Z LB . 34.73 -23.31 -21.18
CBI U4Z LB . 30.44 -25.47 -24.33
CBJ U4Z LB . 34.54 -24.20 -22.20
CBK U4Z LB . 33.87 -22.95 -19.92
CBL U4Z LB . 30.79 -24.88 -23.17
CBM U4Z LB . 33.18 -24.74 -21.70
CBN U4Z LB . 32.23 -24.66 -22.65
CBO U4Z LB . 29.83 -24.28 -22.11
MG BCL MB . 27.44 -17.84 -26.86
CHA BCL MB . 25.03 -18.26 -29.11
CHB BCL MB . 27.33 -21.08 -26.14
CHC BCL MB . 30.10 -17.31 -24.83
CHD BCL MB . 27.61 -14.45 -27.74
NA BCL MB . 26.45 -19.48 -27.66
C1A BCL MB . 25.38 -19.44 -28.52
C2A BCL MB . 25.01 -20.83 -28.96
C3A BCL MB . 25.41 -21.65 -27.67
C4A BCL MB . 26.48 -20.70 -27.16
CMA BCL MB . 24.28 -21.54 -26.65
CAA BCL MB . 25.78 -21.21 -30.20
CBA BCL MB . 25.53 -22.62 -30.64
CGA BCL MB . 24.03 -22.86 -30.52
O1A BCL MB . 23.52 -23.68 -29.93
O2A BCL MB . 23.35 -22.31 -31.39
NB BCL MB . 28.55 -18.95 -25.70
C1B BCL MB . 28.31 -20.28 -25.53
C2B BCL MB . 29.25 -20.76 -24.65
C3B BCL MB . 30.04 -19.74 -24.25
C4B BCL MB . 29.60 -18.57 -24.91
CMB BCL MB . 29.25 -22.21 -24.27
CAB BCL MB . 31.20 -19.82 -23.27
OBB BCL MB . 32.04 -18.99 -23.28
CBB BCL MB . 31.13 -20.51 -21.96
NC BCL MB . 28.73 -16.26 -26.60
C1C BCL MB . 29.73 -16.26 -25.70
C2C BCL MB . 30.46 -14.96 -25.63
C3C BCL MB . 29.83 -14.11 -26.66
C4C BCL MB . 28.61 -14.95 -26.97
CMC BCL MB . 30.11 -14.25 -24.35
CAC BCL MB . 30.82 -14.18 -27.81
CBC BCL MB . 30.60 -13.06 -28.83
ND BCL MB . 26.62 -16.60 -28.09
C1D BCL MB . 26.71 -15.27 -28.40
C2D BCL MB . 25.81 -14.85 -29.39
C3D BCL MB . 25.17 -15.98 -29.66
C4D BCL MB . 25.66 -17.01 -28.88
CMD BCL MB . 25.65 -13.48 -29.95
CAD BCL MB . 24.11 -16.55 -30.55
OBD BCL MB . 22.99 -16.03 -30.97
CBD BCL MB . 24.29 -18.11 -30.45
CGD BCL MB . 22.85 -18.67 -30.37
O1D BCL MB . 22.27 -19.01 -31.25
O2D BCL MB . 22.22 -18.70 -29.29
CED BCL MB . 21.13 -19.77 -29.32
C1 BCL MB . 23.64 -22.55 -32.81
MG BCL NB . 14.72 -36.27 -30.99
CHA BCL NB . 17.56 -37.71 -31.90
CHB BCL NB . 13.55 -39.26 -30.02
CHC BCL NB . 11.91 -34.70 -30.04
CHD BCL NB . 16.29 -33.13 -31.25
NA BCL NB . 15.50 -38.21 -30.88
C1A BCL NB . 16.71 -38.63 -31.39
C2A BCL NB . 16.75 -40.14 -31.62
C3A BCL NB . 15.29 -40.58 -31.23
C4A BCL NB . 14.82 -39.30 -30.59
CMA BCL NB . 14.48 -40.72 -32.52
CAA BCL NB . 17.85 -40.78 -30.79
CBA BCL NB . 18.07 -40.14 -29.46
NB BCL NB . 13.04 -36.83 -30.17
C1B BCL NB . 12.75 -38.11 -29.85
C2B BCL NB . 11.48 -38.14 -29.31
C3B BCL NB . 10.99 -36.89 -29.31
C4B BCL NB . 11.98 -36.04 -29.85
CMB BCL NB . 10.85 -39.41 -28.85
CAB BCL NB . 9.61 -36.49 -28.81
OBB BCL NB . 8.72 -36.45 -29.56
CBB BCL NB . 9.13 -36.66 -27.40
NC BCL NB . 14.27 -34.31 -30.63
C1C BCL NB . 13.03 -33.90 -30.32
C2C BCL NB . 12.97 -32.42 -30.03
C3C BCL NB . 14.31 -31.89 -30.36
C4C BCL NB . 15.01 -33.17 -30.80
CMC BCL NB . 12.08 -31.74 -31.03
CAC BCL NB . 14.81 -31.44 -28.99
CBC BCL NB . 15.48 -30.06 -28.98
ND BCL NB . 16.45 -35.52 -31.43
C1D BCL NB . 17.02 -34.28 -31.53
C2D BCL NB . 18.36 -34.30 -31.93
C3D BCL NB . 18.59 -35.60 -32.08
C4D BCL NB . 17.44 -36.31 -31.78
CMD BCL NB . 19.30 -33.15 -32.14
CAD BCL NB . 19.66 -36.57 -32.46
OBD BCL NB . 20.70 -36.38 -33.21
CBD BCL NB . 19.01 -37.99 -32.34
CGD BCL NB . 18.98 -38.51 -33.79
O1D BCL NB . 18.05 -38.73 -34.36
O2D BCL NB . 20.00 -39.04 -34.29
CED BCL NB . 20.02 -38.92 -35.81
#